data_6LOI
#
_entry.id   6LOI
#
_cell.length_a   82.779
_cell.length_b   82.779
_cell.length_c   213.706
_cell.angle_alpha   90.000
_cell.angle_beta   90.000
_cell.angle_gamma   120.000
#
_symmetry.space_group_name_H-M   'P 31'
#
loop_
_entity.id
_entity.type
_entity.pdbx_description
1 polymer 'Isoprenyl transferase'
2 water water
#
_entity_poly.entity_id   1
_entity_poly.type   'polypeptide(L)'
_entity_poly.pdbx_seq_one_letter_code
;MGSSHHHHHHSSGLVPRGSHMMLRFFPQKNKYVEEASQYAFDKEGQIPQHIAIIMDGNGRWAQNRRLPRIAGHKEGMDTV
KKITKHASHLGVKVLTLYAFSTENWKRPTDEVNFLMQLPVDFFDTFVPELIKENVKVNVMGYQEFLPSHTQDAVKRAIEQ
TKDNTGMVLNFALNYGARAELLTAMKQIAAEVSEKAYTADEITEETIADHLMTGFLPTELRDPELLIRTSGEERISNFLL
WQIAYSELFFTKALWPDFSGDTLETAIASFQNRNRRFGGLKETTETEGSDPQ
;
_entity_poly.pdbx_strand_id   A,B,C,D,E,F
#
# COMPACT_ATOMS: atom_id res chain seq x y z
N TYR A 39 -25.02 17.25 7.60
CA TYR A 39 -25.27 16.13 6.69
C TYR A 39 -24.09 15.91 5.74
N ALA A 40 -23.53 14.72 5.78
CA ALA A 40 -22.19 14.46 5.26
C ALA A 40 -22.24 13.95 3.82
N PHE A 41 -21.08 14.03 3.17
CA PHE A 41 -20.94 13.54 1.80
C PHE A 41 -21.05 12.01 1.78
N ASP A 42 -21.77 11.50 0.78
CA ASP A 42 -22.00 10.07 0.59
C ASP A 42 -21.18 9.60 -0.61
N LYS A 43 -20.12 8.84 -0.34
CA LYS A 43 -19.29 8.31 -1.42
C LYS A 43 -20.09 7.43 -2.36
N GLU A 44 -21.12 6.74 -1.85
CA GLU A 44 -22.00 5.95 -2.70
C GLU A 44 -23.19 6.76 -3.21
N GLY A 45 -23.29 8.04 -2.83
CA GLY A 45 -24.38 8.89 -3.26
C GLY A 45 -24.16 9.42 -4.66
N GLN A 46 -25.10 10.28 -5.08
CA GLN A 46 -25.04 10.86 -6.41
C GLN A 46 -23.83 11.78 -6.53
N ILE A 47 -23.05 11.58 -7.59
CA ILE A 47 -21.88 12.40 -7.89
C ILE A 47 -22.22 13.25 -9.11
N PRO A 48 -22.01 14.56 -9.08
CA PRO A 48 -22.14 15.36 -10.30
C PRO A 48 -21.17 14.87 -11.36
N GLN A 49 -21.70 14.58 -12.54
CA GLN A 49 -20.86 14.10 -13.64
C GLN A 49 -19.95 15.19 -14.18
N HIS A 50 -20.42 16.44 -14.18
CA HIS A 50 -19.64 17.58 -14.66
C HIS A 50 -19.63 18.64 -13.57
N ILE A 51 -18.44 18.91 -13.03
CA ILE A 51 -18.26 19.97 -12.04
C ILE A 51 -17.46 21.08 -12.68
N ALA A 52 -17.92 22.32 -12.50
CA ALA A 52 -17.18 23.50 -12.89
C ALA A 52 -16.79 24.26 -11.64
N ILE A 53 -15.56 24.75 -11.58
CA ILE A 53 -15.07 25.49 -10.44
C ILE A 53 -14.49 26.80 -10.93
N ILE A 54 -14.95 27.91 -10.35
CA ILE A 54 -14.33 29.21 -10.56
C ILE A 54 -13.26 29.37 -9.50
N MET A 55 -12.00 29.20 -9.92
CA MET A 55 -10.86 29.32 -9.00
C MET A 55 -10.60 30.78 -8.72
N ASP A 56 -10.62 31.14 -7.43
CA ASP A 56 -10.47 32.52 -7.02
C ASP A 56 -9.86 32.55 -5.64
N GLY A 57 -9.16 33.64 -5.33
CA GLY A 57 -8.49 33.80 -4.06
C GLY A 57 -7.01 33.55 -4.09
N ASN A 58 -6.43 33.33 -5.27
CA ASN A 58 -4.98 33.09 -5.35
C ASN A 58 -4.19 34.31 -4.89
N GLY A 59 -4.65 35.51 -5.23
CA GLY A 59 -3.98 36.71 -4.77
C GLY A 59 -4.21 36.95 -3.29
N ARG A 60 -5.46 36.90 -2.85
CA ARG A 60 -5.77 37.11 -1.43
C ARG A 60 -5.10 36.07 -0.54
N TRP A 61 -4.78 34.89 -1.08
CA TRP A 61 -4.11 33.88 -0.27
C TRP A 61 -2.68 34.31 0.07
N ALA A 62 -1.94 34.77 -0.93
CA ALA A 62 -0.56 35.20 -0.69
C ALA A 62 -0.51 36.46 0.17
N GLN A 63 -1.41 37.41 -0.08
CA GLN A 63 -1.35 38.70 0.59
C GLN A 63 -1.57 38.57 2.10
N ASN A 64 -2.53 37.75 2.51
CA ASN A 64 -2.77 37.56 3.95
C ASN A 64 -1.61 36.86 4.62
N ARG A 65 -0.91 35.99 3.89
CA ARG A 65 0.36 35.44 4.34
C ARG A 65 1.54 36.33 3.99
N ARG A 66 1.27 37.53 3.51
CA ARG A 66 2.25 38.54 3.12
C ARG A 66 3.24 38.04 2.07
N LEU A 67 2.96 36.93 1.42
CA LEU A 67 3.78 36.43 0.33
C LEU A 67 3.54 37.26 -0.93
N PRO A 68 4.49 37.23 -1.87
CA PRO A 68 4.18 37.77 -3.21
C PRO A 68 3.12 36.92 -3.87
N ARG A 69 2.36 37.55 -4.78
CA ARG A 69 1.18 36.86 -5.32
C ARG A 69 1.53 35.69 -6.22
N ILE A 70 2.78 35.60 -6.69
CA ILE A 70 3.17 34.41 -7.45
C ILE A 70 3.20 33.18 -6.55
N ALA A 71 3.48 33.36 -5.26
CA ALA A 71 3.46 32.23 -4.34
C ALA A 71 2.06 31.69 -4.14
N GLY A 72 1.04 32.56 -4.23
CA GLY A 72 -0.33 32.09 -4.16
C GLY A 72 -0.78 31.40 -5.42
N HIS A 73 -0.22 31.79 -6.57
CA HIS A 73 -0.52 31.13 -7.83
C HIS A 73 0.20 29.80 -7.97
N LYS A 74 1.42 29.68 -7.44
CA LYS A 74 2.09 28.40 -7.39
C LYS A 74 1.31 27.41 -6.52
N GLU A 75 0.85 27.87 -5.36
CA GLU A 75 0.05 27.03 -4.48
C GLU A 75 -1.31 26.71 -5.07
N GLY A 76 -1.81 27.55 -5.99
CA GLY A 76 -3.08 27.24 -6.63
C GLY A 76 -2.97 26.21 -7.74
N MET A 77 -1.83 26.17 -8.42
CA MET A 77 -1.66 25.18 -9.48
C MET A 77 -1.32 23.80 -8.94
N ASP A 78 -0.77 23.72 -7.73
CA ASP A 78 -0.67 22.42 -7.08
C ASP A 78 -2.01 22.01 -6.50
N THR A 79 -2.81 22.98 -6.07
CA THR A 79 -4.19 22.70 -5.66
C THR A 79 -4.99 22.14 -6.83
N VAL A 80 -4.71 22.61 -8.05
CA VAL A 80 -5.33 22.04 -9.24
C VAL A 80 -5.02 20.55 -9.36
N LYS A 81 -3.77 20.16 -9.07
CA LYS A 81 -3.40 18.75 -9.17
C LYS A 81 -4.11 17.93 -8.09
N LYS A 82 -4.28 18.49 -6.88
CA LYS A 82 -4.84 17.72 -5.79
C LYS A 82 -6.33 17.44 -6.00
N ILE A 83 -7.02 18.29 -6.76
CA ILE A 83 -8.46 18.17 -6.92
C ILE A 83 -8.77 17.44 -8.23
N THR A 84 -7.90 17.61 -9.22
CA THR A 84 -7.99 16.73 -10.39
C THR A 84 -7.92 15.28 -9.96
N LYS A 85 -7.03 14.97 -9.03
CA LYS A 85 -6.86 13.60 -8.57
C LYS A 85 -8.07 13.13 -7.76
N HIS A 86 -8.58 14.00 -6.89
CA HIS A 86 -9.68 13.59 -6.02
C HIS A 86 -11.00 13.50 -6.79
N ALA A 87 -11.31 14.52 -7.60
CA ALA A 87 -12.52 14.47 -8.42
C ALA A 87 -12.54 13.22 -9.28
N SER A 88 -11.39 12.87 -9.87
CA SER A 88 -11.27 11.65 -10.66
C SER A 88 -11.66 10.42 -9.84
N HIS A 89 -11.05 10.29 -8.66
CA HIS A 89 -11.33 9.14 -7.80
C HIS A 89 -12.78 9.11 -7.34
N LEU A 90 -13.46 10.26 -7.31
CA LEU A 90 -14.83 10.29 -6.85
C LEU A 90 -15.82 9.87 -7.92
N GLY A 91 -15.38 9.80 -9.18
CA GLY A 91 -16.27 9.49 -10.28
C GLY A 91 -16.66 10.66 -11.16
N VAL A 92 -16.17 11.87 -10.89
CA VAL A 92 -16.47 13.02 -11.75
C VAL A 92 -15.99 12.71 -13.17
N LYS A 93 -16.82 13.06 -14.16
CA LYS A 93 -16.49 12.80 -15.56
C LYS A 93 -15.90 14.00 -16.28
N VAL A 94 -16.28 15.21 -15.88
CA VAL A 94 -15.67 16.43 -16.43
C VAL A 94 -15.43 17.38 -15.28
N LEU A 95 -14.18 17.80 -15.11
CA LEU A 95 -13.80 18.83 -14.15
C LEU A 95 -13.35 20.04 -14.93
N THR A 96 -14.18 21.09 -14.93
CA THR A 96 -13.88 22.32 -15.66
C THR A 96 -13.38 23.37 -14.67
N LEU A 97 -12.19 23.91 -14.93
CA LEU A 97 -11.53 24.85 -14.03
C LEU A 97 -11.37 26.20 -14.71
N TYR A 98 -11.90 27.24 -14.06
CA TYR A 98 -11.82 28.61 -14.55
C TYR A 98 -10.80 29.39 -13.74
N ALA A 99 -9.88 30.06 -14.44
CA ALA A 99 -8.90 30.92 -13.81
C ALA A 99 -9.45 32.34 -13.78
N PHE A 100 -9.99 32.74 -12.63
CA PHE A 100 -10.53 34.09 -12.48
C PHE A 100 -9.58 34.96 -11.66
N PRO A 119 -0.44 29.14 -17.92
CA PRO A 119 0.35 28.11 -17.23
C PRO A 119 1.84 28.41 -17.23
N VAL A 120 2.65 27.42 -17.65
CA VAL A 120 4.10 27.49 -17.62
C VAL A 120 4.61 26.08 -17.95
N ASP A 121 5.73 25.68 -17.33
CA ASP A 121 6.13 24.28 -17.24
C ASP A 121 5.06 23.38 -16.64
N PHE A 122 3.98 23.97 -16.11
CA PHE A 122 3.04 23.24 -15.27
C PHE A 122 2.50 22.02 -15.98
N PHE A 123 2.22 22.14 -17.29
CA PHE A 123 1.68 21.01 -18.03
C PHE A 123 2.73 19.92 -18.24
N ASP A 124 3.99 20.30 -18.41
CA ASP A 124 5.04 19.31 -18.62
C ASP A 124 5.24 18.44 -17.39
N THR A 125 5.23 19.03 -16.20
CA THR A 125 5.36 18.27 -14.97
C THR A 125 4.05 17.66 -14.50
N PHE A 126 2.94 17.99 -15.16
CA PHE A 126 1.66 17.39 -14.83
C PHE A 126 1.28 16.21 -15.72
N VAL A 127 1.81 16.15 -16.95
CA VAL A 127 1.38 15.13 -17.90
C VAL A 127 1.58 13.71 -17.38
N PRO A 128 2.70 13.36 -16.73
CA PRO A 128 2.80 11.98 -16.21
C PRO A 128 1.70 11.62 -15.23
N GLU A 129 1.37 12.50 -14.28
CA GLU A 129 0.34 12.18 -13.31
C GLU A 129 -1.05 12.13 -13.95
N LEU A 130 -1.26 12.94 -15.00
CA LEU A 130 -2.53 12.85 -15.72
C LEU A 130 -2.66 11.52 -16.45
N ILE A 131 -1.55 10.97 -16.94
CA ILE A 131 -1.63 9.69 -17.64
C ILE A 131 -1.82 8.55 -16.65
N LYS A 132 -1.14 8.61 -15.50
CA LYS A 132 -1.36 7.61 -14.47
C LYS A 132 -2.82 7.60 -13.99
N GLU A 133 -3.48 8.75 -14.03
CA GLU A 133 -4.86 8.86 -13.57
C GLU A 133 -5.87 8.73 -14.71
N ASN A 134 -5.41 8.41 -15.92
CA ASN A 134 -6.30 8.23 -17.07
C ASN A 134 -7.16 9.48 -17.31
N VAL A 135 -6.54 10.65 -17.23
CA VAL A 135 -7.24 11.92 -17.36
C VAL A 135 -6.96 12.51 -18.73
N LYS A 136 -8.02 12.92 -19.43
CA LYS A 136 -7.93 13.57 -20.72
C LYS A 136 -8.03 15.08 -20.55
N VAL A 137 -7.18 15.81 -21.25
CA VAL A 137 -7.02 17.25 -21.06
C VAL A 137 -7.62 17.99 -22.24
N ASN A 138 -8.47 18.98 -21.94
CA ASN A 138 -8.99 19.89 -22.93
C ASN A 138 -8.77 21.32 -22.45
N VAL A 139 -8.74 22.26 -23.38
CA VAL A 139 -8.51 23.66 -23.05
C VAL A 139 -9.56 24.50 -23.77
N MET A 140 -10.45 25.11 -23.00
CA MET A 140 -11.45 26.02 -23.53
C MET A 140 -10.92 27.45 -23.53
N GLY A 141 -11.36 28.22 -24.52
CA GLY A 141 -10.98 29.61 -24.60
C GLY A 141 -10.26 29.93 -25.90
N TYR A 142 -9.51 31.02 -25.90
CA TYR A 142 -8.84 31.50 -27.09
C TYR A 142 -7.35 31.24 -26.92
N GLN A 143 -6.89 30.13 -27.49
CA GLN A 143 -5.47 29.80 -27.48
C GLN A 143 -4.63 30.87 -28.19
N GLU A 144 -5.27 31.69 -29.03
CA GLU A 144 -4.55 32.68 -29.82
C GLU A 144 -3.75 33.65 -28.94
N PHE A 145 -4.35 34.13 -27.85
CA PHE A 145 -3.66 35.07 -26.98
C PHE A 145 -2.64 34.39 -26.08
N LEU A 146 -2.61 33.07 -26.04
CA LEU A 146 -1.61 32.37 -25.25
C LEU A 146 -0.23 32.55 -25.86
N PRO A 147 0.82 32.69 -25.04
CA PRO A 147 2.17 32.73 -25.59
C PRO A 147 2.47 31.49 -26.42
N SER A 148 3.35 31.65 -27.41
CA SER A 148 3.60 30.58 -28.37
C SER A 148 4.16 29.34 -27.69
N HIS A 149 5.01 29.51 -26.68
CA HIS A 149 5.57 28.34 -26.01
C HIS A 149 4.53 27.60 -25.16
N THR A 150 3.61 28.33 -24.53
CA THR A 150 2.54 27.70 -23.76
C THR A 150 1.44 27.17 -24.67
N GLN A 151 1.24 27.83 -25.80
CA GLN A 151 0.48 27.19 -26.87
C GLN A 151 1.06 25.82 -27.23
N ASP A 152 2.38 25.72 -27.30
CA ASP A 152 3.01 24.45 -27.60
C ASP A 152 2.81 23.44 -26.47
N ALA A 153 3.00 23.87 -25.22
CA ALA A 153 2.86 22.95 -24.10
C ALA A 153 1.42 22.49 -23.91
N VAL A 154 0.45 23.34 -24.27
CA VAL A 154 -0.96 23.00 -24.11
C VAL A 154 -1.36 21.95 -25.15
N LYS A 155 -1.08 22.20 -26.43
CA LYS A 155 -1.42 21.23 -27.46
C LYS A 155 -0.63 19.94 -27.31
N ARG A 156 0.51 19.97 -26.61
CA ARG A 156 1.24 18.73 -26.33
C ARG A 156 0.53 17.92 -25.26
N ALA A 157 0.11 18.56 -24.17
CA ALA A 157 -0.65 17.86 -23.14
C ALA A 157 -1.98 17.36 -23.67
N ILE A 158 -2.59 18.09 -24.59
CA ILE A 158 -3.85 17.64 -25.18
C ILE A 158 -3.60 16.39 -26.01
N GLU A 159 -2.57 16.40 -26.85
CA GLU A 159 -2.29 15.26 -27.71
C GLU A 159 -1.82 14.05 -26.91
N GLN A 160 -0.97 14.28 -25.90
CA GLN A 160 -0.44 13.19 -25.08
C GLN A 160 -1.47 12.55 -24.17
N THR A 161 -2.63 13.18 -23.97
CA THR A 161 -3.69 12.60 -23.15
C THR A 161 -4.97 12.37 -23.94
N LYS A 162 -4.95 12.52 -25.27
CA LYS A 162 -6.15 12.39 -26.07
C LYS A 162 -6.78 11.00 -25.98
N ASP A 163 -5.99 9.98 -25.64
CA ASP A 163 -6.47 8.60 -25.63
C ASP A 163 -6.88 8.12 -24.25
N ASN A 164 -6.66 8.92 -23.20
CA ASN A 164 -7.15 8.55 -21.89
C ASN A 164 -8.67 8.56 -21.88
N THR A 165 -9.26 7.58 -21.20
CA THR A 165 -10.71 7.37 -21.22
C THR A 165 -11.41 7.78 -19.93
N GLY A 166 -10.67 8.25 -18.93
CA GLY A 166 -11.30 8.62 -17.67
C GLY A 166 -11.86 10.03 -17.66
N MET A 167 -11.60 10.76 -16.57
CA MET A 167 -12.16 12.10 -16.42
C MET A 167 -11.51 13.08 -17.39
N VAL A 168 -12.32 14.00 -17.90
CA VAL A 168 -11.82 15.09 -18.73
C VAL A 168 -11.50 16.27 -17.83
N LEU A 169 -10.25 16.73 -17.88
CA LEU A 169 -9.85 17.97 -17.23
C LEU A 169 -9.96 19.08 -18.28
N ASN A 170 -10.86 20.02 -18.05
CA ASN A 170 -11.18 21.06 -19.03
C ASN A 170 -10.77 22.42 -18.47
N PHE A 171 -9.66 22.95 -18.97
CA PHE A 171 -9.18 24.25 -18.52
C PHE A 171 -9.87 25.37 -19.27
N ALA A 172 -10.32 26.37 -18.52
CA ALA A 172 -10.87 27.59 -19.11
C ALA A 172 -9.80 28.66 -18.97
N LEU A 173 -9.10 28.96 -20.07
CA LEU A 173 -8.00 29.91 -20.07
C LEU A 173 -8.32 31.03 -21.05
N ASN A 174 -8.31 32.25 -20.56
CA ASN A 174 -8.73 33.43 -21.34
C ASN A 174 -10.08 33.17 -22.00
N TYR A 175 -11.07 32.91 -21.14
CA TYR A 175 -12.39 32.48 -21.56
C TYR A 175 -13.44 33.47 -21.05
N GLY A 176 -14.44 33.75 -21.88
CA GLY A 176 -15.56 34.57 -21.47
C GLY A 176 -16.86 34.05 -22.03
N ALA A 177 -17.91 33.96 -21.19
CA ALA A 177 -19.16 33.33 -21.61
C ALA A 177 -19.84 34.15 -22.70
N ARG A 178 -20.00 35.46 -22.48
CA ARG A 178 -20.57 36.33 -23.51
C ARG A 178 -19.72 36.31 -24.77
N ALA A 179 -18.39 36.34 -24.61
CA ALA A 179 -17.50 36.21 -25.76
C ALA A 179 -17.72 34.87 -26.46
N GLU A 180 -17.83 33.79 -25.68
CA GLU A 180 -18.09 32.47 -26.24
C GLU A 180 -19.42 32.44 -26.99
N LEU A 181 -20.46 33.04 -26.42
CA LEU A 181 -21.75 33.06 -27.09
C LEU A 181 -21.69 33.90 -28.36
N LEU A 182 -20.88 34.95 -28.38
CA LEU A 182 -20.75 35.76 -29.58
C LEU A 182 -20.04 35.00 -30.69
N THR A 183 -18.92 34.34 -30.38
CA THR A 183 -18.22 33.57 -31.39
C THR A 183 -19.06 32.42 -31.90
N ALA A 184 -19.88 31.83 -31.03
CA ALA A 184 -20.87 30.86 -31.50
C ALA A 184 -21.91 31.52 -32.39
N MET A 185 -22.26 32.78 -32.12
CA MET A 185 -23.26 33.45 -32.94
C MET A 185 -22.73 33.77 -34.34
N LYS A 186 -21.50 34.29 -34.42
CA LYS A 186 -20.94 34.62 -35.72
C LYS A 186 -20.80 33.39 -36.61
N GLN A 187 -20.43 32.25 -36.03
CA GLN A 187 -20.30 31.02 -36.82
C GLN A 187 -21.64 30.60 -37.39
N ILE A 188 -22.70 30.65 -36.59
CA ILE A 188 -24.02 30.26 -37.08
C ILE A 188 -24.52 31.28 -38.10
N ALA A 189 -24.24 32.57 -37.88
CA ALA A 189 -24.65 33.59 -38.82
C ALA A 189 -23.93 33.42 -40.16
N ALA A 190 -22.67 33.00 -40.12
CA ALA A 190 -21.95 32.71 -41.36
C ALA A 190 -22.51 31.45 -42.04
N GLU A 191 -22.81 30.41 -41.25
CA GLU A 191 -23.23 29.15 -41.83
C GLU A 191 -24.57 29.28 -42.56
N VAL A 192 -25.51 30.04 -41.99
CA VAL A 192 -26.79 30.26 -42.68
C VAL A 192 -26.61 31.16 -43.88
N SER A 193 -25.59 32.02 -43.86
CA SER A 193 -25.34 32.88 -45.01
C SER A 193 -24.77 32.11 -46.19
N GLU A 194 -24.00 31.05 -45.92
CA GLU A 194 -23.61 30.11 -46.97
C GLU A 194 -24.62 28.99 -47.14
N LYS A 195 -25.89 29.25 -46.79
CA LYS A 195 -27.02 28.38 -47.11
C LYS A 195 -26.87 26.98 -46.55
N ALA A 196 -26.05 26.80 -45.52
CA ALA A 196 -25.89 25.48 -44.92
C ALA A 196 -27.20 25.00 -44.30
N TYR A 197 -27.95 25.90 -43.69
CA TYR A 197 -29.25 25.55 -43.14
C TYR A 197 -30.08 26.83 -43.01
N THR A 198 -31.38 26.67 -42.77
CA THR A 198 -32.27 27.83 -42.62
C THR A 198 -31.87 28.67 -41.41
N ALA A 199 -32.56 29.79 -41.22
CA ALA A 199 -32.50 30.44 -39.92
C ALA A 199 -33.47 29.81 -38.92
N ASP A 200 -34.53 29.14 -39.40
CA ASP A 200 -35.49 28.48 -38.52
C ASP A 200 -35.06 27.06 -38.13
N GLU A 201 -34.05 26.50 -38.79
CA GLU A 201 -33.51 25.20 -38.38
C GLU A 201 -32.58 25.32 -37.19
N ILE A 202 -32.15 26.53 -36.82
CA ILE A 202 -31.31 26.69 -35.65
C ILE A 202 -32.08 26.26 -34.41
N THR A 203 -31.44 25.47 -33.57
CA THR A 203 -32.03 24.98 -32.34
C THR A 203 -31.11 25.32 -31.17
N GLU A 204 -31.55 24.97 -29.96
CA GLU A 204 -30.65 25.04 -28.81
C GLU A 204 -29.49 24.07 -28.97
N GLU A 205 -29.75 22.88 -29.51
CA GLU A 205 -28.68 21.93 -29.80
C GLU A 205 -27.68 22.52 -30.78
N THR A 206 -28.15 23.33 -31.74
CA THR A 206 -27.26 24.05 -32.63
C THR A 206 -26.34 24.97 -31.84
N ILE A 207 -26.92 25.76 -30.93
CA ILE A 207 -26.12 26.68 -30.12
C ILE A 207 -25.15 25.93 -29.23
N ALA A 208 -25.61 24.82 -28.63
CA ALA A 208 -24.74 24.05 -27.74
C ALA A 208 -23.59 23.40 -28.50
N ASP A 209 -23.79 23.08 -29.79
CA ASP A 209 -22.71 22.52 -30.60
C ASP A 209 -21.58 23.52 -30.82
N HIS A 210 -21.92 24.81 -30.96
CA HIS A 210 -20.95 25.86 -31.24
C HIS A 210 -20.37 26.49 -29.98
N LEU A 211 -20.72 25.98 -28.80
CA LEU A 211 -20.08 26.45 -27.59
C LEU A 211 -18.79 25.66 -27.35
N MET A 212 -17.91 26.25 -26.55
CA MET A 212 -16.63 25.62 -26.25
C MET A 212 -16.76 24.31 -25.48
N THR A 213 -17.97 23.94 -25.07
CA THR A 213 -18.23 22.65 -24.46
C THR A 213 -18.83 21.65 -25.44
N GLY A 214 -19.06 22.05 -26.70
CA GLY A 214 -19.67 21.19 -27.69
C GLY A 214 -18.87 19.94 -28.01
N PHE A 215 -17.56 19.94 -27.75
CA PHE A 215 -16.77 18.74 -27.94
C PHE A 215 -17.22 17.61 -27.02
N LEU A 216 -17.78 17.96 -25.86
CA LEU A 216 -18.27 16.95 -24.94
C LEU A 216 -19.56 16.32 -25.47
N PRO A 217 -19.83 15.06 -25.13
CA PRO A 217 -21.15 14.49 -25.42
C PRO A 217 -22.23 15.29 -24.72
N THR A 218 -23.46 15.17 -25.25
CA THR A 218 -24.56 16.03 -24.82
C THR A 218 -24.83 15.91 -23.33
N GLU A 219 -24.70 14.70 -22.77
CA GLU A 219 -24.99 14.49 -21.36
C GLU A 219 -23.94 15.08 -20.43
N LEU A 220 -22.81 15.54 -20.96
CA LEU A 220 -21.73 16.07 -20.14
C LEU A 220 -21.42 17.52 -20.44
N ARG A 221 -22.11 18.13 -21.41
CA ARG A 221 -21.78 19.49 -21.81
C ARG A 221 -22.03 20.49 -20.68
N ASP A 222 -23.13 20.31 -19.93
CA ASP A 222 -23.51 21.27 -18.90
C ASP A 222 -23.10 20.75 -17.53
N PRO A 223 -22.49 21.59 -16.70
CA PRO A 223 -22.13 21.14 -15.34
C PRO A 223 -23.37 20.96 -14.48
N GLU A 224 -23.41 19.84 -13.76
CA GLU A 224 -24.47 19.66 -12.77
C GLU A 224 -24.22 20.46 -11.51
N LEU A 225 -22.98 20.82 -11.24
CA LEU A 225 -22.62 21.57 -10.05
C LEU A 225 -21.55 22.60 -10.42
N LEU A 226 -21.76 23.84 -9.99
CA LEU A 226 -20.82 24.94 -10.21
C LEU A 226 -20.35 25.42 -8.84
N ILE A 227 -19.04 25.42 -8.63
CA ILE A 227 -18.44 25.86 -7.37
C ILE A 227 -17.74 27.19 -7.60
N ARG A 228 -17.91 28.11 -6.66
CA ARG A 228 -17.27 29.42 -6.71
C ARG A 228 -16.56 29.67 -5.39
N THR A 229 -15.27 29.94 -5.44
CA THR A 229 -14.46 30.13 -4.24
C THR A 229 -14.30 31.63 -3.95
N SER A 230 -13.56 31.93 -2.89
CA SER A 230 -13.18 33.28 -2.50
C SER A 230 -14.36 34.10 -1.97
N GLY A 231 -15.42 33.44 -1.52
CA GLY A 231 -16.52 34.12 -0.87
C GLY A 231 -17.38 35.00 -1.75
N GLU A 232 -17.13 35.04 -3.06
CA GLU A 232 -17.98 35.82 -3.96
C GLU A 232 -19.25 35.04 -4.30
N GLU A 233 -20.29 35.80 -4.65
CA GLU A 233 -21.58 35.24 -5.06
C GLU A 233 -21.92 35.80 -6.44
N ARG A 234 -21.14 35.38 -7.43
CA ARG A 234 -21.30 35.76 -8.82
C ARG A 234 -21.00 34.61 -9.75
N ILE A 235 -21.80 34.47 -10.80
CA ILE A 235 -21.44 33.59 -11.90
C ILE A 235 -20.18 34.11 -12.59
N SER A 236 -20.09 35.43 -12.75
CA SER A 236 -18.92 36.09 -13.31
C SER A 236 -18.60 35.58 -14.72
N ASN A 237 -19.58 35.72 -15.62
CA ASN A 237 -19.39 35.50 -17.07
C ASN A 237 -18.74 34.15 -17.36
N PHE A 238 -19.24 33.10 -16.70
CA PHE A 238 -18.68 31.77 -16.84
C PHE A 238 -19.78 30.78 -17.20
N LEU A 239 -19.67 30.15 -18.37
CA LEU A 239 -20.55 29.06 -18.78
C LEU A 239 -22.02 29.44 -18.66
N LEU A 240 -22.35 30.67 -19.07
CA LEU A 240 -23.69 31.21 -18.85
C LEU A 240 -24.77 30.33 -19.46
N TRP A 241 -24.58 29.89 -20.70
CA TRP A 241 -25.56 29.00 -21.32
C TRP A 241 -25.60 27.66 -20.60
N GLN A 242 -24.43 27.12 -20.25
CA GLN A 242 -24.36 25.75 -19.75
C GLN A 242 -24.89 25.62 -18.32
N ILE A 243 -24.79 26.67 -17.52
CA ILE A 243 -25.18 26.59 -16.11
C ILE A 243 -26.66 26.92 -15.95
N ALA A 244 -27.43 26.72 -17.02
CA ALA A 244 -28.86 27.05 -16.96
C ALA A 244 -29.55 26.33 -15.81
N TYR A 245 -29.23 25.05 -15.59
CA TYR A 245 -29.87 24.26 -14.54
C TYR A 245 -28.88 23.71 -13.53
N SER A 246 -27.66 24.26 -13.49
CA SER A 246 -26.65 23.75 -12.59
C SER A 246 -26.99 24.05 -11.14
N GLU A 247 -26.59 23.15 -10.25
CA GLU A 247 -26.60 23.46 -8.84
C GLU A 247 -25.44 24.41 -8.53
N LEU A 248 -25.69 25.38 -7.65
CA LEU A 248 -24.68 26.36 -7.31
C LEU A 248 -24.18 26.10 -5.89
N PHE A 249 -22.88 26.29 -5.69
CA PHE A 249 -22.28 26.17 -4.37
C PHE A 249 -21.21 27.24 -4.22
N PHE A 250 -21.27 27.98 -3.12
CA PHE A 250 -20.31 29.04 -2.83
C PHE A 250 -19.62 28.73 -1.51
N THR A 251 -18.30 28.75 -1.53
CA THR A 251 -17.48 28.57 -0.34
C THR A 251 -16.60 29.79 -0.13
N LYS A 252 -16.44 30.19 1.13
CA LYS A 252 -15.55 31.31 1.43
C LYS A 252 -14.08 30.94 1.31
N ALA A 253 -13.77 29.64 1.30
CA ALA A 253 -12.39 29.20 1.19
C ALA A 253 -11.75 29.69 -0.11
N LEU A 254 -10.53 30.20 0.00
CA LEU A 254 -9.78 30.57 -1.20
C LEU A 254 -9.32 29.32 -1.93
N TRP A 255 -9.06 29.48 -3.22
CA TRP A 255 -8.70 28.31 -4.04
C TRP A 255 -7.44 27.60 -3.54
N PRO A 256 -6.35 28.28 -3.16
CA PRO A 256 -5.20 27.52 -2.63
C PRO A 256 -5.52 26.73 -1.37
N ASP A 257 -6.56 27.12 -0.62
CA ASP A 257 -7.05 26.35 0.50
C ASP A 257 -8.19 25.40 0.13
N PHE A 258 -8.56 25.32 -1.14
CA PHE A 258 -9.60 24.39 -1.57
C PHE A 258 -9.04 22.98 -1.53
N SER A 259 -9.71 22.09 -0.80
CA SER A 259 -9.25 20.73 -0.62
C SER A 259 -10.33 19.74 -1.06
N GLY A 260 -9.94 18.47 -1.11
CA GLY A 260 -10.90 17.43 -1.42
C GLY A 260 -12.03 17.37 -0.42
N ASP A 261 -11.76 17.75 0.82
CA ASP A 261 -12.83 17.86 1.79
C ASP A 261 -13.79 18.99 1.42
N THR A 262 -13.24 20.10 0.92
CA THR A 262 -14.10 21.18 0.45
C THR A 262 -14.93 20.73 -0.75
N LEU A 263 -14.32 19.95 -1.65
CA LEU A 263 -15.06 19.39 -2.78
C LEU A 263 -16.14 18.44 -2.31
N GLU A 264 -15.83 17.60 -1.31
CA GLU A 264 -16.83 16.67 -0.81
C GLU A 264 -17.95 17.41 -0.09
N THR A 265 -17.62 18.47 0.64
CA THR A 265 -18.65 19.30 1.23
C THR A 265 -19.56 19.87 0.15
N ALA A 266 -18.97 20.31 -0.97
CA ALA A 266 -19.76 20.87 -2.05
C ALA A 266 -20.63 19.81 -2.70
N ILE A 267 -20.06 18.62 -2.93
CA ILE A 267 -20.86 17.53 -3.46
C ILE A 267 -21.90 17.08 -2.43
N ALA A 268 -21.58 17.22 -1.14
CA ALA A 268 -22.55 16.88 -0.11
C ALA A 268 -23.80 17.75 -0.22
N SER A 269 -23.61 19.05 -0.42
CA SER A 269 -24.75 19.96 -0.60
C SER A 269 -25.44 19.73 -1.94
N PHE A 270 -24.68 19.33 -2.96
CA PHE A 270 -25.32 18.94 -4.23
C PHE A 270 -26.25 17.77 -4.03
N GLN A 271 -25.86 16.81 -3.19
CA GLN A 271 -26.71 15.68 -2.86
C GLN A 271 -27.94 16.11 -2.05
N ASN A 272 -28.17 17.42 -1.95
CA ASN A 272 -29.20 17.99 -1.08
C ASN A 272 -29.07 17.49 0.34
N ARG A 273 -27.85 17.08 0.71
CA ARG A 273 -27.52 16.63 2.05
C ARG A 273 -28.42 15.49 2.51
N TYR B 39 -9.78 -5.56 -21.75
CA TYR B 39 -8.52 -4.88 -21.43
C TYR B 39 -7.44 -5.91 -21.10
N ALA B 40 -6.21 -5.60 -21.48
CA ALA B 40 -5.12 -6.56 -21.42
C ALA B 40 -4.36 -6.47 -20.09
N PHE B 41 -3.55 -7.49 -19.85
CA PHE B 41 -2.82 -7.61 -18.60
C PHE B 41 -1.72 -6.56 -18.51
N ASP B 42 -1.60 -5.94 -17.33
CA ASP B 42 -0.59 -4.93 -17.06
C ASP B 42 0.47 -5.56 -16.15
N LYS B 43 1.64 -5.89 -16.73
CA LYS B 43 2.69 -6.55 -15.96
C LYS B 43 3.16 -5.70 -14.79
N GLU B 44 3.11 -4.37 -14.94
CA GLU B 44 3.45 -3.44 -13.87
C GLU B 44 2.23 -3.01 -13.07
N GLY B 45 1.06 -3.57 -13.36
CA GLY B 45 -0.14 -3.28 -12.60
C GLY B 45 -0.21 -4.10 -11.33
N GLN B 46 -1.41 -4.18 -10.77
CA GLN B 46 -1.62 -4.87 -9.50
C GLN B 46 -1.65 -6.38 -9.73
N ILE B 47 -0.90 -7.11 -8.92
CA ILE B 47 -0.81 -8.57 -9.02
C ILE B 47 -1.43 -9.16 -7.76
N PRO B 48 -2.36 -10.10 -7.88
CA PRO B 48 -2.92 -10.74 -6.67
C PRO B 48 -1.82 -11.41 -5.85
N GLN B 49 -1.86 -11.19 -4.54
CA GLN B 49 -0.87 -11.81 -3.67
C GLN B 49 -1.13 -13.29 -3.48
N HIS B 50 -2.39 -13.71 -3.48
CA HIS B 50 -2.76 -15.11 -3.32
C HIS B 50 -3.76 -15.44 -4.42
N ILE B 51 -3.40 -16.39 -5.28
CA ILE B 51 -4.26 -16.86 -6.35
C ILE B 51 -4.56 -18.33 -6.11
N ALA B 52 -5.85 -18.68 -6.14
CA ALA B 52 -6.29 -20.06 -5.99
C ALA B 52 -6.91 -20.52 -7.30
N ILE B 53 -6.60 -21.75 -7.70
CA ILE B 53 -7.07 -22.30 -8.96
C ILE B 53 -7.68 -23.67 -8.70
N ILE B 54 -8.91 -23.88 -9.15
CA ILE B 54 -9.52 -25.19 -9.17
C ILE B 54 -9.17 -25.82 -10.51
N MET B 55 -8.19 -26.71 -10.52
CA MET B 55 -7.74 -27.34 -11.76
C MET B 55 -8.78 -28.35 -12.22
N ASP B 56 -9.44 -28.05 -13.33
CA ASP B 56 -10.55 -28.87 -13.80
C ASP B 56 -10.42 -29.14 -15.30
N GLY B 57 -10.85 -30.32 -15.72
CA GLY B 57 -10.90 -30.65 -17.12
C GLY B 57 -9.81 -31.57 -17.63
N ASN B 58 -9.08 -32.24 -16.73
CA ASN B 58 -8.02 -33.12 -17.18
C ASN B 58 -8.56 -34.36 -17.89
N GLY B 59 -9.82 -34.70 -17.68
CA GLY B 59 -10.42 -35.83 -18.36
C GLY B 59 -10.96 -35.45 -19.72
N ARG B 60 -11.77 -34.39 -19.77
CA ARG B 60 -12.33 -33.94 -21.05
C ARG B 60 -11.24 -33.59 -22.04
N TRP B 61 -10.10 -33.07 -21.57
CA TRP B 61 -8.98 -32.78 -22.45
C TRP B 61 -8.43 -34.07 -23.06
N ALA B 62 -8.44 -35.16 -22.30
CA ALA B 62 -7.96 -36.44 -22.79
C ALA B 62 -8.97 -37.12 -23.71
N GLN B 63 -10.27 -36.96 -23.43
CA GLN B 63 -11.28 -37.54 -24.29
C GLN B 63 -11.41 -36.79 -25.60
N ASN B 64 -11.30 -35.45 -25.56
CA ASN B 64 -11.37 -34.66 -26.78
C ASN B 64 -10.25 -35.05 -27.75
N ARG B 65 -9.05 -35.29 -27.22
CA ARG B 65 -7.93 -35.75 -28.03
C ARG B 65 -7.83 -37.27 -28.04
N ARG B 66 -8.82 -37.97 -27.50
CA ARG B 66 -8.96 -39.43 -27.54
C ARG B 66 -7.84 -40.18 -26.84
N LEU B 67 -6.92 -39.49 -26.17
CA LEU B 67 -5.93 -40.17 -25.35
C LEU B 67 -6.62 -40.77 -24.13
N PRO B 68 -5.99 -41.75 -23.49
CA PRO B 68 -6.53 -42.26 -22.23
C PRO B 68 -6.60 -41.15 -21.19
N ARG B 69 -7.41 -41.36 -20.16
CA ARG B 69 -7.70 -40.31 -19.19
C ARG B 69 -6.50 -39.99 -18.29
N ILE B 70 -5.51 -40.89 -18.20
CA ILE B 70 -4.32 -40.56 -17.44
C ILE B 70 -3.38 -39.65 -18.23
N ALA B 71 -3.48 -39.64 -19.56
CA ALA B 71 -2.68 -38.71 -20.35
C ALA B 71 -3.05 -37.27 -20.03
N GLY B 72 -4.34 -36.98 -19.89
CA GLY B 72 -4.76 -35.65 -19.49
C GLY B 72 -4.31 -35.29 -18.08
N HIS B 73 -4.17 -36.29 -17.22
CA HIS B 73 -3.68 -36.03 -15.87
C HIS B 73 -2.19 -35.72 -15.87
N LYS B 74 -1.44 -36.38 -16.74
CA LYS B 74 -0.01 -36.09 -16.86
C LYS B 74 0.24 -34.75 -17.53
N GLU B 75 -0.64 -34.34 -18.44
CA GLU B 75 -0.47 -33.03 -19.06
C GLU B 75 -0.86 -31.90 -18.12
N GLY B 76 -1.84 -32.14 -17.25
CA GLY B 76 -2.12 -31.18 -16.20
C GLY B 76 -0.97 -31.04 -15.22
N MET B 77 -0.22 -32.12 -15.02
CA MET B 77 0.96 -32.04 -14.16
C MET B 77 2.00 -31.10 -14.76
N ASP B 78 2.29 -31.24 -16.06
CA ASP B 78 3.19 -30.30 -16.71
C ASP B 78 2.63 -28.89 -16.67
N THR B 79 1.30 -28.75 -16.72
CA THR B 79 0.68 -27.44 -16.62
C THR B 79 0.91 -26.83 -15.24
N VAL B 80 0.89 -27.66 -14.19
CA VAL B 80 1.21 -27.18 -12.85
C VAL B 80 2.60 -26.55 -12.83
N LYS B 81 3.56 -27.15 -13.54
CA LYS B 81 4.92 -26.62 -13.54
C LYS B 81 4.97 -25.27 -14.26
N LYS B 82 4.33 -25.17 -15.43
CA LYS B 82 4.36 -23.93 -16.20
C LYS B 82 3.74 -22.78 -15.42
N ILE B 83 2.57 -23.03 -14.82
CA ILE B 83 1.85 -21.96 -14.11
C ILE B 83 2.55 -21.62 -12.80
N THR B 84 3.20 -22.59 -12.16
CA THR B 84 4.01 -22.28 -10.98
C THR B 84 5.09 -21.27 -11.33
N LYS B 85 5.87 -21.55 -12.38
CA LYS B 85 6.93 -20.64 -12.79
C LYS B 85 6.35 -19.29 -13.18
N HIS B 86 5.32 -19.30 -14.03
CA HIS B 86 4.74 -18.05 -14.52
C HIS B 86 4.15 -17.21 -13.40
N ALA B 87 3.44 -17.84 -12.46
CA ALA B 87 2.90 -17.08 -11.33
C ALA B 87 4.02 -16.48 -10.51
N SER B 88 5.09 -17.25 -10.27
CA SER B 88 6.19 -16.76 -9.47
C SER B 88 6.87 -15.57 -10.14
N HIS B 89 7.16 -15.67 -11.45
CA HIS B 89 7.79 -14.56 -12.16
C HIS B 89 6.97 -13.28 -12.06
N LEU B 90 5.65 -13.38 -12.16
CA LEU B 90 4.79 -12.20 -12.05
C LEU B 90 4.79 -11.61 -10.65
N GLY B 91 5.41 -12.28 -9.68
CA GLY B 91 5.42 -11.80 -8.32
C GLY B 91 4.28 -12.28 -7.46
N VAL B 92 3.55 -13.32 -7.87
CA VAL B 92 2.52 -13.90 -7.02
C VAL B 92 3.19 -14.50 -5.79
N LYS B 93 2.59 -14.28 -4.63
CA LYS B 93 3.21 -14.73 -3.39
C LYS B 93 2.71 -16.10 -2.93
N VAL B 94 1.44 -16.41 -3.18
CA VAL B 94 0.86 -17.72 -2.84
C VAL B 94 0.04 -18.22 -4.03
N LEU B 95 0.29 -19.45 -4.43
CA LEU B 95 -0.45 -20.11 -5.49
C LEU B 95 -1.06 -21.40 -4.92
N THR B 96 -2.37 -21.40 -4.73
CA THR B 96 -3.07 -22.57 -4.18
C THR B 96 -3.72 -23.34 -5.34
N LEU B 97 -3.32 -24.60 -5.50
CA LEU B 97 -3.86 -25.45 -6.55
C LEU B 97 -4.69 -26.57 -5.96
N TYR B 98 -5.77 -26.93 -6.65
CA TYR B 98 -6.73 -27.92 -6.17
C TYR B 98 -7.08 -28.87 -7.31
N ALA B 99 -6.87 -30.17 -7.09
CA ALA B 99 -7.22 -31.16 -8.10
C ALA B 99 -8.74 -31.37 -8.14
N PHE B 100 -9.31 -31.22 -9.33
CA PHE B 100 -10.74 -31.44 -9.54
C PHE B 100 -11.03 -31.71 -11.01
N ASN B 113 -4.15 -48.78 -6.29
CA ASN B 113 -4.84 -47.64 -6.86
C ASN B 113 -3.84 -46.56 -7.32
N PHE B 114 -3.65 -46.42 -8.64
CA PHE B 114 -2.73 -45.42 -9.15
C PHE B 114 -3.37 -44.05 -9.29
N LEU B 115 -4.43 -43.80 -8.51
CA LEU B 115 -5.00 -42.46 -8.46
C LEU B 115 -3.99 -41.45 -7.89
N MET B 116 -3.20 -41.82 -6.87
CA MET B 116 -2.67 -40.82 -5.95
C MET B 116 -1.16 -40.84 -5.73
N GLN B 117 -0.37 -41.52 -6.58
CA GLN B 117 1.09 -41.46 -6.53
C GLN B 117 1.72 -40.97 -7.84
N LEU B 118 0.92 -40.34 -8.69
CA LEU B 118 1.48 -39.50 -9.72
C LEU B 118 2.02 -38.21 -9.09
N PRO B 119 1.57 -37.90 -7.90
CA PRO B 119 2.28 -36.90 -7.12
C PRO B 119 3.73 -37.31 -6.74
N VAL B 120 4.04 -38.59 -6.58
CA VAL B 120 5.40 -38.94 -6.23
C VAL B 120 6.37 -38.52 -7.30
N ASP B 121 6.05 -38.89 -8.52
CA ASP B 121 6.88 -38.56 -9.63
C ASP B 121 6.95 -37.10 -9.86
N PHE B 122 5.85 -36.41 -9.64
CA PHE B 122 5.82 -35.02 -9.87
C PHE B 122 6.80 -34.29 -8.98
N PHE B 123 6.77 -34.53 -7.70
CA PHE B 123 7.67 -33.88 -6.79
C PHE B 123 9.15 -34.20 -6.95
N ASP B 124 9.46 -35.46 -7.17
CA ASP B 124 10.83 -35.87 -7.30
C ASP B 124 11.38 -35.22 -8.49
N THR B 125 10.60 -35.20 -9.52
CA THR B 125 10.93 -34.52 -10.74
C THR B 125 10.99 -32.99 -10.63
N PHE B 126 10.06 -32.43 -9.89
CA PHE B 126 9.91 -31.00 -9.88
C PHE B 126 10.69 -30.29 -8.80
N PRO B 128 14.01 -30.06 -8.06
CA PRO B 128 15.13 -29.18 -8.38
C PRO B 128 14.76 -27.84 -8.97
N GLU B 129 13.76 -27.83 -9.79
CA GLU B 129 13.19 -26.63 -10.33
C GLU B 129 12.56 -25.67 -9.34
N LEU B 130 11.89 -26.22 -8.35
CA LEU B 130 11.34 -25.47 -7.24
C LEU B 130 12.38 -24.80 -6.43
N ILE B 131 13.49 -25.47 -6.18
CA ILE B 131 14.62 -24.87 -5.55
C ILE B 131 15.23 -23.78 -6.41
N LYS B 132 15.36 -24.02 -7.69
CA LYS B 132 15.90 -23.00 -8.57
C LYS B 132 15.01 -21.77 -8.63
N GLU B 133 13.69 -21.95 -8.58
CA GLU B 133 12.75 -20.84 -8.63
C GLU B 133 12.44 -20.25 -7.25
N ASN B 134 13.11 -20.73 -6.19
CA ASN B 134 12.93 -20.20 -4.83
C ASN B 134 11.49 -20.35 -4.36
N VAL B 135 10.85 -21.47 -4.69
CA VAL B 135 9.44 -21.70 -4.41
C VAL B 135 9.31 -22.63 -3.21
N LYS B 136 8.52 -22.21 -2.21
CA LYS B 136 8.25 -22.99 -1.01
C LYS B 136 6.98 -23.81 -1.21
N VAL B 137 7.04 -25.09 -0.84
CA VAL B 137 5.96 -26.04 -1.09
C VAL B 137 5.21 -26.33 0.21
N ASN B 138 3.89 -26.14 0.17
CA ASN B 138 3.01 -26.56 1.25
C ASN B 138 1.90 -27.44 0.68
N VAL B 139 1.34 -28.31 1.52
CA VAL B 139 0.28 -29.22 1.11
C VAL B 139 -0.86 -29.11 2.12
N MET B 140 -1.98 -28.54 1.68
CA MET B 140 -3.19 -28.54 2.49
C MET B 140 -3.91 -29.87 2.35
N GLY B 141 -4.70 -30.19 3.36
CA GLY B 141 -5.52 -31.38 3.34
C GLY B 141 -5.06 -32.41 4.35
N TYR B 142 -5.83 -33.49 4.42
CA TYR B 142 -5.53 -34.62 5.31
C TYR B 142 -4.63 -35.58 4.56
N GLN B 143 -3.32 -35.43 4.77
CA GLN B 143 -2.35 -36.25 4.07
C GLN B 143 -2.26 -37.66 4.63
N GLU B 144 -2.62 -37.84 5.90
CA GLU B 144 -2.50 -39.12 6.58
C GLU B 144 -3.11 -40.27 5.81
N PHE B 145 -4.00 -39.97 4.86
CA PHE B 145 -4.70 -40.99 4.07
C PHE B 145 -4.03 -41.30 2.73
N LEU B 146 -3.20 -40.41 2.19
CA LEU B 146 -2.44 -40.71 0.98
C LEU B 146 -1.55 -41.93 1.19
N PRO B 147 -1.18 -42.64 0.11
CA PRO B 147 -0.26 -43.78 0.26
C PRO B 147 1.06 -43.35 0.90
N SER B 148 1.72 -44.32 1.53
CA SER B 148 2.93 -44.00 2.30
C SER B 148 4.01 -43.40 1.41
N HIS B 149 4.21 -43.97 0.21
CA HIS B 149 5.24 -43.44 -0.67
C HIS B 149 4.86 -42.06 -1.18
N THR B 150 3.58 -41.82 -1.44
CA THR B 150 3.13 -40.47 -1.75
C THR B 150 3.34 -39.55 -0.56
N GLN B 151 2.97 -40.01 0.63
CA GLN B 151 3.18 -39.21 1.83
C GLN B 151 4.66 -38.88 2.03
N ASP B 152 5.55 -39.81 1.70
CA ASP B 152 6.97 -39.57 1.91
C ASP B 152 7.53 -38.59 0.89
N ALA B 153 7.07 -38.69 -0.36
CA ALA B 153 7.51 -37.74 -1.38
C ALA B 153 7.02 -36.32 -1.06
N VAL B 154 5.82 -36.20 -0.52
CA VAL B 154 5.28 -34.88 -0.18
C VAL B 154 6.09 -34.24 0.94
N LYS B 155 6.31 -34.98 2.03
CA LYS B 155 7.04 -34.38 3.14
C LYS B 155 8.49 -34.13 2.77
N ARG B 156 9.04 -34.93 1.85
CA ARG B 156 10.40 -34.65 1.36
C ARG B 156 10.44 -33.37 0.55
N ALA B 157 9.45 -33.18 -0.34
CA ALA B 157 9.40 -31.94 -1.11
C ALA B 157 9.20 -30.74 -0.20
N ILE B 158 8.34 -30.86 0.81
CA ILE B 158 8.15 -29.77 1.78
C ILE B 158 9.46 -29.47 2.50
N GLU B 159 10.18 -30.51 2.91
CA GLU B 159 11.45 -30.32 3.62
C GLU B 159 12.48 -29.66 2.72
N GLN B 160 12.65 -30.19 1.51
CA GLN B 160 13.67 -29.69 0.60
C GLN B 160 13.41 -28.26 0.12
N THR B 161 12.20 -27.73 0.29
CA THR B 161 11.89 -26.39 -0.16
C THR B 161 11.49 -25.45 0.98
N LYS B 162 11.55 -25.91 2.23
CA LYS B 162 11.05 -25.12 3.34
C LYS B 162 11.85 -23.85 3.59
N ASP B 163 13.10 -23.79 3.11
CA ASP B 163 13.93 -22.61 3.31
C ASP B 163 13.85 -21.62 2.14
N ASN B 164 13.13 -21.95 1.08
CA ASN B 164 12.95 -21.02 -0.02
C ASN B 164 12.14 -19.82 0.43
N THR B 165 12.43 -18.66 -0.17
CA THR B 165 11.89 -17.38 0.27
C THR B 165 10.84 -16.79 -0.66
N GLY B 166 10.60 -17.38 -1.83
CA GLY B 166 9.70 -16.79 -2.81
C GLY B 166 8.25 -17.20 -2.68
N MET B 167 7.64 -17.58 -3.79
CA MET B 167 6.23 -17.92 -3.83
C MET B 167 5.96 -19.24 -3.11
N VAL B 168 4.81 -19.32 -2.47
CA VAL B 168 4.35 -20.56 -1.84
C VAL B 168 3.47 -21.30 -2.84
N LEU B 169 3.92 -22.49 -3.26
CA LEU B 169 3.07 -23.40 -4.02
C LEU B 169 2.29 -24.23 -3.02
N ASN B 170 0.97 -24.05 -3.01
CA ASN B 170 0.10 -24.63 -1.98
C ASN B 170 -0.83 -25.65 -2.63
N PHE B 171 -0.54 -26.93 -2.42
CA PHE B 171 -1.36 -28.01 -2.97
C PHE B 171 -2.48 -28.36 -1.99
N ALA B 172 -3.70 -28.42 -2.50
CA ALA B 172 -4.85 -28.91 -1.75
C ALA B 172 -5.03 -30.37 -2.15
N LEU B 173 -4.58 -31.28 -1.29
CA LEU B 173 -4.67 -32.72 -1.53
C LEU B 173 -5.64 -33.33 -0.54
N ASN B 174 -6.67 -34.00 -1.05
CA ASN B 174 -7.76 -34.53 -0.23
C ASN B 174 -8.33 -33.42 0.65
N TYR B 175 -8.73 -32.34 -0.01
CA TYR B 175 -9.21 -31.15 0.67
C TYR B 175 -10.71 -30.99 0.46
N GLY B 176 -11.37 -30.45 1.47
CA GLY B 176 -12.74 -30.02 1.37
C GLY B 176 -12.98 -28.88 2.33
N ALA B 177 -13.72 -27.86 1.89
CA ALA B 177 -13.87 -26.68 2.75
C ALA B 177 -14.78 -26.95 3.93
N ARG B 178 -15.87 -27.70 3.73
CA ARG B 178 -16.76 -27.99 4.85
C ARG B 178 -16.09 -28.91 5.86
N ALA B 179 -15.30 -29.87 5.39
CA ALA B 179 -14.52 -30.70 6.30
C ALA B 179 -13.47 -29.87 7.02
N GLU B 180 -12.78 -28.98 6.29
CA GLU B 180 -11.78 -28.11 6.92
C GLU B 180 -12.40 -27.25 8.01
N LEU B 181 -13.63 -26.77 7.79
CA LEU B 181 -14.27 -25.96 8.81
C LEU B 181 -14.69 -26.82 10.00
N LEU B 182 -15.14 -28.05 9.73
CA LEU B 182 -15.57 -28.93 10.81
C LEU B 182 -14.41 -29.21 11.77
N THR B 183 -13.24 -29.58 11.25
CA THR B 183 -12.11 -29.82 12.14
C THR B 183 -11.63 -28.53 12.78
N ALA B 184 -11.83 -27.39 12.12
CA ALA B 184 -11.57 -26.11 12.76
C ALA B 184 -12.55 -25.86 13.91
N MET B 185 -13.77 -26.37 13.81
CA MET B 185 -14.74 -26.21 14.89
C MET B 185 -14.42 -27.14 16.04
N LYS B 186 -14.09 -28.39 15.74
CA LYS B 186 -13.75 -29.36 16.78
C LYS B 186 -12.54 -28.89 17.58
N GLN B 187 -11.49 -28.45 16.90
CA GLN B 187 -10.29 -27.97 17.60
C GLN B 187 -10.62 -26.79 18.50
N ILE B 188 -11.48 -25.87 18.04
CA ILE B 188 -11.80 -24.69 18.82
C ILE B 188 -12.67 -25.05 20.01
N ALA B 189 -13.69 -25.90 19.78
CA ALA B 189 -14.53 -26.38 20.88
C ALA B 189 -13.70 -27.10 21.95
N ALA B 190 -12.66 -27.83 21.53
CA ALA B 190 -11.78 -28.48 22.48
C ALA B 190 -11.05 -27.47 23.35
N GLU B 191 -10.43 -26.48 22.72
CA GLU B 191 -9.69 -25.47 23.47
C GLU B 191 -10.59 -24.71 24.45
N VAL B 192 -11.90 -24.64 24.18
CA VAL B 192 -12.80 -24.00 25.13
C VAL B 192 -13.15 -24.96 26.27
N SER B 193 -13.30 -26.25 25.96
CA SER B 193 -13.58 -27.24 26.99
C SER B 193 -12.46 -27.30 28.02
N GLU B 194 -11.19 -27.33 27.55
CA GLU B 194 -10.04 -27.26 28.42
C GLU B 194 -9.73 -25.84 28.87
N LYS B 195 -10.68 -24.93 28.69
CA LYS B 195 -10.70 -23.63 29.36
C LYS B 195 -9.51 -22.76 28.96
N ALA B 196 -8.98 -22.95 27.75
CA ALA B 196 -7.93 -22.04 27.26
C ALA B 196 -8.48 -20.63 27.07
N TYR B 197 -9.69 -20.51 26.52
CA TYR B 197 -10.38 -19.24 26.39
C TYR B 197 -11.88 -19.51 26.47
N THR B 198 -12.66 -18.46 26.69
CA THR B 198 -14.10 -18.65 26.74
C THR B 198 -14.65 -18.89 25.34
N ALA B 199 -15.89 -19.35 25.27
CA ALA B 199 -16.53 -19.46 23.96
C ALA B 199 -16.77 -18.09 23.34
N ASP B 200 -16.85 -17.05 24.17
CA ASP B 200 -17.08 -15.70 23.66
C ASP B 200 -15.80 -15.03 23.19
N GLU B 201 -14.65 -15.49 23.64
CA GLU B 201 -13.38 -14.95 23.17
C GLU B 201 -13.00 -15.45 21.78
N ILE B 202 -13.75 -16.40 21.22
CA ILE B 202 -13.51 -16.83 19.85
C ILE B 202 -13.78 -15.67 18.91
N THR B 203 -12.85 -15.42 17.99
CA THR B 203 -13.00 -14.40 16.98
C THR B 203 -13.04 -15.04 15.60
N GLU B 204 -13.33 -14.22 14.59
CA GLU B 204 -13.16 -14.68 13.22
C GLU B 204 -11.70 -15.03 12.94
N GLU B 205 -10.77 -14.35 13.61
CA GLU B 205 -9.36 -14.70 13.48
C GLU B 205 -9.07 -16.04 14.14
N THR B 206 -9.81 -16.38 15.21
CA THR B 206 -9.66 -17.70 15.81
C THR B 206 -9.98 -18.80 14.80
N ILE B 207 -11.08 -18.62 14.06
CA ILE B 207 -11.43 -19.58 13.01
C ILE B 207 -10.37 -19.56 11.91
N ALA B 208 -9.87 -18.38 11.58
CA ALA B 208 -8.89 -18.27 10.50
C ALA B 208 -7.61 -19.00 10.86
N ASP B 209 -7.20 -18.94 12.14
CA ASP B 209 -5.98 -19.62 12.54
C ASP B 209 -6.11 -21.14 12.45
N HIS B 210 -7.33 -21.66 12.59
CA HIS B 210 -7.57 -23.09 12.58
C HIS B 210 -7.89 -23.64 11.19
N LEU B 211 -7.93 -22.78 10.18
CA LEU B 211 -8.10 -23.26 8.82
C LEU B 211 -6.77 -23.77 8.28
N MET B 212 -6.84 -24.55 7.20
CA MET B 212 -5.63 -25.08 6.60
C MET B 212 -4.81 -24.02 5.86
N THR B 213 -5.29 -22.78 5.82
CA THR B 213 -4.49 -21.66 5.37
C THR B 213 -3.90 -20.88 6.54
N GLY B 214 -4.14 -21.32 7.77
CA GLY B 214 -3.64 -20.65 8.95
C GLY B 214 -2.13 -20.54 9.00
N PHE B 215 -1.41 -21.43 8.32
CA PHE B 215 0.05 -21.35 8.30
C PHE B 215 0.55 -20.08 7.62
N LEU B 216 -0.29 -19.45 6.82
CA LEU B 216 0.10 -18.22 6.15
C LEU B 216 -0.12 -17.03 7.08
N PRO B 217 0.69 -15.97 6.93
CA PRO B 217 0.40 -14.73 7.65
C PRO B 217 -0.92 -14.14 7.20
N THR B 218 -1.46 -13.25 8.04
CA THR B 218 -2.81 -12.74 7.84
C THR B 218 -3.02 -12.20 6.42
N GLU B 219 -2.07 -11.40 5.94
CA GLU B 219 -2.23 -10.71 4.65
C GLU B 219 -2.25 -11.67 3.47
N LEU B 220 -1.82 -12.92 3.65
CA LEU B 220 -1.72 -13.86 2.54
C LEU B 220 -2.71 -15.02 2.62
N ARG B 221 -3.49 -15.11 3.71
CA ARG B 221 -4.31 -16.29 3.95
C ARG B 221 -5.40 -16.45 2.89
N ASP B 222 -6.14 -15.37 2.61
CA ASP B 222 -7.28 -15.49 1.71
C ASP B 222 -6.88 -15.12 0.29
N PRO B 223 -7.27 -15.90 -0.72
CA PRO B 223 -6.94 -15.52 -2.10
C PRO B 223 -7.71 -14.27 -2.50
N GLU B 224 -7.06 -13.44 -3.32
CA GLU B 224 -7.75 -12.31 -3.93
C GLU B 224 -8.32 -12.65 -5.30
N LEU B 225 -7.90 -13.76 -5.89
CA LEU B 225 -8.39 -14.18 -7.19
C LEU B 225 -8.54 -15.69 -7.17
N LEU B 226 -9.77 -16.16 -7.40
CA LEU B 226 -10.07 -17.58 -7.51
C LEU B 226 -10.41 -17.89 -8.95
N ILE B 227 -9.73 -18.89 -9.51
CA ILE B 227 -9.90 -19.27 -10.91
C ILE B 227 -10.45 -20.68 -10.94
N ARG B 228 -11.48 -20.90 -11.75
CA ARG B 228 -12.00 -22.23 -12.02
C ARG B 228 -11.96 -22.45 -13.52
N THR B 229 -11.46 -23.61 -13.94
CA THR B 229 -11.37 -23.99 -15.33
C THR B 229 -12.53 -24.92 -15.68
N SER B 230 -12.63 -25.23 -16.98
CA SER B 230 -13.64 -26.10 -17.60
C SER B 230 -14.97 -25.40 -17.83
N GLY B 231 -15.11 -24.14 -17.44
CA GLY B 231 -16.34 -23.41 -17.65
C GLY B 231 -17.40 -23.63 -16.59
N GLU B 232 -17.20 -24.57 -15.66
CA GLU B 232 -18.14 -24.74 -14.55
C GLU B 232 -18.16 -23.48 -13.69
N GLU B 233 -19.31 -22.82 -13.63
CA GLU B 233 -19.47 -21.64 -12.79
C GLU B 233 -19.94 -22.13 -11.42
N ARG B 234 -18.97 -22.53 -10.60
CA ARG B 234 -19.31 -23.15 -9.33
C ARG B 234 -18.10 -23.27 -8.40
N ILE B 235 -18.22 -22.72 -7.20
CA ILE B 235 -17.33 -23.13 -6.11
C ILE B 235 -17.74 -24.54 -5.69
N SER B 236 -16.76 -25.41 -5.53
CA SER B 236 -17.05 -26.81 -5.23
C SER B 236 -16.37 -27.17 -3.90
N ASN B 237 -16.93 -26.66 -2.79
CA ASN B 237 -16.43 -26.99 -1.46
C ASN B 237 -14.94 -26.70 -1.33
N PHE B 238 -14.53 -25.53 -1.82
CA PHE B 238 -13.11 -25.17 -1.87
C PHE B 238 -12.92 -23.77 -1.29
N LEU B 239 -12.18 -23.68 -0.18
CA LEU B 239 -11.79 -22.41 0.41
C LEU B 239 -13.00 -21.51 0.66
N LEU B 240 -14.08 -22.10 1.19
CA LEU B 240 -15.32 -21.36 1.34
C LEU B 240 -15.16 -20.15 2.24
N TRP B 241 -14.55 -20.33 3.41
CA TRP B 241 -14.34 -19.20 4.31
C TRP B 241 -13.43 -18.17 3.68
N GLN B 242 -12.34 -18.63 3.04
CA GLN B 242 -11.28 -17.73 2.59
C GLN B 242 -11.70 -16.91 1.38
N ILE B 243 -12.62 -17.42 0.55
CA ILE B 243 -12.96 -16.72 -0.68
C ILE B 243 -14.08 -15.73 -0.44
N ALA B 244 -14.24 -15.28 0.82
CA ALA B 244 -15.36 -14.42 1.15
C ALA B 244 -15.34 -13.13 0.34
N TYR B 245 -14.16 -12.60 0.02
CA TYR B 245 -14.06 -11.33 -0.69
C TYR B 245 -13.19 -11.45 -1.93
N SER B 246 -13.12 -12.64 -2.51
CA SER B 246 -12.21 -12.90 -3.61
C SER B 246 -12.85 -12.50 -4.93
N GLU B 247 -12.01 -12.12 -5.89
CA GLU B 247 -12.43 -12.06 -7.27
C GLU B 247 -12.62 -13.47 -7.80
N LEU B 248 -13.71 -13.71 -8.51
CA LEU B 248 -13.93 -14.99 -9.16
C LEU B 248 -13.71 -14.83 -10.65
N PHE B 249 -13.08 -15.83 -11.27
CA PHE B 249 -12.82 -15.82 -12.70
C PHE B 249 -13.03 -17.22 -13.24
N PHE B 250 -13.94 -17.34 -14.20
CA PHE B 250 -14.28 -18.63 -14.77
C PHE B 250 -13.91 -18.62 -16.25
N THR B 251 -13.13 -19.61 -16.66
CA THR B 251 -12.75 -19.77 -18.05
C THR B 251 -13.21 -21.14 -18.53
N LYS B 252 -13.60 -21.20 -19.80
CA LYS B 252 -13.96 -22.48 -20.38
C LYS B 252 -12.74 -23.34 -20.68
N ALA B 253 -11.54 -22.76 -20.65
CA ALA B 253 -10.34 -23.52 -20.97
C ALA B 253 -10.16 -24.68 -20.00
N LEU B 254 -9.96 -25.86 -20.57
CA LEU B 254 -9.58 -27.01 -19.74
C LEU B 254 -8.20 -26.78 -19.14
N TRP B 255 -7.93 -27.48 -18.04
CA TRP B 255 -6.69 -27.26 -17.32
C TRP B 255 -5.44 -27.51 -18.16
N PRO B 256 -5.30 -28.62 -18.89
CA PRO B 256 -4.06 -28.82 -19.67
C PRO B 256 -3.84 -27.75 -20.73
N ASP B 257 -4.87 -26.97 -21.09
CA ASP B 257 -4.72 -25.84 -22.00
C ASP B 257 -4.59 -24.51 -21.26
N PHE B 258 -4.45 -24.54 -19.94
CA PHE B 258 -4.26 -23.32 -19.16
C PHE B 258 -2.80 -22.90 -19.26
N SER B 259 -2.55 -21.78 -19.93
CA SER B 259 -1.20 -21.27 -20.16
C SER B 259 -0.96 -20.01 -19.33
N GLY B 260 0.26 -19.47 -19.44
CA GLY B 260 0.58 -18.22 -18.79
C GLY B 260 -0.24 -17.05 -19.29
N ASP B 261 -0.83 -17.18 -20.49
CA ASP B 261 -1.63 -16.09 -21.02
C ASP B 261 -3.02 -16.07 -20.38
N THR B 262 -3.70 -17.22 -20.34
CA THR B 262 -5.00 -17.23 -19.68
C THR B 262 -4.87 -16.95 -18.19
N LEU B 263 -3.72 -17.22 -17.59
CA LEU B 263 -3.48 -16.72 -16.24
C LEU B 263 -3.36 -15.20 -16.23
N GLU B 264 -2.70 -14.63 -17.25
CA GLU B 264 -2.58 -13.18 -17.34
C GLU B 264 -3.94 -12.53 -17.58
N THR B 265 -4.75 -13.12 -18.48
CA THR B 265 -6.07 -12.56 -18.75
C THR B 265 -7.01 -12.77 -17.58
N ALA B 266 -6.77 -13.77 -16.73
CA ALA B 266 -7.50 -13.87 -15.47
C ALA B 266 -7.08 -12.77 -14.52
N ILE B 267 -5.78 -12.52 -14.40
CA ILE B 267 -5.29 -11.42 -13.57
C ILE B 267 -5.74 -10.07 -14.14
N ALA B 268 -5.88 -9.98 -15.46
CA ALA B 268 -6.33 -8.72 -16.07
C ALA B 268 -7.72 -8.33 -15.56
N SER B 269 -8.64 -9.29 -15.47
CA SER B 269 -9.96 -8.97 -14.95
C SER B 269 -9.92 -8.64 -13.47
N PHE B 270 -8.98 -9.21 -12.71
CA PHE B 270 -8.80 -8.80 -11.32
C PHE B 270 -8.42 -7.33 -11.23
N GLN B 271 -7.66 -6.84 -12.21
CA GLN B 271 -7.30 -5.44 -12.27
C GLN B 271 -8.47 -4.63 -12.83
N ASN B 272 -9.69 -5.13 -12.63
CA ASN B 272 -10.92 -4.55 -13.17
C ASN B 272 -10.82 -4.30 -14.67
N ARG B 273 -9.88 -4.99 -15.33
CA ARG B 273 -9.54 -4.77 -16.74
C ARG B 273 -9.34 -3.30 -17.03
N TYR C 39 -28.60 -18.93 -22.31
CA TYR C 39 -29.44 -20.00 -22.82
C TYR C 39 -30.92 -19.68 -22.71
N ALA C 40 -31.76 -20.65 -23.09
CA ALA C 40 -33.21 -20.46 -23.14
C ALA C 40 -33.87 -21.13 -21.95
N PHE C 41 -34.88 -20.46 -21.39
CA PHE C 41 -35.57 -20.95 -20.21
C PHE C 41 -36.63 -21.98 -20.58
N ASP C 42 -36.71 -23.05 -19.79
CA ASP C 42 -37.64 -24.15 -20.02
C ASP C 42 -38.69 -24.13 -18.92
N LYS C 43 -39.95 -23.89 -19.30
CA LYS C 43 -41.04 -23.96 -18.33
C LYS C 43 -41.18 -25.36 -17.75
N GLU C 44 -41.08 -26.38 -18.61
CA GLU C 44 -41.22 -27.76 -18.16
C GLU C 44 -40.00 -28.23 -17.36
N GLY C 45 -38.88 -27.51 -17.43
CA GLY C 45 -37.64 -27.98 -16.86
C GLY C 45 -37.58 -27.87 -15.34
N GLN C 46 -36.42 -28.26 -14.81
CA GLN C 46 -36.19 -28.18 -13.37
C GLN C 46 -36.18 -26.72 -12.91
N ILE C 47 -36.80 -26.46 -11.78
CA ILE C 47 -36.79 -25.15 -11.14
C ILE C 47 -36.00 -25.27 -9.84
N PRO C 48 -35.05 -24.38 -9.56
CA PRO C 48 -34.32 -24.47 -8.29
C PRO C 48 -35.23 -24.27 -7.10
N GLN C 49 -35.13 -25.17 -6.13
CA GLN C 49 -35.97 -25.07 -4.95
C GLN C 49 -35.59 -23.86 -4.10
N HIS C 50 -34.29 -23.62 -3.92
CA HIS C 50 -33.80 -22.49 -3.15
C HIS C 50 -32.91 -21.64 -4.05
N ILE C 51 -33.32 -20.39 -4.27
CA ILE C 51 -32.58 -19.41 -5.07
C ILE C 51 -32.15 -18.29 -4.15
N ALA C 52 -30.86 -17.94 -4.20
CA ALA C 52 -30.32 -16.82 -3.43
C ALA C 52 -29.81 -15.75 -4.39
N ILE C 53 -30.16 -14.50 -4.12
CA ILE C 53 -29.78 -13.38 -4.96
C ILE C 53 -29.05 -12.34 -4.12
N ILE C 54 -27.83 -12.01 -4.51
CA ILE C 54 -27.11 -10.87 -3.93
C ILE C 54 -27.59 -9.63 -4.67
N MET C 55 -28.43 -8.83 -4.02
CA MET C 55 -29.00 -7.65 -4.66
C MET C 55 -27.99 -6.51 -4.62
N ASP C 56 -27.65 -5.98 -5.78
CA ASP C 56 -26.59 -4.99 -5.87
C ASP C 56 -26.86 -4.07 -7.05
N GLY C 57 -26.40 -2.83 -6.94
CA GLY C 57 -26.53 -1.86 -8.02
C GLY C 57 -27.62 -0.82 -7.86
N ASN C 58 -28.28 -0.76 -6.70
CA ASN C 58 -29.32 0.24 -6.50
C ASN C 58 -28.75 1.65 -6.60
N GLY C 59 -27.63 1.90 -5.92
CA GLY C 59 -26.98 3.20 -6.03
C GLY C 59 -26.42 3.46 -7.42
N ARG C 60 -25.82 2.43 -8.04
CA ARG C 60 -25.38 2.56 -9.42
C ARG C 60 -26.53 2.89 -10.35
N TRP C 61 -27.74 2.36 -10.06
CA TRP C 61 -28.88 2.57 -10.92
C TRP C 61 -29.37 4.01 -10.89
N ALA C 62 -29.45 4.60 -9.68
CA ALA C 62 -29.83 6.00 -9.58
C ALA C 62 -28.78 6.92 -10.19
N GLN C 63 -27.50 6.56 -10.03
CA GLN C 63 -26.43 7.39 -10.60
C GLN C 63 -26.55 7.51 -12.11
N ASN C 64 -26.97 6.44 -12.78
CA ASN C 64 -27.10 6.48 -14.24
C ASN C 64 -28.27 7.35 -14.67
N ARG C 65 -29.30 7.45 -13.83
CA ARG C 65 -30.45 8.30 -14.09
C ARG C 65 -30.34 9.65 -13.39
N ARG C 66 -29.19 9.94 -12.77
CA ARG C 66 -28.94 11.20 -12.07
C ARG C 66 -30.02 11.50 -11.03
N LEU C 67 -30.41 10.49 -10.29
CA LEU C 67 -31.30 10.59 -9.15
C LEU C 67 -30.54 10.37 -7.85
N PRO C 68 -31.10 10.78 -6.71
CA PRO C 68 -30.46 10.45 -5.43
C PRO C 68 -30.36 8.94 -5.23
N ARG C 69 -29.30 8.53 -4.53
CA ARG C 69 -29.12 7.11 -4.18
C ARG C 69 -30.37 6.52 -3.53
N ILE C 70 -31.07 7.33 -2.73
CA ILE C 70 -32.34 6.90 -2.13
C ILE C 70 -33.32 6.42 -3.20
N ALA C 71 -33.37 7.11 -4.34
CA ALA C 71 -34.31 6.72 -5.39
C ALA C 71 -33.98 5.34 -5.95
N GLY C 72 -32.70 5.01 -6.05
CA GLY C 72 -32.33 3.71 -6.58
C GLY C 72 -32.77 2.58 -5.69
N HIS C 73 -32.74 2.80 -4.37
CA HIS C 73 -33.09 1.74 -3.43
C HIS C 73 -34.60 1.53 -3.37
N LYS C 74 -35.39 2.61 -3.49
CA LYS C 74 -36.84 2.43 -3.52
C LYS C 74 -37.26 1.65 -4.76
N GLU C 75 -36.61 1.92 -5.89
CA GLU C 75 -36.89 1.16 -7.10
C GLU C 75 -36.45 -0.29 -6.94
N GLY C 76 -35.35 -0.51 -6.21
CA GLY C 76 -34.92 -1.86 -5.91
C GLY C 76 -35.89 -2.59 -4.99
N MET C 77 -36.54 -1.86 -4.09
CA MET C 77 -37.57 -2.48 -3.25
C MET C 77 -38.79 -2.87 -4.08
N ASP C 78 -39.14 -2.06 -5.09
CA ASP C 78 -40.16 -2.49 -6.03
C ASP C 78 -39.77 -3.79 -6.71
N THR C 79 -38.50 -3.91 -7.10
CA THR C 79 -38.05 -5.13 -7.76
C THR C 79 -38.16 -6.33 -6.84
N VAL C 80 -37.84 -6.15 -5.55
CA VAL C 80 -38.04 -7.20 -4.57
C VAL C 80 -39.47 -7.72 -4.61
N LYS C 81 -40.44 -6.81 -4.73
CA LYS C 81 -41.84 -7.23 -4.76
C LYS C 81 -42.17 -7.93 -6.07
N LYS C 82 -41.73 -7.38 -7.20
CA LYS C 82 -41.97 -8.02 -8.50
C LYS C 82 -41.32 -9.38 -8.58
N ILE C 83 -40.07 -9.50 -8.13
CA ILE C 83 -39.33 -10.76 -8.26
C ILE C 83 -39.86 -11.80 -7.28
N THR C 84 -40.31 -11.37 -6.09
CA THR C 84 -40.96 -12.32 -5.18
C THR C 84 -42.19 -12.93 -5.84
N LYS C 85 -42.95 -12.12 -6.57
CA LYS C 85 -44.17 -12.61 -7.20
C LYS C 85 -43.87 -13.61 -8.31
N HIS C 86 -42.80 -13.37 -9.08
CA HIS C 86 -42.48 -14.28 -10.18
C HIS C 86 -41.81 -15.56 -9.69
N ALA C 87 -40.98 -15.46 -8.65
CA ALA C 87 -40.34 -16.66 -8.12
C ALA C 87 -41.37 -17.60 -7.52
N SER C 88 -42.33 -17.06 -6.78
CA SER C 88 -43.41 -17.88 -6.22
C SER C 88 -44.23 -18.52 -7.32
N HIS C 89 -44.57 -17.76 -8.38
CA HIS C 89 -45.35 -18.32 -9.49
C HIS C 89 -44.63 -19.47 -10.17
N LEU C 90 -43.30 -19.40 -10.23
CA LEU C 90 -42.50 -20.44 -10.88
C LEU C 90 -42.29 -21.67 -9.99
N GLY C 91 -42.77 -21.64 -8.75
CA GLY C 91 -42.63 -22.78 -7.87
C GLY C 91 -41.39 -22.79 -7.01
N VAL C 92 -40.69 -21.67 -6.88
CA VAL C 92 -39.51 -21.61 -6.02
C VAL C 92 -39.94 -21.77 -4.56
N LYS C 93 -39.31 -22.71 -3.86
CA LYS C 93 -39.67 -22.96 -2.46
C LYS C 93 -39.09 -21.91 -1.52
N VAL C 94 -37.86 -21.46 -1.77
CA VAL C 94 -37.19 -20.48 -0.92
C VAL C 94 -36.48 -19.48 -1.82
N LEU C 95 -36.78 -18.20 -1.63
CA LEU C 95 -36.04 -17.12 -2.28
C LEU C 95 -35.30 -16.34 -1.20
N THR C 96 -33.97 -16.34 -1.26
CA THR C 96 -33.13 -15.61 -0.31
C THR C 96 -32.60 -14.37 -1.01
N LEU C 97 -32.89 -13.20 -0.43
CA LEU C 97 -32.48 -11.91 -1.00
C LEU C 97 -31.57 -11.20 -0.01
N TYR C 98 -30.38 -10.81 -0.47
CA TYR C 98 -29.38 -10.16 0.37
C TYR C 98 -29.26 -8.70 -0.04
N ALA C 99 -29.59 -7.79 0.88
CA ALA C 99 -29.39 -6.36 0.69
C ALA C 99 -27.91 -6.06 0.86
N PHE C 100 -27.15 -6.13 -0.24
CA PHE C 100 -25.69 -6.04 -0.17
C PHE C 100 -25.25 -4.68 0.35
N SER C 101 -24.23 -4.70 1.22
CA SER C 101 -23.71 -3.48 1.80
C SER C 101 -22.26 -3.70 2.21
N THR C 102 -21.37 -2.83 1.73
CA THR C 102 -20.01 -2.78 2.26
C THR C 102 -19.96 -2.06 3.59
N GLU C 103 -20.96 -1.24 3.89
CA GLU C 103 -20.94 -0.38 5.06
C GLU C 103 -21.05 -1.20 6.35
N ASN C 104 -20.69 -0.56 7.44
CA ASN C 104 -20.70 -1.16 8.76
C ASN C 104 -22.08 -1.00 9.39
N TRP C 105 -22.67 -2.10 9.82
CA TRP C 105 -23.81 -2.08 10.72
C TRP C 105 -23.28 -2.13 12.16
N LYS C 106 -23.71 -1.15 12.94
CA LYS C 106 -23.10 -0.65 14.17
C LYS C 106 -22.22 0.45 13.62
N ARG C 107 -22.23 1.62 14.24
CA ARG C 107 -21.53 2.75 13.62
C ARG C 107 -22.06 2.93 12.22
N PRO C 108 -23.36 3.05 12.10
CA PRO C 108 -24.01 3.02 10.80
C PRO C 108 -23.69 4.15 9.84
N THR C 109 -23.59 5.37 10.35
CA THR C 109 -23.54 6.60 9.55
C THR C 109 -24.91 7.17 9.31
N ASP C 110 -24.93 8.44 8.97
CA ASP C 110 -26.18 9.11 8.84
C ASP C 110 -26.90 8.50 7.68
N GLU C 111 -26.16 8.24 6.61
CA GLU C 111 -26.83 7.80 5.40
C GLU C 111 -27.56 6.48 5.54
N VAL C 112 -26.97 5.51 6.23
CA VAL C 112 -27.62 4.22 6.33
C VAL C 112 -28.95 4.38 6.99
N ASN C 113 -29.00 5.19 8.04
CA ASN C 113 -30.17 5.25 8.86
C ASN C 113 -31.29 5.66 8.00
N PHE C 114 -31.07 6.62 7.10
CA PHE C 114 -32.13 6.96 6.14
C PHE C 114 -32.44 5.77 5.23
N LEU C 115 -31.41 5.04 4.86
CA LEU C 115 -31.60 3.87 4.03
C LEU C 115 -32.43 2.93 4.86
N MET C 116 -32.13 2.87 6.15
CA MET C 116 -32.79 1.90 6.99
C MET C 116 -34.06 2.45 7.62
N GLN C 117 -34.31 3.72 7.34
CA GLN C 117 -35.54 4.41 7.68
C GLN C 117 -36.76 3.82 6.95
N LEU C 118 -36.56 3.46 5.68
CA LEU C 118 -37.68 3.19 4.79
C LEU C 118 -37.86 1.75 4.49
N PRO C 119 -37.19 0.89 5.19
CA PRO C 119 -37.63 -0.51 5.16
C PRO C 119 -38.94 -0.71 5.89
N VAL C 120 -39.22 0.16 6.84
CA VAL C 120 -40.39 0.02 7.65
C VAL C 120 -41.59 0.14 6.79
N ASP C 121 -41.55 1.13 5.96
CA ASP C 121 -42.56 1.34 4.99
C ASP C 121 -42.59 0.29 3.92
N PHE C 122 -41.45 -0.19 3.52
CA PHE C 122 -41.39 -1.27 2.53
C PHE C 122 -42.05 -2.54 3.06
N PHE C 123 -41.75 -2.90 4.31
CA PHE C 123 -42.35 -4.10 4.88
C PHE C 123 -43.84 -3.91 5.13
N ASP C 124 -44.24 -2.71 5.56
CA ASP C 124 -45.66 -2.45 5.83
C ASP C 124 -46.48 -2.61 4.55
N THR C 125 -46.04 -1.97 3.46
CA THR C 125 -46.78 -2.05 2.20
C THR C 125 -46.58 -3.37 1.47
N PHE C 126 -45.66 -4.21 1.92
CA PHE C 126 -45.45 -5.54 1.34
C PHE C 126 -46.39 -6.59 1.90
N VAL C 127 -46.88 -6.40 3.13
CA VAL C 127 -47.66 -7.45 3.79
C VAL C 127 -48.89 -7.86 3.01
N PRO C 128 -49.68 -6.95 2.41
CA PRO C 128 -50.82 -7.42 1.59
C PRO C 128 -50.41 -8.40 0.49
N GLU C 129 -49.44 -8.04 -0.36
CA GLU C 129 -49.06 -8.92 -1.46
C GLU C 129 -48.51 -10.26 -0.96
N LEU C 130 -47.78 -10.22 0.17
CA LEU C 130 -47.24 -11.46 0.72
C LEU C 130 -48.36 -12.42 1.13
N ILE C 131 -49.45 -11.88 1.69
CA ILE C 131 -50.55 -12.73 2.13
C ILE C 131 -51.32 -13.28 0.92
N LYS C 132 -51.58 -12.44 -0.08
CA LYS C 132 -52.30 -12.90 -1.27
C LYS C 132 -51.48 -13.91 -2.07
N GLU C 133 -50.16 -13.84 -2.01
CA GLU C 133 -49.31 -14.81 -2.70
C GLU C 133 -48.84 -15.93 -1.78
N ASN C 134 -49.34 -15.97 -0.54
CA ASN C 134 -49.07 -17.05 0.41
C ASN C 134 -47.57 -17.22 0.68
N VAL C 135 -46.87 -16.10 0.87
CA VAL C 135 -45.43 -16.11 1.10
C VAL C 135 -45.17 -15.94 2.59
N LYS C 136 -44.31 -16.81 3.13
CA LYS C 136 -43.91 -16.74 4.53
C LYS C 136 -42.56 -16.02 4.61
N VAL C 137 -42.45 -15.07 5.54
CA VAL C 137 -41.29 -14.17 5.62
C VAL C 137 -40.39 -14.63 6.75
N ASN C 138 -39.10 -14.76 6.45
CA ASN C 138 -38.06 -14.93 7.45
C ASN C 138 -36.96 -13.92 7.18
N VAL C 139 -36.29 -13.48 8.25
CA VAL C 139 -35.22 -12.49 8.13
C VAL C 139 -33.98 -13.05 8.80
N MET C 140 -32.95 -13.32 8.00
CA MET C 140 -31.63 -13.68 8.51
C MET C 140 -30.83 -12.42 8.82
N GLY C 141 -29.93 -12.55 9.79
CA GLY C 141 -29.05 -11.46 10.17
C GLY C 141 -29.26 -11.03 11.61
N TYR C 142 -28.55 -9.96 11.97
CA TYR C 142 -28.52 -9.45 13.34
C TYR C 142 -29.47 -8.25 13.41
N GLN C 143 -30.69 -8.51 13.91
CA GLN C 143 -31.70 -7.46 13.99
C GLN C 143 -31.45 -6.50 15.14
N GLU C 144 -30.62 -6.87 16.11
CA GLU C 144 -30.34 -6.00 17.25
C GLU C 144 -29.74 -4.67 16.83
N PHE C 145 -29.08 -4.64 15.67
CA PHE C 145 -28.49 -3.41 15.15
C PHE C 145 -29.43 -2.66 14.22
N LEU C 146 -30.65 -3.16 14.02
CA LEU C 146 -31.62 -2.45 13.21
C LEU C 146 -32.28 -1.35 14.04
N PRO C 147 -32.67 -0.24 13.42
CA PRO C 147 -33.51 0.74 14.11
C PRO C 147 -34.75 0.04 14.67
N SER C 148 -35.17 0.46 15.86
CA SER C 148 -36.27 -0.18 16.57
C SER C 148 -37.56 -0.13 15.78
N HIS C 149 -37.77 0.99 15.07
CA HIS C 149 -38.92 1.06 14.16
C HIS C 149 -38.82 0.00 13.07
N THR C 150 -37.62 -0.22 12.54
CA THR C 150 -37.43 -1.25 11.53
C THR C 150 -37.56 -2.64 12.13
N GLN C 151 -37.00 -2.84 13.33
CA GLN C 151 -37.12 -4.12 14.02
C GLN C 151 -38.58 -4.51 14.17
N ASP C 152 -39.44 -3.57 14.56
CA ASP C 152 -40.85 -3.87 14.74
C ASP C 152 -41.51 -4.22 13.42
N ALA C 153 -41.20 -3.49 12.36
CA ALA C 153 -41.78 -3.79 11.05
C ALA C 153 -41.38 -5.19 10.59
N VAL C 154 -40.13 -5.58 10.85
CA VAL C 154 -39.68 -6.92 10.50
C VAL C 154 -40.43 -7.97 11.33
N LYS C 155 -40.41 -7.82 12.66
CA LYS C 155 -41.08 -8.77 13.53
C LYS C 155 -42.56 -8.86 13.23
N ARG C 156 -43.18 -7.75 12.83
CA ARG C 156 -44.60 -7.76 12.51
C ARG C 156 -44.86 -8.53 11.22
N ALA C 157 -44.07 -8.28 10.19
CA ALA C 157 -44.26 -8.97 8.91
C ALA C 157 -43.98 -10.47 9.06
N ILE C 158 -43.00 -10.84 9.89
CA ILE C 158 -42.77 -12.26 10.18
C ILE C 158 -44.01 -12.87 10.81
N GLU C 159 -44.55 -12.22 11.86
CA GLU C 159 -45.72 -12.73 12.55
C GLU C 159 -46.94 -12.79 11.63
N GLN C 160 -47.18 -11.72 10.88
CA GLN C 160 -48.34 -11.65 10.01
C GLN C 160 -48.28 -12.59 8.80
N THR C 161 -47.16 -13.29 8.61
CA THR C 161 -47.04 -14.23 7.50
C THR C 161 -46.56 -15.61 7.96
N LYS C 162 -46.49 -15.84 9.27
CA LYS C 162 -45.90 -17.09 9.75
C LYS C 162 -46.72 -18.30 9.35
N ASP C 163 -48.01 -18.12 9.08
CA ASP C 163 -48.91 -19.22 8.75
C ASP C 163 -49.05 -19.43 7.26
N ASN C 164 -48.35 -18.67 6.43
CA ASN C 164 -48.35 -18.94 5.00
C ASN C 164 -47.58 -20.21 4.70
N THR C 165 -48.04 -20.93 3.66
CA THR C 165 -47.50 -22.24 3.35
C THR C 165 -46.73 -22.28 2.05
N GLY C 166 -46.76 -21.22 1.25
CA GLY C 166 -46.05 -21.20 -0.01
C GLY C 166 -44.57 -20.87 0.15
N MET C 167 -44.04 -20.10 -0.79
CA MET C 167 -42.62 -19.80 -0.81
C MET C 167 -42.19 -19.07 0.45
N VAL C 168 -40.95 -19.27 0.84
CA VAL C 168 -40.33 -18.55 1.95
C VAL C 168 -39.49 -17.42 1.37
N LEU C 169 -39.82 -16.19 1.75
CA LEU C 169 -39.03 -15.01 1.37
C LEU C 169 -38.02 -14.77 2.50
N ASN C 170 -36.79 -15.15 2.26
CA ASN C 170 -35.76 -15.14 3.29
C ASN C 170 -34.87 -13.92 3.07
N PHE C 171 -35.01 -12.94 3.95
CA PHE C 171 -34.23 -11.70 3.86
C PHE C 171 -32.94 -11.83 4.65
N ALA C 172 -31.86 -11.27 4.11
CA ALA C 172 -30.58 -11.20 4.79
C ALA C 172 -30.25 -9.72 5.00
N LEU C 173 -30.58 -9.21 6.19
CA LEU C 173 -30.28 -7.84 6.58
C LEU C 173 -29.26 -7.86 7.70
N ASN C 174 -28.23 -7.01 7.59
CA ASN C 174 -27.12 -7.01 8.52
C ASN C 174 -26.54 -8.40 8.65
N TYR C 175 -26.16 -8.96 7.51
CA TYR C 175 -25.74 -10.35 7.42
C TYR C 175 -24.31 -10.42 6.95
N GLY C 176 -23.57 -11.38 7.50
CA GLY C 176 -22.25 -11.71 7.01
C GLY C 176 -21.99 -13.18 7.24
N ALA C 177 -21.47 -13.88 6.21
CA ALA C 177 -21.29 -15.32 6.34
C ALA C 177 -20.28 -15.66 7.43
N ARG C 178 -19.14 -14.95 7.47
CA ARG C 178 -18.16 -15.20 8.52
C ARG C 178 -18.74 -14.92 9.90
N ALA C 179 -19.50 -13.82 10.03
CA ALA C 179 -20.21 -13.56 11.28
C ALA C 179 -21.20 -14.67 11.59
N GLU C 180 -21.97 -15.10 10.58
CA GLU C 180 -22.90 -16.22 10.76
C GLU C 180 -22.17 -17.46 11.24
N LEU C 181 -21.00 -17.75 10.65
CA LEU C 181 -20.27 -18.95 11.03
C LEU C 181 -19.66 -18.79 12.42
N LEU C 182 -19.20 -17.59 12.77
CA LEU C 182 -18.67 -17.35 14.11
C LEU C 182 -19.76 -17.48 15.16
N THR C 183 -20.97 -16.99 14.86
CA THR C 183 -22.10 -17.18 15.77
C THR C 183 -22.37 -18.66 16.01
N ALA C 184 -22.32 -19.47 14.94
CA ALA C 184 -22.56 -20.90 15.07
C ALA C 184 -21.45 -21.57 15.86
N MET C 185 -20.19 -21.15 15.64
CA MET C 185 -19.09 -21.74 16.39
C MET C 185 -19.20 -21.46 17.88
N LYS C 186 -19.61 -20.25 18.25
CA LYS C 186 -19.66 -19.87 19.66
C LYS C 186 -20.69 -20.71 20.42
N GLN C 187 -21.89 -20.86 19.87
CA GLN C 187 -22.90 -21.63 20.59
C GLN C 187 -22.59 -23.12 20.60
N ILE C 188 -21.91 -23.61 19.56
CA ILE C 188 -21.51 -25.02 19.54
C ILE C 188 -20.40 -25.25 20.56
N ALA C 189 -19.47 -24.29 20.69
CA ALA C 189 -18.45 -24.40 21.73
C ALA C 189 -19.07 -24.32 23.12
N ALA C 190 -20.14 -23.52 23.28
CA ALA C 190 -20.81 -23.46 24.56
C ALA C 190 -21.65 -24.70 24.82
N GLU C 191 -22.26 -25.26 23.78
CA GLU C 191 -22.97 -26.52 23.92
C GLU C 191 -22.03 -27.65 24.31
N VAL C 192 -20.78 -27.59 23.84
CA VAL C 192 -19.80 -28.63 24.20
C VAL C 192 -19.36 -28.45 25.65
N SER C 193 -19.17 -27.21 26.09
CA SER C 193 -18.81 -26.95 27.48
C SER C 193 -19.92 -27.38 28.44
N GLU C 194 -21.18 -27.18 28.03
CA GLU C 194 -22.29 -27.72 28.79
C GLU C 194 -22.40 -29.24 28.69
N LYS C 195 -21.55 -29.86 27.88
CA LYS C 195 -21.43 -31.32 27.78
C LYS C 195 -22.68 -31.98 27.20
N ALA C 196 -23.44 -31.26 26.38
CA ALA C 196 -24.46 -31.90 25.56
C ALA C 196 -23.85 -32.61 24.37
N TYR C 197 -22.74 -32.08 23.87
CA TYR C 197 -21.99 -32.62 22.75
C TYR C 197 -20.55 -32.76 23.19
N THR C 198 -19.89 -33.82 22.76
CA THR C 198 -18.43 -33.84 22.82
C THR C 198 -17.89 -33.31 21.50
N ALA C 199 -16.72 -32.66 21.55
CA ALA C 199 -16.19 -31.96 20.39
C ALA C 199 -16.12 -32.88 19.17
N ASP C 200 -15.75 -34.14 19.37
CA ASP C 200 -15.66 -35.07 18.25
C ASP C 200 -17.03 -35.52 17.75
N GLU C 201 -18.10 -35.22 18.47
CA GLU C 201 -19.45 -35.54 18.00
C GLU C 201 -20.01 -34.48 17.07
N ILE C 202 -19.39 -33.31 17.00
CA ILE C 202 -19.84 -32.26 16.09
C ILE C 202 -19.72 -32.76 14.66
N THR C 203 -20.83 -32.73 13.93
CA THR C 203 -20.83 -33.11 12.53
C THR C 203 -21.05 -31.87 11.67
N GLU C 204 -20.93 -32.05 10.35
CA GLU C 204 -21.30 -30.97 9.45
C GLU C 204 -22.75 -30.56 9.67
N GLU C 205 -23.60 -31.52 10.03
CA GLU C 205 -25.00 -31.18 10.28
C GLU C 205 -25.17 -30.43 11.58
N THR C 206 -24.25 -30.61 12.54
CA THR C 206 -24.25 -29.76 13.72
C THR C 206 -24.02 -28.31 13.32
N ILE C 207 -23.08 -28.07 12.41
CA ILE C 207 -22.79 -26.71 11.94
C ILE C 207 -23.97 -26.15 11.15
N ALA C 208 -24.51 -26.95 10.23
CA ALA C 208 -25.62 -26.48 9.40
C ALA C 208 -26.85 -26.18 10.24
N ASP C 209 -27.03 -26.88 11.37
CA ASP C 209 -28.18 -26.62 12.23
C ASP C 209 -28.06 -25.26 12.91
N HIS C 210 -26.84 -24.78 13.14
CA HIS C 210 -26.63 -23.53 13.86
C HIS C 210 -26.47 -22.33 12.93
N LEU C 211 -26.49 -22.54 11.62
CA LEU C 211 -26.45 -21.43 10.67
C LEU C 211 -27.81 -20.75 10.59
N MET C 212 -27.82 -19.54 10.03
CA MET C 212 -29.07 -18.80 9.94
C MET C 212 -30.01 -19.38 8.88
N THR C 213 -29.57 -20.37 8.12
CA THR C 213 -30.46 -21.17 7.28
C THR C 213 -30.93 -22.44 7.98
N GLY C 214 -30.63 -22.59 9.27
CA GLY C 214 -30.99 -23.80 9.98
C GLY C 214 -32.48 -24.01 10.13
N PHE C 215 -33.25 -22.92 10.13
CA PHE C 215 -34.70 -23.04 10.29
C PHE C 215 -35.35 -23.77 9.12
N LEU C 216 -34.71 -23.79 7.97
CA LEU C 216 -35.26 -24.45 6.80
C LEU C 216 -35.06 -25.96 6.88
N PRO C 217 -35.90 -26.74 6.22
CA PRO C 217 -35.70 -28.20 6.17
C PRO C 217 -34.39 -28.55 5.45
N THR C 218 -33.93 -29.77 5.71
CA THR C 218 -32.61 -30.22 5.25
C THR C 218 -32.39 -29.92 3.77
N GLU C 219 -33.36 -30.23 2.93
CA GLU C 219 -33.17 -30.13 1.49
C GLU C 219 -33.30 -28.70 0.97
N LEU C 220 -33.78 -27.76 1.78
CA LEU C 220 -33.98 -26.39 1.35
C LEU C 220 -32.92 -25.43 1.89
N ARG C 221 -32.05 -25.90 2.79
CA ARG C 221 -31.11 -25.00 3.46
C ARG C 221 -30.11 -24.39 2.48
N ASP C 222 -29.59 -25.18 1.56
CA ASP C 222 -28.56 -24.67 0.67
C ASP C 222 -29.15 -24.28 -0.67
N PRO C 223 -28.92 -23.05 -1.14
CA PRO C 223 -29.45 -22.66 -2.44
C PRO C 223 -28.81 -23.44 -3.57
N GLU C 224 -29.62 -23.80 -4.56
CA GLU C 224 -29.10 -24.48 -5.74
C GLU C 224 -28.60 -23.52 -6.80
N LEU C 225 -29.03 -22.27 -6.76
CA LEU C 225 -28.58 -21.25 -7.70
C LEU C 225 -28.35 -19.96 -6.93
N LEU C 226 -27.17 -19.39 -7.07
CA LEU C 226 -26.82 -18.10 -6.48
C LEU C 226 -26.67 -17.08 -7.60
N ILE C 227 -27.42 -15.99 -7.52
CA ILE C 227 -27.43 -14.94 -8.54
C ILE C 227 -26.71 -13.72 -7.99
N ARG C 228 -25.75 -13.21 -8.76
CA ARG C 228 -24.97 -12.05 -8.37
C ARG C 228 -25.26 -10.94 -9.37
N THR C 229 -25.81 -9.83 -8.90
CA THR C 229 -26.18 -8.73 -9.78
C THR C 229 -25.07 -7.68 -9.78
N SER C 230 -25.28 -6.64 -10.58
CA SER C 230 -24.43 -5.46 -10.68
C SER C 230 -23.05 -5.75 -11.28
N GLY C 231 -22.87 -6.90 -11.92
CA GLY C 231 -21.69 -7.19 -12.71
C GLY C 231 -20.44 -7.55 -11.93
N GLU C 232 -20.51 -7.60 -10.61
CA GLU C 232 -19.35 -8.01 -9.82
C GLU C 232 -19.25 -9.53 -9.82
N GLU C 233 -18.03 -10.05 -10.03
CA GLU C 233 -17.78 -11.48 -9.95
C GLU C 233 -17.21 -11.82 -8.58
N ARG C 234 -18.04 -11.60 -7.56
CA ARG C 234 -17.65 -11.80 -6.17
C ARG C 234 -18.78 -12.47 -5.40
N ILE C 235 -18.39 -13.34 -4.46
CA ILE C 235 -19.35 -13.98 -3.56
C ILE C 235 -19.74 -13.04 -2.42
N SER C 236 -18.77 -12.26 -1.93
CA SER C 236 -19.02 -11.17 -0.99
C SER C 236 -19.69 -11.65 0.31
N ASN C 237 -19.06 -12.64 0.95
CA ASN C 237 -19.35 -12.99 2.35
C ASN C 237 -20.83 -13.38 2.56
N PHE C 238 -21.37 -14.19 1.63
CA PHE C 238 -22.78 -14.52 1.63
C PHE C 238 -22.97 -16.03 1.53
N LEU C 239 -23.52 -16.64 2.57
CA LEU C 239 -23.85 -18.07 2.58
C LEU C 239 -22.66 -18.93 2.15
N LEU C 240 -21.50 -18.60 2.72
CA LEU C 240 -20.27 -19.30 2.33
C LEU C 240 -20.40 -20.81 2.50
N TRP C 241 -20.92 -21.24 3.66
CA TRP C 241 -21.08 -22.67 3.89
C TRP C 241 -22.11 -23.27 2.94
N GLN C 242 -23.21 -22.55 2.69
CA GLN C 242 -24.35 -23.11 1.97
C GLN C 242 -24.14 -23.15 0.46
N ILE C 243 -23.25 -22.32 -0.09
CA ILE C 243 -23.07 -22.27 -1.54
C ILE C 243 -21.92 -23.17 -1.95
N ALA C 244 -21.59 -24.13 -1.09
CA ALA C 244 -20.47 -25.03 -1.34
C ALA C 244 -20.60 -25.75 -2.67
N TYR C 245 -21.84 -26.00 -3.13
CA TYR C 245 -22.11 -26.74 -4.35
C TYR C 245 -23.12 -26.06 -5.25
N SER C 246 -23.48 -24.81 -4.96
CA SER C 246 -24.50 -24.11 -5.73
C SER C 246 -23.98 -23.74 -7.12
N GLU C 247 -24.91 -23.61 -8.06
CA GLU C 247 -24.59 -23.03 -9.35
C GLU C 247 -24.50 -21.52 -9.21
N LEU C 248 -23.50 -20.93 -9.85
CA LEU C 248 -23.28 -19.50 -9.80
C LEU C 248 -23.68 -18.87 -11.13
N PHE C 249 -24.47 -17.80 -11.06
CA PHE C 249 -24.87 -17.04 -12.25
C PHE C 249 -24.61 -15.57 -12.00
N PHE C 250 -23.89 -14.93 -12.91
CA PHE C 250 -23.54 -13.53 -12.80
C PHE C 250 -24.18 -12.74 -13.92
N THR C 251 -24.88 -11.67 -13.56
CA THR C 251 -25.51 -10.78 -14.53
C THR C 251 -24.99 -9.36 -14.34
N LYS C 252 -24.79 -8.67 -15.45
CA LYS C 252 -24.41 -7.26 -15.39
C LYS C 252 -25.58 -6.36 -15.03
N ALA C 253 -26.79 -6.91 -14.98
CA ALA C 253 -27.98 -6.12 -14.69
C ALA C 253 -27.95 -5.63 -13.26
N LEU C 254 -28.07 -4.31 -13.08
CA LEU C 254 -28.27 -3.76 -11.75
C LEU C 254 -29.60 -4.27 -11.20
N TRP C 255 -29.68 -4.34 -9.88
CA TRP C 255 -30.87 -4.92 -9.25
C TRP C 255 -32.17 -4.24 -9.65
N PRO C 256 -32.28 -2.91 -9.71
CA PRO C 256 -33.57 -2.31 -10.08
C PRO C 256 -34.04 -2.70 -11.47
N ASP C 257 -33.12 -3.10 -12.35
CA ASP C 257 -33.46 -3.57 -13.69
C ASP C 257 -33.65 -5.08 -13.76
N PHE C 258 -33.42 -5.79 -12.65
CA PHE C 258 -33.57 -7.25 -12.63
C PHE C 258 -35.03 -7.61 -12.83
N SER C 259 -35.36 -8.19 -13.98
CA SER C 259 -36.72 -8.55 -14.31
C SER C 259 -36.96 -10.02 -14.04
N GLY C 260 -38.20 -10.45 -14.27
CA GLY C 260 -38.50 -11.88 -14.28
C GLY C 260 -37.88 -12.61 -15.45
N ASP C 261 -37.60 -11.90 -16.55
CA ASP C 261 -36.85 -12.51 -17.64
C ASP C 261 -35.39 -12.72 -17.26
N THR C 262 -34.86 -11.88 -16.36
CA THR C 262 -33.51 -12.12 -15.84
C THR C 262 -33.49 -13.33 -14.92
N LEU C 263 -34.52 -13.48 -14.08
CA LEU C 263 -34.62 -14.65 -13.22
C LEU C 263 -34.69 -15.93 -14.05
N GLU C 264 -35.49 -15.93 -15.12
CA GLU C 264 -35.58 -17.12 -15.95
C GLU C 264 -34.28 -17.38 -16.69
N THR C 265 -33.63 -16.32 -17.16
CA THR C 265 -32.33 -16.47 -17.79
C THR C 265 -31.33 -17.13 -16.84
N ALA C 266 -31.35 -16.70 -15.58
CA ALA C 266 -30.52 -17.34 -14.57
C ALA C 266 -30.92 -18.78 -14.36
N ILE C 267 -32.23 -19.06 -14.34
CA ILE C 267 -32.69 -20.43 -14.15
C ILE C 267 -32.37 -21.27 -15.38
N ALA C 268 -32.47 -20.68 -16.58
CA ALA C 268 -32.01 -21.36 -17.78
C ALA C 268 -30.55 -21.78 -17.67
N SER C 269 -29.74 -20.95 -17.00
CA SER C 269 -28.33 -21.31 -16.81
C SER C 269 -28.19 -22.47 -15.83
N PHE C 270 -29.00 -22.47 -14.77
CA PHE C 270 -28.99 -23.60 -13.83
C PHE C 270 -29.43 -24.88 -14.51
N GLN C 271 -30.30 -24.78 -15.52
CA GLN C 271 -30.75 -25.94 -16.29
C GLN C 271 -29.70 -26.42 -17.28
N ASN C 272 -28.45 -25.96 -17.16
CA ASN C 272 -27.36 -26.32 -18.06
C ASN C 272 -27.79 -26.20 -19.52
N ARG C 273 -28.42 -25.07 -19.83
CA ARG C 273 -29.01 -24.82 -21.14
C ARG C 273 -30.13 -25.80 -21.41
N TYR D 39 16.74 -22.87 -30.81
CA TYR D 39 15.56 -23.72 -30.63
C TYR D 39 14.38 -22.83 -30.31
N ALA D 40 13.43 -23.33 -29.53
CA ALA D 40 12.22 -22.60 -29.22
C ALA D 40 12.39 -21.73 -27.97
N PHE D 41 11.65 -20.63 -27.94
CA PHE D 41 11.68 -19.72 -26.80
C PHE D 41 10.87 -20.32 -25.65
N ASP D 42 11.42 -20.27 -24.44
CA ASP D 42 10.75 -20.75 -23.24
C ASP D 42 10.25 -19.54 -22.45
N LYS D 43 8.94 -19.29 -22.51
CA LYS D 43 8.38 -18.15 -21.79
C LYS D 43 8.65 -18.22 -20.30
N GLU D 44 8.79 -19.44 -19.77
CA GLU D 44 9.13 -19.63 -18.36
C GLU D 44 10.63 -19.74 -18.12
N GLY D 45 11.44 -19.64 -19.16
CA GLY D 45 12.87 -19.71 -19.01
C GLY D 45 13.49 -18.38 -18.61
N GLN D 46 14.81 -18.31 -18.77
CA GLN D 46 15.57 -17.14 -18.36
C GLN D 46 15.41 -16.01 -19.37
N ILE D 47 15.29 -14.79 -18.86
CA ILE D 47 15.18 -13.59 -19.68
C ILE D 47 16.40 -12.72 -19.40
N PRO D 48 17.10 -12.23 -20.42
CA PRO D 48 18.25 -11.35 -20.15
C PRO D 48 17.81 -10.07 -19.47
N GLN D 49 18.57 -9.65 -18.46
CA GLN D 49 18.26 -8.41 -17.77
C GLN D 49 18.47 -7.21 -18.69
N HIS D 50 19.57 -7.20 -19.43
CA HIS D 50 19.95 -6.08 -20.29
C HIS D 50 20.13 -6.63 -21.71
N ILE D 51 19.29 -6.16 -22.63
CA ILE D 51 19.36 -6.54 -24.04
C ILE D 51 19.70 -5.29 -24.84
N ALA D 52 20.72 -5.38 -25.68
CA ALA D 52 21.12 -4.30 -26.56
C ALA D 52 20.86 -4.70 -28.01
N ILE D 53 20.29 -3.79 -28.79
CA ILE D 53 19.97 -4.02 -30.18
C ILE D 53 20.60 -2.93 -31.02
N ILE D 54 21.28 -3.32 -32.10
CA ILE D 54 21.73 -2.39 -33.12
C ILE D 54 20.66 -2.38 -34.21
N MET D 55 19.86 -1.31 -34.23
CA MET D 55 18.76 -1.19 -35.18
C MET D 55 19.32 -0.85 -36.55
N ASP D 56 19.22 -1.78 -37.48
CA ASP D 56 19.83 -1.66 -38.79
C ASP D 56 18.85 -2.16 -39.84
N GLY D 57 18.94 -1.61 -41.03
CA GLY D 57 18.11 -2.06 -42.13
C GLY D 57 16.94 -1.16 -42.48
N ASN D 58 16.84 0.03 -41.87
CA ASN D 58 15.69 0.88 -42.14
C ASN D 58 15.64 1.34 -43.59
N GLY D 59 16.78 1.76 -44.14
CA GLY D 59 16.81 2.21 -45.52
C GLY D 59 16.55 1.09 -46.51
N ARG D 60 17.26 -0.03 -46.34
CA ARG D 60 17.08 -1.19 -47.23
C ARG D 60 15.63 -1.65 -47.22
N TRP D 61 14.97 -1.56 -46.07
CA TRP D 61 13.56 -1.90 -45.97
C TRP D 61 12.73 -1.03 -46.91
N ALA D 62 13.03 0.26 -46.98
CA ALA D 62 12.30 1.16 -47.87
C ALA D 62 12.67 0.92 -49.33
N GLN D 63 13.95 0.68 -49.61
CA GLN D 63 14.39 0.43 -50.98
C GLN D 63 13.68 -0.76 -51.59
N ASN D 64 13.53 -1.85 -50.82
CA ASN D 64 12.88 -3.05 -51.34
C ASN D 64 11.42 -2.80 -51.68
N ARG D 65 10.75 -1.93 -50.93
CA ARG D 65 9.40 -1.51 -51.25
C ARG D 65 9.36 -0.31 -52.19
N ARG D 66 10.53 0.20 -52.59
CA ARG D 66 10.70 1.42 -53.39
C ARG D 66 10.10 2.65 -52.72
N LEU D 67 9.67 2.55 -51.46
CA LEU D 67 9.27 3.73 -50.72
C LEU D 67 10.47 4.66 -50.55
N PRO D 68 10.23 5.94 -50.26
CA PRO D 68 11.35 6.82 -49.88
C PRO D 68 12.01 6.30 -48.62
N ARG D 69 13.34 6.43 -48.57
CA ARG D 69 14.08 5.85 -47.45
C ARG D 69 13.71 6.48 -46.10
N ILE D 70 13.02 7.61 -46.10
CA ILE D 70 12.51 8.15 -44.84
C ILE D 70 11.35 7.31 -44.31
N ALA D 71 10.66 6.58 -45.19
CA ALA D 71 9.59 5.68 -44.73
C ALA D 71 10.15 4.50 -43.96
N GLY D 72 11.37 4.07 -44.31
CA GLY D 72 12.00 3.00 -43.53
C GLY D 72 12.36 3.45 -42.13
N HIS D 73 12.80 4.70 -41.98
CA HIS D 73 13.20 5.19 -40.66
C HIS D 73 11.99 5.53 -39.80
N LYS D 74 10.91 6.03 -40.42
CA LYS D 74 9.70 6.28 -39.65
C LYS D 74 9.00 4.96 -39.30
N GLU D 75 9.11 3.96 -40.17
CA GLU D 75 8.60 2.63 -39.82
C GLU D 75 9.44 1.99 -38.73
N GLY D 76 10.76 2.20 -38.77
CA GLY D 76 11.62 1.64 -37.75
C GLY D 76 11.29 2.16 -36.36
N MET D 77 10.78 3.39 -36.28
CA MET D 77 10.37 3.93 -35.00
C MET D 77 9.11 3.26 -34.48
N ASP D 78 8.19 2.87 -35.37
CA ASP D 78 7.07 2.05 -34.95
C ASP D 78 7.56 0.74 -34.35
N THR D 79 8.62 0.16 -34.94
CA THR D 79 9.19 -1.06 -34.38
C THR D 79 9.79 -0.80 -33.00
N VAL D 80 10.41 0.36 -32.81
CA VAL D 80 10.95 0.72 -31.51
C VAL D 80 9.87 0.65 -30.44
N LYS D 81 8.69 1.18 -30.75
CA LYS D 81 7.58 1.13 -29.81
C LYS D 81 7.12 -0.31 -29.56
N LYS D 82 7.08 -1.13 -30.62
CA LYS D 82 6.66 -2.52 -30.45
C LYS D 82 7.65 -3.29 -29.59
N ILE D 83 8.95 -3.15 -29.86
CA ILE D 83 9.94 -3.95 -29.14
C ILE D 83 10.08 -3.46 -27.70
N THR D 84 9.97 -2.14 -27.48
CA THR D 84 9.98 -1.64 -26.11
C THR D 84 8.85 -2.24 -25.29
N LYS D 85 7.66 -2.38 -25.87
CA LYS D 85 6.52 -2.91 -25.14
C LYS D 85 6.70 -4.41 -24.86
N HIS D 86 7.08 -5.18 -25.88
CA HIS D 86 7.24 -6.61 -25.69
C HIS D 86 8.38 -6.93 -24.73
N ALA D 87 9.50 -6.22 -24.85
CA ALA D 87 10.61 -6.44 -23.91
C ALA D 87 10.18 -6.10 -22.49
N SER D 88 9.41 -5.03 -22.33
CA SER D 88 8.89 -4.68 -21.01
C SER D 88 7.97 -5.77 -20.46
N HIS D 89 7.21 -6.44 -21.34
CA HIS D 89 6.29 -7.48 -20.90
C HIS D 89 7.00 -8.80 -20.64
N LEU D 90 8.18 -9.02 -21.23
CA LEU D 90 8.95 -10.21 -20.92
C LEU D 90 9.76 -10.07 -19.64
N GLY D 91 9.80 -8.89 -19.04
CA GLY D 91 10.57 -8.69 -17.82
C GLY D 91 11.99 -8.22 -18.04
N VAL D 92 12.35 -7.76 -19.24
CA VAL D 92 13.69 -7.24 -19.46
C VAL D 92 13.89 -5.99 -18.61
N LYS D 93 15.04 -5.90 -17.94
CA LYS D 93 15.28 -4.78 -17.04
C LYS D 93 15.78 -3.55 -17.79
N VAL D 94 16.68 -3.74 -18.76
CA VAL D 94 17.26 -2.64 -19.53
C VAL D 94 17.22 -3.01 -21.01
N LEU D 95 16.79 -2.08 -21.84
CA LEU D 95 16.79 -2.24 -23.30
C LEU D 95 17.53 -1.06 -23.91
N THR D 96 18.75 -1.29 -24.40
CA THR D 96 19.56 -0.25 -25.03
C THR D 96 19.44 -0.37 -26.54
N LEU D 97 19.00 0.71 -27.18
CA LEU D 97 18.77 0.73 -28.63
C LEU D 97 19.76 1.70 -29.28
N TYR D 98 20.38 1.25 -30.36
CA TYR D 98 21.40 2.03 -31.07
C TYR D 98 20.84 2.46 -32.42
N ALA D 99 20.66 3.76 -32.60
CA ALA D 99 20.24 4.30 -33.89
C ALA D 99 21.36 4.15 -34.90
N PHE D 100 21.05 3.52 -36.03
CA PHE D 100 22.06 3.28 -37.08
C PHE D 100 21.41 3.18 -38.47
N ASN D 113 18.66 18.57 -40.89
CA ASN D 113 17.95 18.63 -39.62
C ASN D 113 16.93 17.50 -39.52
N PHE D 114 16.23 17.25 -40.64
CA PHE D 114 15.29 16.12 -40.69
C PHE D 114 16.03 14.80 -40.51
N LEU D 115 17.31 14.78 -40.85
CA LEU D 115 18.30 13.85 -40.32
C LEU D 115 17.98 13.48 -38.88
N MET D 116 17.93 14.50 -38.03
CA MET D 116 17.81 14.36 -36.59
C MET D 116 16.51 14.92 -36.02
N GLN D 117 15.57 15.32 -36.89
CA GLN D 117 14.28 15.79 -36.42
C GLN D 117 13.41 14.65 -35.92
N LEU D 118 13.74 13.42 -36.29
CA LEU D 118 12.97 12.24 -35.92
C LEU D 118 12.60 12.17 -34.45
N PRO D 119 13.50 12.41 -33.48
CA PRO D 119 13.14 12.19 -32.07
C PRO D 119 12.12 13.16 -31.48
N VAL D 120 11.78 14.27 -32.15
CA VAL D 120 10.86 15.22 -31.50
C VAL D 120 9.45 14.66 -31.48
N ASP D 121 8.95 14.19 -32.62
CA ASP D 121 7.61 13.64 -32.65
C ASP D 121 7.58 12.20 -32.16
N PHE D 122 8.70 11.49 -32.28
CA PHE D 122 8.78 10.15 -31.68
C PHE D 122 8.55 10.21 -30.18
N PHE D 123 9.42 10.91 -29.46
CA PHE D 123 9.34 10.94 -28.01
C PHE D 123 8.02 11.54 -27.55
N ASP D 124 7.60 12.64 -28.17
CA ASP D 124 6.40 13.34 -27.70
C ASP D 124 5.18 12.43 -27.76
N THR D 125 5.00 11.70 -28.87
CA THR D 125 3.87 10.79 -28.98
C THR D 125 4.13 9.44 -28.31
N PHE D 126 5.39 9.12 -28.02
CA PHE D 126 5.73 7.88 -27.32
C PHE D 126 5.69 8.02 -25.80
N VAL D 127 5.75 9.25 -25.27
CA VAL D 127 5.82 9.42 -23.82
C VAL D 127 4.62 8.83 -23.10
N PRO D 128 3.37 9.04 -23.54
CA PRO D 128 2.24 8.43 -22.81
C PRO D 128 2.37 6.93 -22.61
N GLU D 129 2.59 6.17 -23.69
CA GLU D 129 2.72 4.73 -23.56
C GLU D 129 3.92 4.34 -22.70
N LEU D 130 4.98 5.14 -22.72
CA LEU D 130 6.11 4.88 -21.83
C LEU D 130 5.70 5.01 -20.38
N ILE D 131 4.81 5.96 -20.07
CA ILE D 131 4.30 6.11 -18.72
C ILE D 131 3.42 4.91 -18.35
N LYS D 132 2.51 4.54 -19.25
CA LYS D 132 1.63 3.40 -19.00
C LYS D 132 2.42 2.13 -18.75
N GLU D 133 3.55 1.95 -19.42
CA GLU D 133 4.38 0.77 -19.25
C GLU D 133 5.44 0.94 -18.17
N ASN D 134 5.42 2.05 -17.43
CA ASN D 134 6.34 2.26 -16.31
C ASN D 134 7.80 2.24 -16.76
N VAL D 135 8.08 2.71 -17.97
CA VAL D 135 9.42 2.67 -18.54
C VAL D 135 10.18 3.95 -18.21
N LYS D 136 11.39 3.80 -17.70
CA LYS D 136 12.27 4.94 -17.43
C LYS D 136 13.18 5.15 -18.63
N VAL D 137 13.15 6.36 -19.18
CA VAL D 137 13.88 6.67 -20.40
C VAL D 137 15.23 7.26 -20.03
N ASN D 138 16.28 6.76 -20.67
CA ASN D 138 17.61 7.36 -20.59
C ASN D 138 18.18 7.42 -21.99
N VAL D 139 19.02 8.41 -22.25
CA VAL D 139 19.67 8.54 -23.55
C VAL D 139 21.17 8.71 -23.33
N MET D 140 21.96 7.82 -23.94
CA MET D 140 23.41 7.94 -23.93
C MET D 140 23.88 8.76 -25.12
N GLY D 141 25.04 9.37 -24.97
CA GLY D 141 25.64 10.16 -26.03
C GLY D 141 25.66 11.63 -25.68
N TYR D 142 26.24 12.40 -26.60
CA TYR D 142 26.44 13.84 -26.41
C TYR D 142 25.21 14.55 -26.95
N GLN D 143 24.22 14.73 -26.06
CA GLN D 143 23.06 15.52 -26.40
C GLN D 143 23.42 16.95 -26.72
N GLU D 144 24.57 17.41 -26.24
CA GLU D 144 24.99 18.79 -26.44
C GLU D 144 24.91 19.19 -27.91
N PHE D 145 25.21 18.27 -28.83
CA PHE D 145 25.54 18.67 -30.20
C PHE D 145 24.34 18.69 -31.14
N LEU D 146 23.26 17.98 -30.80
CA LEU D 146 22.11 17.84 -31.69
C LEU D 146 21.16 19.02 -31.52
N PRO D 147 20.20 19.17 -32.46
CA PRO D 147 19.37 20.38 -32.48
C PRO D 147 18.68 20.71 -31.15
N SER D 148 18.52 22.02 -30.93
CA SER D 148 17.85 22.54 -29.75
C SER D 148 16.46 21.95 -29.57
N HIS D 149 15.69 21.88 -30.67
CA HIS D 149 14.32 21.40 -30.58
C HIS D 149 14.26 19.94 -30.20
N THR D 150 15.17 19.12 -30.74
CA THR D 150 15.24 17.71 -30.36
C THR D 150 15.81 17.55 -28.96
N GLN D 151 16.66 18.47 -28.51
CA GLN D 151 17.24 18.37 -27.18
C GLN D 151 16.19 18.53 -26.09
N ASP D 152 15.18 19.38 -26.33
CA ASP D 152 14.17 19.60 -25.30
C ASP D 152 13.15 18.46 -25.27
N ALA D 153 12.78 17.94 -26.45
CA ALA D 153 11.90 16.77 -26.49
C ALA D 153 12.54 15.59 -25.75
N VAL D 154 13.85 15.42 -25.89
CA VAL D 154 14.54 14.33 -25.19
C VAL D 154 14.62 14.63 -23.70
N LYS D 155 14.99 15.86 -23.35
CA LYS D 155 15.08 16.22 -21.94
C LYS D 155 13.72 16.15 -21.25
N ARG D 156 12.65 16.41 -22.00
CA ARG D 156 11.33 16.29 -21.40
C ARG D 156 10.96 14.83 -21.15
N ALA D 157 11.22 13.97 -22.14
CA ALA D 157 10.88 12.55 -21.99
C ALA D 157 11.63 11.93 -20.82
N ILE D 158 12.89 12.31 -20.60
CA ILE D 158 13.61 11.84 -19.43
C ILE D 158 12.95 12.33 -18.16
N GLU D 159 12.59 13.62 -18.12
CA GLU D 159 12.01 14.18 -16.91
C GLU D 159 10.64 13.57 -16.62
N GLN D 160 9.81 13.40 -17.65
CA GLN D 160 8.46 12.90 -17.44
C GLN D 160 8.45 11.41 -17.08
N THR D 161 9.55 10.68 -17.30
CA THR D 161 9.62 9.26 -16.97
C THR D 161 10.63 8.97 -15.87
N LYS D 162 11.20 10.01 -15.24
CA LYS D 162 12.27 9.83 -14.27
C LYS D 162 11.86 8.94 -13.11
N ASP D 163 10.59 8.96 -12.74
CA ASP D 163 10.13 8.24 -11.55
C ASP D 163 9.52 6.89 -11.88
N ASN D 164 9.62 6.45 -13.12
CA ASN D 164 9.17 5.11 -13.46
C ASN D 164 10.15 4.07 -12.95
N THR D 165 9.60 2.92 -12.55
CA THR D 165 10.38 1.89 -11.88
C THR D 165 10.50 0.59 -12.68
N GLY D 166 9.94 0.56 -13.89
CA GLY D 166 10.05 -0.64 -14.70
C GLY D 166 11.28 -0.68 -15.59
N MET D 167 11.12 -1.15 -16.82
CA MET D 167 12.24 -1.31 -17.72
C MET D 167 12.86 0.05 -18.05
N VAL D 168 14.16 0.05 -18.28
CA VAL D 168 14.90 1.24 -18.70
C VAL D 168 15.06 1.19 -20.21
N LEU D 169 14.44 2.14 -20.91
CA LEU D 169 14.65 2.30 -22.35
C LEU D 169 15.85 3.23 -22.54
N ASN D 170 16.96 2.66 -22.98
CA ASN D 170 18.24 3.37 -23.03
C ASN D 170 18.58 3.69 -24.48
N PHE D 171 18.42 4.96 -24.87
CA PHE D 171 18.67 5.38 -26.24
C PHE D 171 20.12 5.78 -26.42
N ALA D 172 20.68 5.38 -27.56
CA ALA D 172 22.03 5.80 -27.94
C ALA D 172 21.87 6.72 -29.14
N LEU D 173 21.77 8.02 -28.85
CA LEU D 173 21.71 9.06 -29.88
C LEU D 173 23.01 9.86 -29.83
N ASN D 174 23.62 10.08 -30.99
CA ASN D 174 24.94 10.71 -31.07
C ASN D 174 25.90 10.00 -30.12
N TYR D 175 25.96 8.68 -30.25
CA TYR D 175 26.74 7.85 -29.35
C TYR D 175 27.79 7.07 -30.13
N GLY D 176 28.92 6.84 -29.48
CA GLY D 176 29.99 6.02 -30.02
C GLY D 176 30.82 5.46 -28.89
N ALA D 177 31.10 4.16 -28.93
CA ALA D 177 31.77 3.52 -27.79
C ALA D 177 33.16 4.11 -27.59
N ARG D 178 33.90 4.31 -28.68
CA ARG D 178 35.25 4.85 -28.56
C ARG D 178 35.23 6.27 -27.99
N ALA D 179 34.31 7.10 -28.48
CA ALA D 179 34.14 8.43 -27.89
C ALA D 179 33.73 8.34 -26.42
N GLU D 180 32.86 7.39 -26.09
CA GLU D 180 32.43 7.21 -24.71
C GLU D 180 33.59 6.83 -23.82
N LEU D 181 34.51 6.01 -24.32
CA LEU D 181 35.68 5.66 -23.53
C LEU D 181 36.64 6.83 -23.42
N LEU D 182 36.75 7.65 -24.47
CA LEU D 182 37.55 8.85 -24.39
C LEU D 182 37.00 9.82 -23.36
N THR D 183 35.67 9.99 -23.34
CA THR D 183 35.06 10.87 -22.36
C THR D 183 35.22 10.32 -20.95
N ALA D 184 35.22 8.99 -20.79
CA ALA D 184 35.41 8.41 -19.48
C ALA D 184 36.84 8.62 -18.99
N MET D 185 37.81 8.67 -19.91
CA MET D 185 39.20 8.82 -19.50
C MET D 185 39.57 10.27 -19.27
N LYS D 186 39.03 11.18 -20.10
CA LYS D 186 39.23 12.61 -19.87
C LYS D 186 38.75 13.01 -18.48
N GLN D 187 37.69 12.36 -17.98
CA GLN D 187 37.24 12.63 -16.62
C GLN D 187 38.18 12.00 -15.60
N ILE D 188 38.47 10.70 -15.74
CA ILE D 188 39.31 10.01 -14.76
C ILE D 188 40.69 10.64 -14.69
N ALA D 189 41.25 11.00 -15.84
CA ALA D 189 42.54 11.69 -15.83
C ALA D 189 42.46 13.02 -15.09
N ALA D 190 41.36 13.75 -15.27
CA ALA D 190 41.19 15.03 -14.60
C ALA D 190 41.05 14.86 -13.10
N GLU D 191 40.21 13.91 -12.67
CA GLU D 191 39.94 13.72 -11.25
C GLU D 191 41.20 13.29 -10.49
N VAL D 192 41.98 12.39 -11.08
CA VAL D 192 43.24 12.00 -10.45
C VAL D 192 44.27 13.12 -10.56
N SER D 193 44.12 14.04 -11.52
CA SER D 193 44.94 15.23 -11.52
C SER D 193 44.52 16.20 -10.42
N GLU D 194 43.26 16.12 -9.99
CA GLU D 194 42.79 16.83 -8.80
C GLU D 194 43.08 16.07 -7.51
N LYS D 195 43.93 15.04 -7.59
CA LYS D 195 44.32 14.19 -6.47
C LYS D 195 43.12 13.63 -5.69
N ALA D 196 42.03 13.32 -6.39
CA ALA D 196 40.94 12.59 -5.75
C ALA D 196 41.35 11.17 -5.38
N TYR D 197 42.25 10.57 -6.15
CA TYR D 197 42.90 9.29 -5.82
C TYR D 197 44.23 9.26 -6.55
N THR D 198 44.84 8.07 -6.68
CA THR D 198 46.06 7.93 -7.47
C THR D 198 45.79 7.04 -8.68
N ALA D 199 46.81 6.95 -9.55
CA ALA D 199 46.63 6.28 -10.82
C ALA D 199 46.47 4.77 -10.64
N ASP D 200 47.23 4.16 -9.73
CA ASP D 200 47.12 2.71 -9.55
C ASP D 200 45.90 2.31 -8.72
N GLU D 201 45.20 3.27 -8.12
CA GLU D 201 43.91 2.95 -7.51
C GLU D 201 42.76 2.99 -8.50
N ILE D 202 43.00 3.46 -9.73
CA ILE D 202 42.01 3.32 -10.79
C ILE D 202 41.76 1.84 -11.01
N THR D 203 40.48 1.46 -11.10
CA THR D 203 40.09 0.09 -11.34
C THR D 203 39.13 0.04 -12.52
N GLU D 204 38.80 -1.18 -12.94
CA GLU D 204 37.82 -1.33 -14.01
C GLU D 204 36.48 -0.72 -13.63
N GLU D 205 36.12 -0.80 -12.34
CA GLU D 205 34.88 -0.18 -11.90
C GLU D 205 34.97 1.33 -11.95
N THR D 206 36.17 1.90 -11.77
CA THR D 206 36.35 3.32 -12.02
C THR D 206 35.96 3.66 -13.45
N ILE D 207 36.48 2.90 -14.41
CA ILE D 207 36.12 3.08 -15.81
C ILE D 207 34.62 2.81 -16.01
N ALA D 208 34.12 1.73 -15.41
CA ALA D 208 32.70 1.39 -15.59
C ALA D 208 31.79 2.48 -15.05
N ASP D 209 32.19 3.14 -13.95
CA ASP D 209 31.36 4.22 -13.41
C ASP D 209 31.30 5.40 -14.36
N HIS D 210 32.38 5.66 -15.09
CA HIS D 210 32.48 6.82 -15.97
C HIS D 210 32.01 6.53 -17.39
N LEU D 211 31.57 5.31 -17.68
CA LEU D 211 30.91 5.05 -18.96
C LEU D 211 29.47 5.53 -18.89
N MET D 212 28.87 5.69 -20.08
CA MET D 212 27.51 6.21 -20.16
C MET D 212 26.46 5.22 -19.67
N THR D 213 26.86 3.99 -19.32
CA THR D 213 25.96 3.06 -18.64
C THR D 213 26.20 3.02 -17.14
N GLY D 214 27.05 3.91 -16.61
CA GLY D 214 27.38 3.90 -15.20
C GLY D 214 26.21 4.25 -14.30
N PHE D 215 25.22 4.98 -14.82
CA PHE D 215 24.04 5.28 -14.03
C PHE D 215 23.31 4.01 -13.61
N LEU D 216 23.44 2.94 -14.39
CA LEU D 216 22.78 1.71 -14.04
C LEU D 216 23.51 1.03 -12.88
N PRO D 217 22.79 0.29 -12.04
CA PRO D 217 23.47 -0.53 -11.03
C PRO D 217 24.37 -1.56 -11.70
N THR D 218 25.32 -2.09 -10.91
CA THR D 218 26.39 -2.89 -11.49
C THR D 218 25.84 -4.11 -12.23
N GLU D 219 24.80 -4.75 -11.69
CA GLU D 219 24.28 -5.97 -12.32
C GLU D 219 23.57 -5.69 -13.64
N LEU D 220 23.16 -4.45 -13.88
CA LEU D 220 22.41 -4.09 -15.09
C LEU D 220 23.25 -3.33 -16.10
N ARG D 221 24.49 -2.98 -15.75
CA ARG D 221 25.33 -2.17 -16.64
C ARG D 221 25.64 -2.88 -17.94
N ASP D 222 26.14 -4.12 -17.86
CA ASP D 222 26.56 -4.82 -19.07
C ASP D 222 25.38 -5.58 -19.67
N PRO D 223 25.15 -5.49 -20.97
CA PRO D 223 24.13 -6.35 -21.60
C PRO D 223 24.55 -7.80 -21.56
N GLU D 224 23.57 -8.67 -21.45
CA GLU D 224 23.80 -10.11 -21.57
C GLU D 224 23.51 -10.62 -22.96
N LEU D 225 22.81 -9.84 -23.80
CA LEU D 225 22.46 -10.25 -25.15
C LEU D 225 22.55 -9.04 -26.06
N LEU D 226 23.36 -9.14 -27.12
CA LEU D 226 23.47 -8.09 -28.14
C LEU D 226 22.91 -8.62 -29.45
N ILE D 227 21.97 -7.88 -30.04
CA ILE D 227 21.28 -8.26 -31.25
C ILE D 227 21.65 -7.29 -32.35
N ARG D 228 22.06 -7.82 -33.51
CA ARG D 228 22.34 -7.02 -34.70
C ARG D 228 21.39 -7.44 -35.81
N THR D 229 20.71 -6.48 -36.42
CA THR D 229 19.75 -6.78 -37.46
C THR D 229 20.40 -6.64 -38.84
N SER D 230 19.59 -6.85 -39.88
CA SER D 230 19.99 -6.55 -41.26
C SER D 230 21.19 -7.37 -41.72
N GLY D 231 21.36 -8.57 -41.19
CA GLY D 231 22.37 -9.48 -41.71
C GLY D 231 23.82 -9.15 -41.40
N GLU D 232 24.11 -7.92 -40.99
CA GLU D 232 25.48 -7.52 -40.70
C GLU D 232 26.00 -8.23 -39.45
N GLU D 233 27.28 -8.59 -39.47
CA GLU D 233 27.94 -9.27 -38.35
C GLU D 233 29.12 -8.42 -37.90
N ARG D 234 28.83 -7.31 -37.21
CA ARG D 234 29.87 -6.46 -36.66
C ARG D 234 29.30 -5.62 -35.53
N ILE D 235 30.20 -5.18 -34.65
CA ILE D 235 29.83 -4.39 -33.47
C ILE D 235 29.56 -2.94 -33.86
N SER D 236 30.35 -2.38 -34.77
CA SER D 236 30.19 -1.00 -35.20
C SER D 236 30.13 -0.05 -34.00
N ASN D 237 31.15 -0.13 -33.15
CA ASN D 237 31.45 0.90 -32.14
C ASN D 237 30.27 1.12 -31.18
N PHE D 238 29.87 0.05 -30.49
CA PHE D 238 28.66 0.09 -29.67
C PHE D 238 28.90 -0.68 -28.37
N LEU D 239 28.94 0.02 -27.25
CA LEU D 239 29.08 -0.60 -25.92
C LEU D 239 30.32 -1.51 -25.87
N LEU D 240 31.44 -1.01 -26.40
CA LEU D 240 32.61 -1.87 -26.58
C LEU D 240 33.08 -2.46 -25.25
N TRP D 241 33.16 -1.63 -24.21
CA TRP D 241 33.56 -2.15 -22.90
C TRP D 241 32.52 -3.12 -22.36
N GLN D 242 31.24 -2.74 -22.43
CA GLN D 242 30.18 -3.51 -21.80
C GLN D 242 29.87 -4.82 -22.50
N ILE D 243 30.28 -5.02 -23.72
CA ILE D 243 29.87 -6.18 -24.45
C ILE D 243 30.87 -7.26 -24.38
N ALA D 244 31.73 -7.19 -23.41
CA ALA D 244 32.84 -8.06 -23.29
C ALA D 244 32.45 -9.49 -23.14
N TYR D 245 31.39 -9.76 -22.44
CA TYR D 245 30.89 -11.09 -22.30
C TYR D 245 29.51 -11.36 -22.80
N SER D 246 28.93 -10.45 -23.54
CA SER D 246 27.61 -10.64 -24.09
C SER D 246 27.47 -11.72 -25.12
N GLU D 247 26.34 -12.35 -25.09
CA GLU D 247 25.92 -13.19 -26.11
C GLU D 247 25.54 -12.38 -27.28
N LEU D 248 25.91 -12.84 -28.44
CA LEU D 248 25.71 -12.18 -29.68
C LEU D 248 24.76 -12.92 -30.51
N PHE D 249 23.76 -12.24 -30.98
CA PHE D 249 22.79 -12.80 -31.86
C PHE D 249 22.69 -11.96 -33.12
N PHE D 250 22.70 -12.64 -34.25
CA PHE D 250 22.58 -12.04 -35.55
C PHE D 250 21.42 -12.57 -36.37
N THR D 251 20.57 -11.67 -36.83
CA THR D 251 19.43 -12.00 -37.67
C THR D 251 19.49 -11.22 -38.96
N LYS D 252 19.06 -11.84 -40.06
CA LYS D 252 19.00 -11.15 -41.35
C LYS D 252 17.83 -10.19 -41.43
N ALA D 253 16.90 -10.23 -40.48
CA ALA D 253 15.70 -9.41 -40.54
C ALA D 253 16.06 -7.92 -40.48
N LEU D 254 15.45 -7.15 -41.37
CA LEU D 254 15.60 -5.70 -41.29
C LEU D 254 14.82 -5.16 -40.11
N TRP D 255 15.31 -4.08 -39.53
CA TRP D 255 14.72 -3.56 -38.29
C TRP D 255 13.22 -3.30 -38.37
N PRO D 256 12.66 -2.70 -39.43
CA PRO D 256 11.19 -2.54 -39.47
C PRO D 256 10.44 -3.86 -39.45
N ASP D 257 11.08 -4.97 -39.84
CA ASP D 257 10.47 -6.29 -39.76
C ASP D 257 10.80 -7.01 -38.46
N PHE D 258 11.64 -6.44 -37.60
CA PHE D 258 11.95 -7.04 -36.31
C PHE D 258 10.71 -7.05 -35.43
N SER D 259 10.26 -8.24 -35.04
CA SER D 259 9.02 -8.41 -34.29
C SER D 259 9.31 -8.97 -32.90
N GLY D 260 8.23 -9.10 -32.10
CA GLY D 260 8.35 -9.75 -30.81
C GLY D 260 8.86 -11.16 -30.93
N ASP D 261 8.48 -11.87 -31.99
CA ASP D 261 8.97 -13.22 -32.21
C ASP D 261 10.46 -13.22 -32.54
N THR D 262 10.92 -12.23 -33.31
CA THR D 262 12.35 -12.12 -33.57
C THR D 262 13.12 -11.85 -32.28
N LEU D 263 12.54 -11.04 -31.39
CA LEU D 263 13.16 -10.84 -30.08
C LEU D 263 13.18 -12.13 -29.29
N GLU D 264 12.16 -12.96 -29.46
CA GLU D 264 12.05 -14.19 -28.69
C GLU D 264 13.00 -15.26 -29.19
N THR D 265 13.22 -15.36 -30.51
CA THR D 265 14.22 -16.30 -30.99
C THR D 265 15.61 -15.87 -30.54
N ALA D 266 15.86 -14.56 -30.47
CA ALA D 266 17.14 -14.08 -29.96
C ALA D 266 17.30 -14.47 -28.49
N ILE D 267 16.25 -14.26 -27.70
CA ILE D 267 16.29 -14.67 -26.29
C ILE D 267 16.40 -16.18 -26.19
N ALA D 268 15.74 -16.91 -27.11
CA ALA D 268 15.84 -18.36 -27.11
C ALA D 268 17.28 -18.81 -27.30
N SER D 269 18.02 -18.11 -28.16
CA SER D 269 19.44 -18.43 -28.34
C SER D 269 20.23 -18.11 -27.08
N PHE D 270 19.93 -16.98 -26.44
CA PHE D 270 20.58 -16.66 -25.17
C PHE D 270 20.34 -17.76 -24.14
N GLN D 271 19.19 -18.43 -24.22
CA GLN D 271 18.89 -19.53 -23.32
C GLN D 271 19.67 -20.77 -23.72
N ASN D 272 20.76 -20.59 -24.46
CA ASN D 272 21.57 -21.69 -25.00
C ASN D 272 20.69 -22.70 -25.74
N ARG D 273 19.75 -22.19 -26.52
CA ARG D 273 18.81 -23.00 -27.30
C ARG D 273 18.03 -23.94 -26.39
N TYR E 39 1.87 -11.44 37.56
CA TYR E 39 2.06 -10.08 38.05
C TYR E 39 0.97 -9.15 37.51
N ALA E 40 0.05 -8.75 38.37
CA ALA E 40 -1.08 -7.91 38.02
C ALA E 40 -0.97 -6.54 38.67
N PHE E 41 -1.79 -5.61 38.18
CA PHE E 41 -1.70 -4.21 38.59
C PHE E 41 -2.14 -4.04 40.05
N ASP E 42 -1.33 -3.35 40.83
CA ASP E 42 -1.58 -3.09 42.25
C ASP E 42 -1.91 -1.61 42.42
N LYS E 43 -3.20 -1.32 42.67
CA LYS E 43 -3.65 0.05 42.91
C LYS E 43 -2.80 0.74 43.98
N GLU E 44 -2.43 -0.01 45.02
CA GLU E 44 -1.64 0.55 46.11
C GLU E 44 -0.15 0.55 45.82
N GLY E 45 0.27 0.02 44.67
CA GLY E 45 1.67 -0.10 44.36
C GLY E 45 2.24 1.18 43.79
N GLN E 46 3.44 1.04 43.22
CA GLN E 46 4.12 2.17 42.63
C GLN E 46 3.45 2.55 41.31
N ILE E 47 3.20 3.84 41.12
CA ILE E 47 2.58 4.38 39.92
C ILE E 47 3.56 5.33 39.27
N PRO E 48 3.83 5.21 37.96
CA PRO E 48 4.72 6.17 37.29
C PRO E 48 4.16 7.58 37.36
N GLN E 49 4.92 8.49 37.97
CA GLN E 49 4.44 9.86 38.13
C GLN E 49 4.33 10.58 36.80
N HIS E 50 5.09 10.17 35.79
CA HIS E 50 4.99 10.74 34.44
C HIS E 50 4.92 9.60 33.44
N ILE E 51 3.82 9.54 32.71
CA ILE E 51 3.59 8.50 31.70
C ILE E 51 3.47 9.17 30.35
N ALA E 52 4.31 8.75 29.40
CA ALA E 52 4.26 9.25 28.03
C ALA E 52 3.69 8.15 27.14
N ILE E 53 2.75 8.52 26.27
CA ILE E 53 2.12 7.57 25.36
C ILE E 53 2.24 8.10 23.94
N ILE E 54 2.74 7.26 23.04
CA ILE E 54 2.73 7.56 21.61
C ILE E 54 1.45 6.99 21.03
N MET E 55 0.50 7.85 20.70
CA MET E 55 -0.79 7.42 20.19
C MET E 55 -0.65 7.12 18.70
N ASP E 56 -0.77 5.85 18.34
CA ASP E 56 -0.66 5.42 16.96
C ASP E 56 -1.67 4.33 16.69
N GLY E 57 -2.16 4.27 15.46
CA GLY E 57 -3.13 3.28 15.05
C GLY E 57 -4.55 3.78 14.97
N ASN E 58 -4.77 5.05 14.67
CA ASN E 58 -6.13 5.55 14.50
C ASN E 58 -6.67 5.22 13.12
N GLY E 59 -5.85 5.47 12.08
CA GLY E 59 -6.28 5.16 10.73
C GLY E 59 -6.52 3.67 10.51
N ARG E 60 -5.60 2.83 11.00
CA ARG E 60 -5.76 1.39 10.81
C ARG E 60 -6.97 0.87 11.58
N TRP E 61 -7.24 1.44 12.76
CA TRP E 61 -8.44 1.07 13.50
C TRP E 61 -9.69 1.37 12.70
N ALA E 62 -9.74 2.55 12.08
CA ALA E 62 -10.91 2.94 11.30
C ALA E 62 -11.07 2.08 10.06
N GLN E 63 -9.96 1.74 9.39
CA GLN E 63 -10.05 0.99 8.14
C GLN E 63 -10.41 -0.47 8.40
N ASN E 64 -9.94 -1.04 9.52
CA ASN E 64 -10.36 -2.39 9.89
C ASN E 64 -11.86 -2.48 10.08
N ARG E 65 -12.48 -1.39 10.54
CA ARG E 65 -13.92 -1.31 10.68
C ARG E 65 -14.60 -0.75 9.42
N ARG E 66 -13.87 -0.66 8.31
CA ARG E 66 -14.38 -0.10 7.05
C ARG E 66 -14.93 1.32 7.23
N LEU E 67 -14.48 2.03 8.25
CA LEU E 67 -14.94 3.38 8.51
C LEU E 67 -13.97 4.40 7.91
N PRO E 68 -14.42 5.66 7.71
CA PRO E 68 -13.55 6.65 7.05
C PRO E 68 -12.28 6.97 7.83
N ARG E 69 -11.46 7.86 7.28
CA ARG E 69 -10.16 8.13 7.89
C ARG E 69 -10.32 8.92 9.19
N ILE E 70 -11.01 10.07 9.12
CA ILE E 70 -11.06 11.00 10.25
C ILE E 70 -12.06 10.51 11.28
N ALA E 71 -12.72 9.38 10.99
CA ALA E 71 -13.62 8.79 11.98
C ALA E 71 -12.83 8.11 13.08
N GLY E 72 -11.82 7.30 12.71
CA GLY E 72 -10.94 6.69 13.69
C GLY E 72 -10.18 7.68 14.53
N HIS E 73 -9.95 8.90 14.03
CA HIS E 73 -9.31 9.93 14.83
C HIS E 73 -10.27 10.46 15.90
N LYS E 74 -11.54 10.66 15.53
CA LYS E 74 -12.53 11.08 16.52
C LYS E 74 -12.71 10.05 17.62
N GLU E 75 -12.64 8.76 17.27
CA GLU E 75 -12.66 7.73 18.30
C GLU E 75 -11.41 7.79 19.17
N GLY E 76 -10.27 8.18 18.60
CA GLY E 76 -9.06 8.30 19.39
C GLY E 76 -9.15 9.41 20.43
N MET E 77 -9.86 10.50 20.11
CA MET E 77 -9.98 11.59 21.08
C MET E 77 -10.88 11.24 22.25
N ASP E 78 -11.89 10.40 22.02
CA ASP E 78 -12.68 9.86 23.11
C ASP E 78 -11.85 8.93 23.97
N THR E 79 -10.92 8.20 23.36
CA THR E 79 -9.93 7.46 24.14
C THR E 79 -9.03 8.42 24.90
N VAL E 80 -8.69 9.57 24.31
CA VAL E 80 -7.89 10.56 25.03
C VAL E 80 -8.60 10.96 26.32
N LYS E 81 -9.92 11.20 26.24
CA LYS E 81 -10.67 11.62 27.42
C LYS E 81 -10.78 10.48 28.44
N LYS E 82 -10.99 9.26 27.97
CA LYS E 82 -11.08 8.12 28.89
C LYS E 82 -9.77 7.93 29.63
N ILE E 83 -8.65 7.87 28.90
CA ILE E 83 -7.36 7.62 29.51
C ILE E 83 -6.94 8.79 30.39
N THR E 84 -7.35 10.02 30.04
CA THR E 84 -6.99 11.16 30.87
C THR E 84 -7.63 11.06 32.26
N LYS E 85 -8.88 10.61 32.33
CA LYS E 85 -9.52 10.53 33.63
C LYS E 85 -9.08 9.29 34.42
N HIS E 86 -8.86 8.16 33.73
CA HIS E 86 -8.43 6.97 34.46
C HIS E 86 -7.01 7.13 34.98
N ALA E 87 -6.12 7.70 34.17
CA ALA E 87 -4.77 7.98 34.64
C ALA E 87 -4.78 8.99 35.78
N SER E 88 -5.72 9.94 35.73
CA SER E 88 -5.88 10.88 36.85
C SER E 88 -6.29 10.14 38.12
N HIS E 89 -7.25 9.21 38.00
CA HIS E 89 -7.74 8.50 39.18
C HIS E 89 -6.68 7.56 39.75
N LEU E 90 -5.81 7.00 38.90
CA LEU E 90 -4.76 6.12 39.40
C LEU E 90 -3.67 6.87 40.13
N GLY E 91 -3.60 8.18 39.97
CA GLY E 91 -2.59 8.98 40.63
C GLY E 91 -1.42 9.40 39.77
N VAL E 92 -1.54 9.35 38.45
CA VAL E 92 -0.48 9.84 37.59
C VAL E 92 -0.41 11.36 37.69
N LYS E 93 0.80 11.90 37.66
CA LYS E 93 0.99 13.34 37.74
C LYS E 93 1.12 14.01 36.38
N VAL E 94 1.70 13.33 35.40
CA VAL E 94 1.87 13.88 34.06
C VAL E 94 1.52 12.80 33.05
N LEU E 95 0.54 13.06 32.19
CA LEU E 95 0.21 12.18 31.07
C LEU E 95 0.58 12.93 29.79
N THR E 96 1.65 12.50 29.13
CA THR E 96 2.11 13.11 27.89
C THR E 96 1.64 12.26 26.72
N LEU E 97 0.94 12.88 25.77
CA LEU E 97 0.34 12.20 24.63
C LEU E 97 0.90 12.76 23.34
N TYR E 98 1.40 11.87 22.48
CA TYR E 98 1.94 12.24 21.17
C TYR E 98 1.04 11.70 20.07
N ALA E 99 0.77 12.53 19.07
CA ALA E 99 -0.08 12.16 17.94
C ALA E 99 0.80 11.62 16.81
N PHE E 100 0.90 10.30 16.72
CA PHE E 100 1.60 9.65 15.61
C PHE E 100 0.69 8.62 14.94
N ASN E 113 -6.86 21.70 4.78
CA ASN E 113 -6.05 20.94 5.73
C ASN E 113 -6.90 20.42 6.89
N PHE E 114 -7.45 19.22 6.69
CA PHE E 114 -8.35 18.61 7.68
C PHE E 114 -7.63 18.26 8.97
N LEU E 115 -6.33 17.99 8.91
CA LEU E 115 -5.61 17.33 10.00
C LEU E 115 -5.80 18.05 11.34
N MET E 116 -5.52 19.34 11.36
CA MET E 116 -5.56 20.11 12.60
C MET E 116 -6.88 20.84 12.82
N GLN E 117 -7.89 20.57 11.98
CA GLN E 117 -9.14 21.31 12.09
C GLN E 117 -10.02 20.80 13.22
N LEU E 118 -9.95 19.53 13.56
CA LEU E 118 -10.89 19.07 14.58
C LEU E 118 -10.47 19.33 16.03
N PRO E 119 -9.17 19.35 16.36
CA PRO E 119 -8.81 19.72 17.75
C PRO E 119 -9.52 20.97 18.27
N VAL E 120 -9.92 21.91 17.39
CA VAL E 120 -10.68 23.08 17.83
C VAL E 120 -11.92 22.64 18.60
N ASP E 121 -12.61 21.63 18.08
CA ASP E 121 -13.84 21.14 18.69
C ASP E 121 -13.56 20.27 19.90
N PHE E 122 -12.45 19.55 19.86
CA PHE E 122 -12.08 18.65 20.96
C PHE E 122 -11.81 19.44 22.23
N PHE E 123 -11.00 20.50 22.14
CA PHE E 123 -10.57 21.20 23.35
C PHE E 123 -11.74 21.91 24.02
N ASP E 124 -12.58 22.60 23.24
CA ASP E 124 -13.64 23.42 23.83
C ASP E 124 -14.79 22.59 24.39
N THR E 125 -14.98 21.35 23.94
CA THR E 125 -15.94 20.46 24.56
C THR E 125 -15.32 19.53 25.58
N PHE E 126 -14.01 19.64 25.82
CA PHE E 126 -13.31 18.84 26.80
C PHE E 126 -12.96 19.62 28.06
N VAL E 127 -12.68 20.91 27.94
CA VAL E 127 -12.27 21.70 29.10
C VAL E 127 -13.32 21.65 30.21
N PRO E 128 -14.65 21.58 29.95
CA PRO E 128 -15.57 21.37 31.09
C PRO E 128 -15.23 20.12 31.91
N GLU E 129 -14.96 18.99 31.24
CA GLU E 129 -14.55 17.80 31.97
C GLU E 129 -13.14 17.95 32.54
N LEU E 130 -12.28 18.72 31.87
CA LEU E 130 -10.93 18.95 32.39
C LEU E 130 -10.98 19.75 33.69
N ILE E 131 -11.93 20.69 33.81
CA ILE E 131 -12.02 21.47 35.04
C ILE E 131 -12.56 20.61 36.19
N LYS E 132 -13.57 19.76 35.91
CA LYS E 132 -14.14 18.91 36.96
C LYS E 132 -13.19 17.80 37.38
N GLU E 133 -12.25 17.41 36.51
CA GLU E 133 -11.22 16.46 36.86
C GLU E 133 -9.97 17.14 37.40
N ASN E 134 -9.95 18.47 37.42
CA ASN E 134 -8.85 19.23 38.02
C ASN E 134 -7.54 18.91 37.28
N VAL E 135 -7.61 18.93 35.95
CA VAL E 135 -6.49 18.59 35.10
C VAL E 135 -5.92 19.87 34.49
N LYS E 136 -4.63 20.10 34.70
CA LYS E 136 -3.94 21.22 34.07
C LYS E 136 -3.43 20.78 32.70
N VAL E 137 -3.55 21.67 31.72
CA VAL E 137 -3.28 21.34 30.32
C VAL E 137 -2.04 22.10 29.86
N ASN E 138 -1.16 21.40 29.16
CA ASN E 138 -0.01 22.00 28.50
C ASN E 138 0.09 21.40 27.10
N VAL E 139 0.62 22.18 26.17
CA VAL E 139 0.78 21.73 24.79
C VAL E 139 2.23 21.95 24.38
N MET E 140 2.94 20.85 24.14
CA MET E 140 4.31 20.90 23.64
C MET E 140 4.32 20.95 22.11
N GLY E 141 5.29 21.68 21.58
CA GLY E 141 5.52 21.72 20.16
C GLY E 141 5.43 23.13 19.61
N TYR E 142 5.41 23.20 18.28
CA TYR E 142 5.36 24.48 17.56
C TYR E 142 3.94 24.71 17.09
N GLN E 143 3.15 25.39 17.93
CA GLN E 143 1.81 25.79 17.54
C GLN E 143 1.80 26.96 16.56
N GLU E 144 2.95 27.61 16.35
CA GLU E 144 3.13 28.68 15.37
C GLU E 144 2.51 28.34 14.02
N PHE E 145 2.59 27.06 13.64
CA PHE E 145 2.23 26.59 12.30
C PHE E 145 0.80 26.05 12.23
N LEU E 146 0.25 25.56 13.35
CA LEU E 146 -1.17 25.26 13.49
C LEU E 146 -2.01 26.43 12.99
N PRO E 147 -3.18 26.18 12.38
CA PRO E 147 -4.05 27.29 11.95
C PRO E 147 -4.36 28.27 13.07
N SER E 148 -4.94 29.42 12.72
CA SER E 148 -5.14 30.46 13.73
C SER E 148 -6.29 30.13 14.68
N HIS E 149 -7.36 29.53 14.17
CA HIS E 149 -8.51 29.25 15.04
C HIS E 149 -8.24 28.08 15.97
N THR E 150 -7.44 27.11 15.55
CA THR E 150 -7.11 26.02 16.46
C THR E 150 -6.15 26.47 17.55
N GLN E 151 -5.29 27.45 17.26
CA GLN E 151 -4.37 27.94 18.28
C GLN E 151 -5.13 28.63 19.41
N ASP E 152 -6.14 29.44 19.07
CA ASP E 152 -6.88 30.15 20.10
C ASP E 152 -7.62 29.18 21.01
N ALA E 153 -8.18 28.11 20.45
CA ALA E 153 -8.75 27.05 21.29
C ALA E 153 -7.70 26.45 22.20
N VAL E 154 -6.50 26.21 21.66
CA VAL E 154 -5.43 25.65 22.47
C VAL E 154 -4.90 26.68 23.47
N LYS E 155 -4.70 27.91 22.99
CA LYS E 155 -4.24 28.99 23.86
C LYS E 155 -5.41 29.55 24.66
N ARG E 156 -6.43 28.74 24.87
CA ARG E 156 -7.50 29.04 25.81
C ARG E 156 -7.76 27.88 26.77
N ALA E 157 -7.66 26.65 26.29
CA ALA E 157 -7.74 25.50 27.19
C ALA E 157 -6.61 25.51 28.21
N ILE E 158 -5.42 25.97 27.81
CA ILE E 158 -4.35 26.18 28.76
C ILE E 158 -4.74 27.23 29.79
N GLU E 159 -5.34 28.33 29.32
CA GLU E 159 -5.66 29.43 30.23
C GLU E 159 -6.70 29.02 31.26
N GLN E 160 -7.69 28.25 30.83
CA GLN E 160 -8.82 27.94 31.70
C GLN E 160 -8.52 26.82 32.68
N THR E 161 -7.56 25.95 32.37
CA THR E 161 -7.09 24.94 33.30
C THR E 161 -5.77 25.33 33.95
N LYS E 162 -5.32 26.57 33.75
CA LYS E 162 -4.04 27.03 34.31
C LYS E 162 -3.98 26.88 35.82
N ASP E 163 -5.11 27.03 36.50
CA ASP E 163 -5.15 27.00 37.96
C ASP E 163 -5.47 25.62 38.52
N ASN E 164 -5.41 24.57 37.71
CA ASN E 164 -5.80 23.25 38.20
C ASN E 164 -4.65 22.58 38.93
N THR E 165 -4.99 21.77 39.94
CA THR E 165 -3.97 21.27 40.86
C THR E 165 -3.55 19.83 40.59
N GLY E 166 -4.28 19.10 39.73
CA GLY E 166 -4.05 17.68 39.58
C GLY E 166 -3.05 17.30 38.51
N MET E 167 -3.37 16.27 37.72
CA MET E 167 -2.45 15.79 36.70
C MET E 167 -2.29 16.80 35.57
N VAL E 168 -1.07 16.91 35.06
CA VAL E 168 -0.81 17.69 33.86
C VAL E 168 -1.11 16.82 32.64
N LEU E 169 -1.99 17.33 31.77
CA LEU E 169 -2.25 16.70 30.47
C LEU E 169 -1.37 17.39 29.45
N ASN E 170 -0.33 16.70 28.98
CA ASN E 170 0.72 17.28 28.16
C ASN E 170 0.57 16.76 26.74
N PHE E 171 0.05 17.61 25.85
CA PHE E 171 -0.14 17.25 24.45
C PHE E 171 1.10 17.60 23.63
N ALA E 172 1.46 16.70 22.71
CA ALA E 172 2.57 16.91 21.79
C ALA E 172 1.98 17.17 20.41
N LEU E 173 1.96 18.44 20.00
CA LEU E 173 1.39 18.88 18.74
C LEU E 173 2.47 19.56 17.91
N ASN E 174 2.64 19.09 16.67
CA ASN E 174 3.73 19.54 15.80
C ASN E 174 5.07 19.37 16.52
N TYR E 175 5.24 18.20 17.13
CA TYR E 175 6.35 17.94 18.03
C TYR E 175 7.32 16.94 17.42
N GLY E 176 8.61 17.24 17.56
CA GLY E 176 9.68 16.33 17.18
C GLY E 176 10.84 16.50 18.13
N ALA E 177 11.37 15.41 18.66
CA ALA E 177 12.39 15.53 19.71
C ALA E 177 13.66 16.15 19.17
N ARG E 178 14.06 15.79 17.93
CA ARG E 178 15.24 16.41 17.33
C ARG E 178 15.03 17.90 17.09
N ALA E 179 13.82 18.29 16.70
CA ALA E 179 13.50 19.71 16.61
C ALA E 179 13.55 20.36 17.98
N GLU E 180 13.00 19.69 18.99
CA GLU E 180 13.00 20.22 20.35
C GLU E 180 14.41 20.42 20.87
N LEU E 181 15.33 19.51 20.52
CA LEU E 181 16.71 19.65 20.95
C LEU E 181 17.44 20.72 20.14
N LEU E 182 17.15 20.82 18.84
CA LEU E 182 17.74 21.91 18.06
C LEU E 182 17.25 23.27 18.56
N THR E 183 15.95 23.37 18.84
CA THR E 183 15.41 24.61 19.42
C THR E 183 16.09 24.92 20.74
N ALA E 184 16.26 23.89 21.59
CA ALA E 184 16.97 24.09 22.85
C ALA E 184 18.43 24.47 22.62
N MET E 185 19.05 23.92 21.57
CA MET E 185 20.44 24.27 21.29
C MET E 185 20.57 25.69 20.76
N LYS E 186 19.63 26.11 19.90
CA LYS E 186 19.63 27.48 19.40
C LYS E 186 19.53 28.49 20.55
N GLN E 187 18.62 28.23 21.50
CA GLN E 187 18.44 29.15 22.62
C GLN E 187 19.69 29.21 23.49
N ILE E 188 20.22 28.06 23.87
CA ILE E 188 21.43 28.03 24.70
C ILE E 188 22.59 28.71 23.99
N ALA E 189 22.67 28.57 22.67
CA ALA E 189 23.71 29.25 21.92
C ALA E 189 23.54 30.76 21.97
N ALA E 190 22.28 31.23 21.89
CA ALA E 190 22.03 32.67 21.99
C ALA E 190 22.39 33.21 23.37
N GLU E 191 22.24 32.39 24.42
CA GLU E 191 22.48 32.90 25.77
C GLU E 191 23.96 33.04 26.07
N VAL E 192 24.82 32.24 25.41
CA VAL E 192 26.26 32.47 25.53
C VAL E 192 26.70 33.59 24.59
N SER E 193 25.98 33.79 23.49
CA SER E 193 26.26 34.94 22.62
C SER E 193 26.08 36.25 23.36
N GLU E 194 25.04 36.33 24.20
CA GLU E 194 24.79 37.49 25.03
C GLU E 194 25.55 37.45 26.34
N LYS E 195 26.54 36.56 26.47
CA LYS E 195 27.40 36.48 27.66
C LYS E 195 26.60 36.26 28.94
N ALA E 196 25.47 35.55 28.85
CA ALA E 196 24.70 35.24 30.05
C ALA E 196 25.40 34.19 30.91
N TYR E 197 26.06 33.22 30.27
CA TYR E 197 26.89 32.24 30.97
C TYR E 197 27.91 31.71 29.98
N THR E 198 28.99 31.15 30.51
CA THR E 198 30.02 30.60 29.65
C THR E 198 29.58 29.25 29.08
N ALA E 199 30.24 28.83 28.00
CA ALA E 199 29.90 27.55 27.38
C ALA E 199 30.13 26.39 28.32
N ASP E 200 31.13 26.50 29.20
CA ASP E 200 31.43 25.43 30.15
C ASP E 200 30.56 25.47 31.40
N GLU E 201 29.67 26.46 31.51
CA GLU E 201 28.66 26.46 32.57
C GLU E 201 27.36 25.79 32.13
N ILE E 202 27.23 25.41 30.86
CA ILE E 202 26.10 24.61 30.42
C ILE E 202 26.16 23.23 31.08
N THR E 203 25.01 22.75 31.54
CA THR E 203 24.91 21.43 32.15
C THR E 203 23.79 20.64 31.48
N GLU E 204 23.68 19.37 31.87
CA GLU E 204 22.52 18.59 31.46
C GLU E 204 21.25 19.18 32.02
N GLU E 205 21.35 19.83 33.18
CA GLU E 205 20.21 20.56 33.72
C GLU E 205 19.93 21.81 32.90
N THR E 206 20.96 22.42 32.33
CA THR E 206 20.73 23.55 31.42
C THR E 206 19.90 23.11 30.22
N ILE E 207 20.32 22.02 29.58
CA ILE E 207 19.62 21.52 28.39
C ILE E 207 18.18 21.14 28.72
N ALA E 208 17.99 20.44 29.85
CA ALA E 208 16.64 20.03 30.25
C ALA E 208 15.74 21.23 30.47
N ASP E 209 16.31 22.35 30.94
CA ASP E 209 15.51 23.54 31.18
C ASP E 209 14.95 24.13 29.88
N HIS E 210 15.65 23.96 28.77
CA HIS E 210 15.20 24.47 27.49
C HIS E 210 14.41 23.45 26.68
N LEU E 211 14.27 22.23 27.17
CA LEU E 211 13.39 21.28 26.50
C LEU E 211 11.94 21.65 26.77
N MET E 212 11.06 21.14 25.91
CA MET E 212 9.65 21.47 26.06
C MET E 212 9.00 20.82 27.25
N THR E 213 9.73 19.98 27.98
CA THR E 213 9.30 19.48 29.28
C THR E 213 9.86 20.31 30.44
N GLY E 214 10.58 21.40 30.15
CA GLY E 214 11.23 22.17 31.19
C GLY E 214 10.27 22.82 32.15
N PHE E 215 9.01 22.98 31.77
CA PHE E 215 8.05 23.64 32.64
C PHE E 215 7.73 22.78 33.86
N LEU E 216 7.82 21.47 33.73
CA LEU E 216 7.55 20.58 34.85
C LEU E 216 8.68 20.68 35.87
N PRO E 217 8.38 20.43 37.15
CA PRO E 217 9.46 20.28 38.14
C PRO E 217 10.42 19.18 37.71
N THR E 218 11.68 19.32 38.13
CA THR E 218 12.74 18.46 37.62
C THR E 218 12.42 16.98 37.79
N GLU E 219 11.88 16.61 38.94
CA GLU E 219 11.58 15.20 39.20
C GLU E 219 10.41 14.70 38.37
N LEU E 220 9.71 15.58 37.67
CA LEU E 220 8.57 15.21 36.85
C LEU E 220 8.82 15.36 35.36
N ARG E 221 10.03 15.76 34.96
CA ARG E 221 10.28 16.08 33.57
C ARG E 221 10.36 14.81 32.70
N ASP E 222 11.06 13.80 33.18
CA ASP E 222 11.17 12.63 32.33
C ASP E 222 10.11 11.59 32.69
N PRO E 223 9.46 10.99 31.70
CA PRO E 223 8.51 9.90 32.02
C PRO E 223 9.25 8.70 32.57
N GLU E 224 8.62 8.04 33.54
CA GLU E 224 9.12 6.75 34.00
C GLU E 224 8.60 5.59 33.16
N LEU E 225 7.53 5.80 32.40
CA LEU E 225 6.91 4.77 31.57
C LEU E 225 6.55 5.39 30.23
N LEU E 226 6.98 4.74 29.14
CA LEU E 226 6.64 5.17 27.78
C LEU E 226 5.88 4.04 27.11
N ILE E 227 4.68 4.34 26.61
CA ILE E 227 3.80 3.37 26.00
C ILE E 227 3.70 3.65 24.51
N ARG E 228 3.97 2.64 23.70
CA ARG E 228 3.85 2.74 22.26
C ARG E 228 2.76 1.76 21.80
N THR E 229 1.77 2.28 21.10
CA THR E 229 0.64 1.49 20.64
C THR E 229 0.90 0.96 19.23
N SER E 230 -0.11 0.27 18.68
CA SER E 230 -0.11 -0.24 17.31
C SER E 230 1.02 -1.24 17.04
N GLY E 231 1.52 -1.89 18.08
CA GLY E 231 2.51 -2.93 17.93
C GLY E 231 3.87 -2.50 17.41
N GLU E 232 4.03 -1.23 17.03
CA GLU E 232 5.31 -0.77 16.51
C GLU E 232 6.34 -0.69 17.64
N GLU E 233 7.49 -1.31 17.42
CA GLU E 233 8.56 -1.28 18.42
C GLU E 233 9.59 -0.24 18.01
N ARG E 234 9.17 1.02 18.10
CA ARG E 234 9.98 2.16 17.73
C ARG E 234 9.56 3.35 18.58
N ILE E 235 10.52 4.00 19.22
CA ILE E 235 10.31 5.33 19.76
C ILE E 235 10.64 6.31 18.63
N SER E 236 9.64 7.07 18.20
CA SER E 236 9.73 7.80 16.94
C SER E 236 9.97 9.27 17.24
N ASN E 237 11.25 9.64 17.37
CA ASN E 237 11.65 11.04 17.56
C ASN E 237 10.82 11.72 18.64
N PHE E 238 10.59 11.02 19.74
CA PHE E 238 9.67 11.46 20.79
C PHE E 238 10.40 11.46 22.15
N LEU E 239 10.64 12.66 22.68
CA LEU E 239 11.25 12.83 24.00
C LEU E 239 12.56 12.06 24.11
N LEU E 240 13.43 12.24 23.11
CA LEU E 240 14.66 11.46 23.05
C LEU E 240 15.51 11.68 24.29
N TRP E 241 15.67 12.94 24.70
CA TRP E 241 16.47 13.24 25.88
C TRP E 241 15.83 12.65 27.14
N GLN E 242 14.52 12.85 27.29
CA GLN E 242 13.84 12.55 28.56
C GLN E 242 13.71 11.05 28.80
N ILE E 243 13.61 10.24 27.75
CA ILE E 243 13.37 8.81 27.92
C ILE E 243 14.68 8.05 28.17
N ALA E 244 15.74 8.77 28.54
CA ALA E 244 17.05 8.14 28.66
C ALA E 244 17.04 6.97 29.62
N TYR E 245 16.15 6.98 30.63
CA TYR E 245 16.14 5.94 31.65
C TYR E 245 14.76 5.34 31.89
N SER E 246 13.79 5.61 31.02
CA SER E 246 12.42 5.20 31.29
C SER E 246 12.15 3.77 30.82
N GLU E 247 11.20 3.13 31.48
CA GLU E 247 10.75 1.81 31.08
C GLU E 247 9.85 1.92 29.85
N LEU E 248 10.07 1.02 28.89
CA LEU E 248 9.29 0.99 27.65
C LEU E 248 8.28 -0.13 27.69
N PHE E 249 7.06 0.15 27.22
CA PHE E 249 6.00 -0.83 27.09
C PHE E 249 5.37 -0.69 25.72
N PHE E 250 5.24 -1.81 25.01
CA PHE E 250 4.66 -1.84 23.68
C PHE E 250 3.43 -2.72 23.72
N THR E 251 2.28 -2.15 23.35
CA THR E 251 1.03 -2.90 23.25
C THR E 251 0.65 -3.07 21.79
N LYS E 252 0.22 -4.28 21.43
CA LYS E 252 -0.29 -4.52 20.08
C LYS E 252 -1.58 -3.77 19.83
N ALA E 253 -2.28 -3.35 20.88
CA ALA E 253 -3.58 -2.70 20.73
C ALA E 253 -3.43 -1.37 20.01
N LEU E 254 -4.37 -1.10 19.10
CA LEU E 254 -4.44 0.20 18.47
C LEU E 254 -4.94 1.23 19.48
N TRP E 255 -4.70 2.51 19.18
CA TRP E 255 -5.00 3.54 20.16
C TRP E 255 -6.47 3.59 20.55
N PRO E 256 -7.44 3.60 19.63
CA PRO E 256 -8.84 3.66 20.07
C PRO E 256 -9.25 2.47 20.93
N ASP E 257 -8.53 1.34 20.85
CA ASP E 257 -8.78 0.19 21.70
C ASP E 257 -8.02 0.26 23.03
N PHE E 258 -7.34 1.36 23.33
CA PHE E 258 -6.56 1.50 24.56
C PHE E 258 -7.53 1.75 25.71
N SER E 259 -7.77 0.70 26.50
CA SER E 259 -8.70 0.80 27.62
C SER E 259 -7.95 1.17 28.89
N GLY E 260 -8.71 1.54 29.92
CA GLY E 260 -8.12 1.74 31.22
C GLY E 260 -7.41 0.52 31.75
N ASP E 261 -7.92 -0.67 31.41
CA ASP E 261 -7.24 -1.90 31.80
C ASP E 261 -5.92 -2.06 31.07
N THR E 262 -5.82 -1.55 29.84
CA THR E 262 -4.55 -1.60 29.12
C THR E 262 -3.52 -0.70 29.78
N LEU E 263 -3.90 0.51 30.15
CA LEU E 263 -3.01 1.38 30.92
C LEU E 263 -2.60 0.72 32.23
N GLU E 264 -3.53 0.00 32.86
CA GLU E 264 -3.20 -0.73 34.08
C GLU E 264 -2.26 -1.90 33.80
N THR E 265 -2.39 -2.52 32.62
CA THR E 265 -1.45 -3.58 32.25
C THR E 265 -0.04 -3.02 32.06
N ALA E 266 0.06 -1.83 31.45
CA ALA E 266 1.36 -1.21 31.26
C ALA E 266 2.00 -0.87 32.60
N ILE E 267 1.25 -0.19 33.48
CA ILE E 267 1.75 0.17 34.81
C ILE E 267 2.12 -1.07 35.61
N ALA E 268 1.47 -2.21 35.33
CA ALA E 268 1.76 -3.44 36.07
C ALA E 268 3.18 -3.93 35.79
N SER E 269 3.55 -4.05 34.50
CA SER E 269 4.90 -4.46 34.16
C SER E 269 5.93 -3.46 34.68
N PHE E 270 5.56 -2.16 34.76
CA PHE E 270 6.43 -1.18 35.40
C PHE E 270 6.64 -1.52 36.86
N GLN E 271 5.61 -2.01 37.54
CA GLN E 271 5.74 -2.48 38.91
C GLN E 271 6.56 -3.76 39.03
N ASN E 272 6.89 -4.39 37.91
CA ASN E 272 7.61 -5.66 37.87
C ASN E 272 6.82 -6.75 38.60
N TYR F 39 8.48 -15.76 10.70
CA TYR F 39 9.27 -15.59 9.49
C TYR F 39 10.77 -15.57 9.79
N ALA F 40 11.52 -16.35 9.03
CA ALA F 40 12.95 -16.54 9.28
C ALA F 40 13.76 -15.42 8.63
N PHE F 41 15.07 -15.46 8.87
CA PHE F 41 15.99 -14.45 8.37
C PHE F 41 16.43 -14.77 6.95
N ASP F 42 16.34 -13.79 6.06
CA ASP F 42 16.69 -13.96 4.65
C ASP F 42 18.09 -13.41 4.41
N LYS F 43 19.02 -14.29 4.05
CA LYS F 43 20.39 -13.86 3.74
C LYS F 43 20.39 -12.84 2.61
N GLU F 44 19.51 -13.00 1.62
CA GLU F 44 19.38 -12.04 0.54
C GLU F 44 18.36 -10.96 0.85
N GLY F 45 17.73 -11.00 2.01
CA GLY F 45 16.84 -9.95 2.44
C GLY F 45 17.61 -8.70 2.80
N GLN F 46 16.87 -7.71 3.32
CA GLN F 46 17.50 -6.44 3.68
C GLN F 46 18.32 -6.61 4.96
N ILE F 47 19.50 -5.99 4.98
CA ILE F 47 20.43 -6.06 6.09
C ILE F 47 20.57 -4.65 6.66
N PRO F 48 20.48 -4.48 7.98
CA PRO F 48 20.66 -3.13 8.55
C PRO F 48 22.10 -2.68 8.38
N GLN F 49 22.28 -1.50 7.79
CA GLN F 49 23.62 -0.97 7.57
C GLN F 49 24.32 -0.70 8.89
N HIS F 50 23.59 -0.21 9.88
CA HIS F 50 24.15 0.11 11.20
C HIS F 50 23.32 -0.61 12.26
N ILE F 51 23.96 -1.49 13.02
CA ILE F 51 23.31 -2.22 14.11
C ILE F 51 23.99 -1.84 15.41
N ALA F 52 23.20 -1.44 16.40
CA ALA F 52 23.70 -1.10 17.72
C ALA F 52 23.16 -2.09 18.74
N ILE F 53 24.03 -2.52 19.66
CA ILE F 53 23.68 -3.55 20.63
C ILE F 53 24.10 -3.09 22.01
N ILE F 54 23.17 -3.10 22.96
CA ILE F 54 23.48 -2.88 24.36
C ILE F 54 23.75 -4.24 24.97
N MET F 55 25.03 -4.62 25.04
CA MET F 55 25.41 -5.86 25.68
C MET F 55 25.06 -5.81 27.16
N ASP F 56 24.24 -6.75 27.61
CA ASP F 56 23.68 -6.71 28.95
C ASP F 56 23.45 -8.12 29.46
N GLY F 57 23.84 -8.35 30.71
CA GLY F 57 23.60 -9.61 31.37
C GLY F 57 24.81 -10.50 31.62
N ASN F 58 26.02 -9.95 31.64
CA ASN F 58 27.20 -10.76 31.92
C ASN F 58 27.21 -11.25 33.37
N GLY F 59 26.83 -10.38 34.31
CA GLY F 59 26.84 -10.79 35.71
C GLY F 59 25.79 -11.82 36.04
N ARG F 60 24.59 -11.68 35.46
CA ARG F 60 23.54 -12.66 35.72
C ARG F 60 23.85 -13.99 35.05
N TRP F 61 24.50 -13.97 33.88
CA TRP F 61 24.93 -15.21 33.25
C TRP F 61 25.89 -15.97 34.15
N ALA F 62 26.74 -15.24 34.88
CA ALA F 62 27.72 -15.88 35.75
C ALA F 62 27.06 -16.40 37.03
N GLN F 63 26.19 -15.61 37.65
CA GLN F 63 25.53 -16.06 38.87
C GLN F 63 24.54 -17.18 38.61
N ASN F 64 24.00 -17.27 37.38
CA ASN F 64 23.00 -18.27 37.08
C ASN F 64 23.55 -19.69 37.24
N ARG F 65 24.85 -19.87 37.02
CA ARG F 65 25.49 -21.18 37.15
C ARG F 65 26.59 -21.16 38.21
N ARG F 66 26.51 -20.24 39.18
CA ARG F 66 27.35 -20.16 40.37
C ARG F 66 28.81 -19.84 40.05
N LEU F 67 29.12 -19.40 38.83
CA LEU F 67 30.49 -19.02 38.49
C LEU F 67 30.77 -17.60 38.96
N PRO F 68 32.07 -17.24 39.09
CA PRO F 68 32.41 -15.86 39.46
C PRO F 68 31.96 -14.86 38.41
N ARG F 69 31.82 -13.61 38.85
CA ARG F 69 31.26 -12.58 37.98
C ARG F 69 32.11 -12.34 36.73
N ILE F 70 33.43 -12.52 36.84
CA ILE F 70 34.30 -12.29 35.67
C ILE F 70 34.30 -13.46 34.71
N ALA F 71 33.71 -14.60 35.10
CA ALA F 71 33.52 -15.70 34.15
C ALA F 71 32.58 -15.30 33.02
N GLY F 72 31.62 -14.44 33.30
CA GLY F 72 30.73 -13.94 32.27
C GLY F 72 31.24 -12.77 31.48
N HIS F 73 32.30 -12.10 31.95
CA HIS F 73 32.75 -10.89 31.28
C HIS F 73 33.58 -11.20 30.04
N LYS F 74 34.57 -12.10 30.16
CA LYS F 74 35.30 -12.50 28.96
C LYS F 74 34.50 -13.46 28.10
N GLU F 75 33.64 -14.27 28.73
CA GLU F 75 32.65 -15.00 27.94
C GLU F 75 31.82 -14.04 27.10
N GLY F 76 31.59 -12.83 27.60
CA GLY F 76 31.00 -11.76 26.82
C GLY F 76 32.00 -11.18 25.83
N MET F 77 33.26 -11.03 26.26
CA MET F 77 34.29 -10.55 25.34
C MET F 77 34.49 -11.51 24.19
N ASP F 78 34.29 -12.81 24.41
CA ASP F 78 34.35 -13.76 23.31
C ASP F 78 33.09 -13.71 22.47
N THR F 79 31.95 -13.36 23.07
CA THR F 79 30.76 -13.11 22.27
C THR F 79 30.93 -11.87 21.40
N VAL F 80 31.68 -10.87 21.88
CA VAL F 80 31.93 -9.67 21.09
C VAL F 80 32.59 -10.04 19.76
N LYS F 81 33.60 -10.91 19.82
CA LYS F 81 34.30 -11.33 18.60
C LYS F 81 33.40 -12.19 17.71
N LYS F 82 32.64 -13.10 18.32
CA LYS F 82 31.70 -13.91 17.55
C LYS F 82 30.71 -13.04 16.79
N ILE F 83 30.11 -12.07 17.48
CA ILE F 83 29.12 -11.20 16.85
C ILE F 83 29.79 -10.26 15.85
N THR F 84 31.00 -9.78 16.18
CA THR F 84 31.73 -8.94 15.24
C THR F 84 32.01 -9.69 13.95
N LYS F 85 32.41 -10.95 14.05
CA LYS F 85 32.67 -11.73 12.86
C LYS F 85 31.39 -11.96 12.07
N HIS F 86 30.31 -12.38 12.75
CA HIS F 86 29.10 -12.75 12.05
C HIS F 86 28.41 -11.54 11.44
N ALA F 87 28.45 -10.40 12.14
CA ALA F 87 27.86 -9.18 11.59
C ALA F 87 28.61 -8.73 10.34
N SER F 88 29.94 -8.75 10.38
CA SER F 88 30.74 -8.45 9.21
C SER F 88 30.45 -9.44 8.08
N HIS F 89 30.26 -10.71 8.43
CA HIS F 89 29.94 -11.74 7.45
C HIS F 89 28.59 -11.46 6.77
N LEU F 90 27.59 -11.03 7.54
CA LEU F 90 26.27 -10.76 6.97
C LEU F 90 26.22 -9.47 6.18
N GLY F 91 27.27 -8.66 6.23
CA GLY F 91 27.32 -7.42 5.48
C GLY F 91 26.94 -6.17 6.24
N VAL F 92 27.02 -6.18 7.57
CA VAL F 92 26.71 -4.98 8.36
C VAL F 92 27.84 -3.97 8.17
N LYS F 93 27.48 -2.70 7.97
CA LYS F 93 28.48 -1.68 7.71
C LYS F 93 29.06 -1.11 9.00
N VAL F 94 28.24 -0.97 10.04
CA VAL F 94 28.67 -0.43 11.33
C VAL F 94 28.01 -1.24 12.43
N LEU F 95 28.82 -1.78 13.33
CA LEU F 95 28.32 -2.49 14.51
C LEU F 95 28.77 -1.71 15.74
N THR F 96 27.81 -1.17 16.48
CA THR F 96 28.09 -0.40 17.69
C THR F 96 27.73 -1.24 18.90
N LEU F 97 28.71 -1.44 19.79
CA LEU F 97 28.53 -2.23 21.00
C LEU F 97 28.68 -1.33 22.21
N TYR F 98 27.82 -1.53 23.20
CA TYR F 98 27.77 -0.71 24.41
C TYR F 98 27.97 -1.60 25.63
N ALA F 99 28.89 -1.21 26.50
CA ALA F 99 29.20 -1.97 27.71
C ALA F 99 28.35 -1.40 28.86
N PHE F 100 27.22 -2.05 29.13
CA PHE F 100 26.37 -1.66 30.25
C PHE F 100 26.34 -2.75 31.32
N ASN F 113 41.64 -1.23 40.28
CA ASN F 113 40.60 -2.24 40.22
C ASN F 113 40.31 -2.59 38.74
N PHE F 114 40.12 -3.89 38.47
CA PHE F 114 40.40 -4.49 37.18
C PHE F 114 39.25 -4.45 36.18
N LEU F 115 38.15 -3.74 36.47
CA LEU F 115 37.03 -3.75 35.54
C LEU F 115 37.35 -3.06 34.21
N MET F 116 38.43 -2.27 34.15
CA MET F 116 38.84 -1.62 32.90
C MET F 116 40.17 -2.14 32.37
N GLN F 117 40.82 -3.09 33.06
CA GLN F 117 41.89 -3.92 32.51
C GLN F 117 41.32 -5.04 31.57
N LEU F 118 40.00 -4.94 31.38
CA LEU F 118 39.31 -5.91 30.52
C LEU F 118 39.68 -5.72 29.05
N PRO F 119 39.62 -4.52 28.46
CA PRO F 119 39.86 -4.41 27.01
C PRO F 119 41.32 -4.30 26.60
N VAL F 120 42.26 -4.14 27.54
CA VAL F 120 43.66 -3.93 27.17
C VAL F 120 44.18 -5.13 26.38
N ASP F 121 43.95 -6.33 26.91
CA ASP F 121 44.38 -7.56 26.25
C ASP F 121 43.27 -8.18 25.41
N PHE F 122 42.03 -7.76 25.63
CA PHE F 122 40.99 -8.10 24.66
C PHE F 122 41.34 -7.57 23.28
N PHE F 123 41.80 -6.32 23.22
CA PHE F 123 42.11 -5.71 21.92
C PHE F 123 43.36 -6.32 21.31
N ASP F 124 44.39 -6.49 22.11
CA ASP F 124 45.65 -6.98 21.59
C ASP F 124 45.51 -8.37 21.00
N THR F 125 44.79 -9.24 21.68
CA THR F 125 44.47 -10.53 21.15
C THR F 125 43.57 -10.45 19.94
N PHE F 126 42.67 -9.51 19.96
CA PHE F 126 41.70 -9.21 18.93
C PHE F 126 42.18 -8.62 17.60
N PRO F 128 44.66 -8.92 15.49
CA PRO F 128 44.85 -9.74 14.29
C PRO F 128 43.63 -10.35 13.61
N GLU F 129 42.67 -10.84 14.37
CA GLU F 129 41.42 -11.30 13.81
C GLU F 129 40.67 -10.19 13.13
N LEU F 130 40.72 -9.02 13.74
CA LEU F 130 40.09 -7.89 13.18
C LEU F 130 40.65 -7.50 11.85
N ILE F 131 41.94 -7.61 11.64
CA ILE F 131 42.52 -7.24 10.36
C ILE F 131 42.29 -8.35 9.33
N LYS F 132 42.26 -9.61 9.76
CA LYS F 132 41.81 -10.69 8.89
C LYS F 132 40.43 -10.39 8.32
N GLU F 133 39.49 -9.96 9.18
CA GLU F 133 38.13 -9.68 8.76
C GLU F 133 37.96 -8.30 8.14
N ASN F 134 39.03 -7.51 8.03
CA ASN F 134 38.97 -6.18 7.40
C ASN F 134 38.05 -5.23 8.16
N VAL F 135 38.09 -5.32 9.50
CA VAL F 135 37.22 -4.54 10.36
C VAL F 135 37.97 -3.30 10.85
N LYS F 136 37.32 -2.15 10.75
CA LYS F 136 37.87 -0.89 11.25
C LYS F 136 37.28 -0.60 12.62
N VAL F 137 38.15 -0.28 13.58
CA VAL F 137 37.73 -0.12 14.97
C VAL F 137 37.72 1.36 15.31
N ASN F 138 36.63 1.79 15.94
CA ASN F 138 36.50 3.12 16.51
C ASN F 138 35.97 3.00 17.93
N VAL F 139 36.29 3.99 18.77
CA VAL F 139 35.89 3.96 20.17
C VAL F 139 35.21 5.28 20.52
N MET F 140 33.87 5.27 20.53
CA MET F 140 33.11 6.38 21.07
C MET F 140 33.32 6.50 22.56
N GLY F 141 33.26 7.73 23.06
CA GLY F 141 33.27 8.00 24.48
C GLY F 141 34.51 8.75 24.89
N TYR F 142 34.66 8.86 26.20
CA TYR F 142 35.71 9.69 26.80
C TYR F 142 36.91 8.82 27.14
N GLN F 143 37.75 8.58 26.13
CA GLN F 143 38.97 7.82 26.32
C GLN F 143 39.91 8.51 27.31
N GLU F 144 39.93 9.85 27.32
CA GLU F 144 40.84 10.58 28.20
C GLU F 144 40.81 10.05 29.64
N PHE F 145 39.64 9.64 30.13
CA PHE F 145 39.45 9.35 31.54
C PHE F 145 39.73 7.89 31.91
N LEU F 146 40.29 7.13 31.00
CA LEU F 146 40.75 5.76 31.11
C LEU F 146 42.17 5.72 31.66
N PRO F 147 42.57 4.58 32.22
CA PRO F 147 43.96 4.41 32.65
C PRO F 147 44.92 4.51 31.47
N SER F 148 46.19 4.68 31.81
CA SER F 148 47.25 4.94 30.84
C SER F 148 47.36 3.83 29.81
N HIS F 149 47.90 2.68 30.20
CA HIS F 149 48.14 1.60 29.24
C HIS F 149 46.85 1.02 28.70
N THR F 150 45.72 1.24 29.37
CA THR F 150 44.44 0.87 28.79
C THR F 150 44.11 1.73 27.58
N GLN F 151 44.44 3.03 27.66
CA GLN F 151 44.24 3.93 26.53
C GLN F 151 45.06 3.50 25.33
N ASP F 152 46.35 3.21 25.55
CA ASP F 152 47.25 2.91 24.44
C ASP F 152 46.83 1.64 23.70
N ALA F 153 46.33 0.65 24.42
CA ALA F 153 45.76 -0.52 23.76
C ALA F 153 44.60 -0.14 22.85
N VAL F 154 43.85 0.90 23.22
CA VAL F 154 42.74 1.35 22.37
C VAL F 154 43.25 2.15 21.19
N LYS F 155 44.14 3.13 21.45
CA LYS F 155 44.67 3.94 20.36
C LYS F 155 45.52 3.13 19.40
N ARG F 156 46.23 2.12 19.91
CA ARG F 156 46.97 1.22 19.04
C ARG F 156 46.02 0.38 18.20
N ALA F 157 44.99 -0.18 18.83
CA ALA F 157 44.00 -0.96 18.10
C ALA F 157 43.28 -0.12 17.05
N ILE F 158 43.08 1.17 17.33
CA ILE F 158 42.50 2.04 16.32
C ILE F 158 43.49 2.23 15.18
N GLU F 159 44.74 2.58 15.50
CA GLU F 159 45.72 2.88 14.46
C GLU F 159 46.00 1.66 13.58
N GLN F 160 46.01 0.46 14.18
CA GLN F 160 46.32 -0.76 13.44
C GLN F 160 45.16 -1.24 12.59
N THR F 161 43.98 -0.64 12.70
CA THR F 161 42.83 -0.97 11.87
C THR F 161 42.38 0.22 11.03
N LYS F 162 43.24 1.23 10.88
CA LYS F 162 42.83 2.52 10.31
C LYS F 162 42.40 2.41 8.86
N ASP F 163 43.10 1.60 8.07
CA ASP F 163 42.88 1.55 6.63
C ASP F 163 42.08 0.32 6.20
N ASN F 164 41.26 -0.23 7.10
CA ASN F 164 40.40 -1.33 6.74
C ASN F 164 39.15 -0.82 6.01
N THR F 165 38.75 -1.54 4.97
CA THR F 165 37.64 -1.11 4.13
C THR F 165 36.29 -1.64 4.59
N GLY F 166 36.26 -2.63 5.47
CA GLY F 166 35.01 -3.32 5.78
C GLY F 166 34.19 -2.73 6.90
N MET F 167 33.59 -3.60 7.70
CA MET F 167 32.67 -3.16 8.75
C MET F 167 33.39 -2.35 9.82
N VAL F 168 32.73 -1.31 10.30
CA VAL F 168 33.24 -0.49 11.39
C VAL F 168 32.79 -1.11 12.71
N LEU F 169 33.75 -1.43 13.57
CA LEU F 169 33.46 -1.82 14.93
C LEU F 169 33.54 -0.58 15.81
N ASN F 170 32.44 -0.22 16.45
CA ASN F 170 32.33 1.02 17.20
C ASN F 170 32.05 0.70 18.67
N PHE F 171 33.07 0.85 19.51
CA PHE F 171 32.94 0.59 20.93
C PHE F 171 32.48 1.84 21.66
N ALA F 172 31.47 1.69 22.50
CA ALA F 172 31.04 2.77 23.39
C ALA F 172 31.61 2.47 24.78
N LEU F 173 32.61 3.25 25.17
CA LEU F 173 33.29 3.09 26.45
C LEU F 173 33.25 4.41 27.21
N ASN F 174 32.78 4.37 28.46
CA ASN F 174 32.43 5.55 29.26
C ASN F 174 31.63 6.53 28.42
N TYR F 175 30.58 6.00 27.83
CA TYR F 175 29.73 6.74 26.92
C TYR F 175 28.38 6.98 27.60
N GLY F 176 27.88 8.19 27.46
CA GLY F 176 26.54 8.51 27.87
C GLY F 176 25.94 9.45 26.84
N ALA F 177 24.72 9.16 26.40
CA ALA F 177 24.13 10.00 25.36
C ALA F 177 23.89 11.42 25.85
N ARG F 178 23.36 11.58 27.06
CA ARG F 178 23.15 12.92 27.60
C ARG F 178 24.47 13.67 27.71
N ALA F 179 25.51 13.00 28.20
CA ALA F 179 26.84 13.57 28.20
C ALA F 179 27.30 13.90 26.79
N GLU F 180 27.10 12.97 25.86
CA GLU F 180 27.51 13.19 24.48
C GLU F 180 26.82 14.42 23.89
N LEU F 181 25.53 14.62 24.22
CA LEU F 181 24.82 15.79 23.72
C LEU F 181 25.32 17.06 24.42
N LEU F 182 25.62 16.97 25.71
CA LEU F 182 26.20 18.11 26.41
C LEU F 182 27.54 18.51 25.79
N THR F 183 28.39 17.53 25.48
CA THR F 183 29.65 17.82 24.79
C THR F 183 29.39 18.54 23.47
N ALA F 184 28.41 18.05 22.72
CA ALA F 184 28.09 18.70 21.45
C ALA F 184 27.53 20.10 21.65
N MET F 185 26.80 20.34 22.75
CA MET F 185 26.27 21.67 23.01
C MET F 185 27.37 22.65 23.32
N LYS F 186 28.27 22.28 24.25
CA LYS F 186 29.39 23.14 24.58
C LYS F 186 30.26 23.41 23.35
N GLN F 187 30.47 22.39 22.51
CA GLN F 187 31.28 22.58 21.31
C GLN F 187 30.58 23.49 20.32
N ILE F 188 29.27 23.34 20.16
CA ILE F 188 28.53 24.16 19.20
C ILE F 188 28.38 25.58 19.72
N ALA F 189 28.10 25.73 21.03
CA ALA F 189 27.98 27.08 21.60
C ALA F 189 29.31 27.84 21.51
N ALA F 190 30.43 27.14 21.70
CA ALA F 190 31.73 27.79 21.60
C ALA F 190 32.03 28.24 20.18
N GLU F 191 31.57 27.48 19.19
CA GLU F 191 31.75 27.90 17.80
C GLU F 191 30.83 29.06 17.45
N VAL F 192 29.66 29.13 18.09
CA VAL F 192 28.81 30.30 17.91
C VAL F 192 29.40 31.50 18.65
N SER F 193 30.08 31.26 19.78
CA SER F 193 30.74 32.36 20.49
C SER F 193 31.89 32.93 19.67
N GLU F 194 32.56 32.09 18.88
CA GLU F 194 33.54 32.57 17.91
C GLU F 194 32.88 33.00 16.60
N LYS F 195 31.55 32.94 16.52
CA LYS F 195 30.78 33.44 15.39
C LYS F 195 31.20 32.81 14.05
N ALA F 196 31.64 31.55 14.09
CA ALA F 196 31.82 30.80 12.85
C ALA F 196 30.48 30.56 12.16
N TYR F 197 29.43 30.35 12.96
CA TYR F 197 28.06 30.41 12.48
C TYR F 197 27.20 31.03 13.58
N THR F 198 25.97 31.39 13.24
CA THR F 198 25.06 31.99 14.18
C THR F 198 24.08 30.95 14.72
N ALA F 199 23.36 31.33 15.77
CA ALA F 199 22.45 30.40 16.43
C ALA F 199 21.40 29.87 15.46
N ASP F 200 20.93 30.71 14.53
CA ASP F 200 19.91 30.29 13.59
C ASP F 200 20.47 29.41 12.47
N GLU F 201 21.79 29.38 12.29
CA GLU F 201 22.41 28.51 11.29
C GLU F 201 22.69 27.11 11.82
N ILE F 202 22.38 26.84 13.08
CA ILE F 202 22.52 25.50 13.65
C ILE F 202 21.39 24.63 13.13
N THR F 203 21.72 23.51 12.51
CA THR F 203 20.75 22.58 11.98
C THR F 203 20.81 21.28 12.78
N GLU F 204 19.93 20.33 12.42
CA GLU F 204 20.05 18.99 12.98
C GLU F 204 21.32 18.31 12.52
N GLU F 205 21.81 18.65 11.33
CA GLU F 205 23.09 18.11 10.88
C GLU F 205 24.24 18.72 11.67
N THR F 206 24.12 19.99 12.04
CA THR F 206 25.13 20.59 12.92
C THR F 206 25.26 19.81 14.21
N ILE F 207 24.13 19.39 14.79
CA ILE F 207 24.16 18.59 16.01
C ILE F 207 24.74 17.21 15.73
N ALA F 208 24.33 16.59 14.62
CA ALA F 208 24.79 15.24 14.32
C ALA F 208 26.30 15.20 14.10
N ASP F 209 26.86 16.25 13.49
CA ASP F 209 28.30 16.30 13.27
C ASP F 209 29.06 16.27 14.59
N HIS F 210 28.54 16.93 15.62
CA HIS F 210 29.23 17.05 16.89
C HIS F 210 28.89 15.92 17.85
N LEU F 211 28.21 14.88 17.38
CA LEU F 211 28.04 13.67 18.15
C LEU F 211 29.18 12.70 17.86
N MET F 212 29.36 11.72 18.76
CA MET F 212 30.47 10.78 18.63
C MET F 212 30.28 9.81 17.47
N THR F 213 29.11 9.78 16.83
CA THR F 213 28.92 9.06 15.58
C THR F 213 29.17 9.95 14.36
N GLY F 214 29.53 11.23 14.57
CA GLY F 214 29.72 12.15 13.46
C GLY F 214 30.83 11.77 12.51
N PHE F 215 31.77 10.93 12.95
CA PHE F 215 32.87 10.55 12.06
C PHE F 215 32.40 9.65 10.92
N LEU F 216 31.27 8.94 11.09
CA LEU F 216 30.68 8.11 10.04
C LEU F 216 30.18 9.01 8.91
N PRO F 217 29.88 8.45 7.72
CA PRO F 217 29.24 9.25 6.68
C PRO F 217 27.86 9.74 7.11
N THR F 218 27.12 10.40 6.21
CA THR F 218 25.80 10.88 6.59
C THR F 218 24.86 9.71 6.84
N GLU F 219 24.83 8.73 5.94
CA GLU F 219 24.26 7.44 6.31
C GLU F 219 25.22 6.73 7.25
N LEU F 220 24.81 5.55 7.74
CA LEU F 220 25.59 4.80 8.72
C LEU F 220 25.71 5.50 10.07
N ARG F 221 25.43 6.81 10.10
CA ARG F 221 25.48 7.54 11.36
C ARG F 221 24.47 7.01 12.36
N ASP F 222 23.21 6.87 11.96
CA ASP F 222 22.28 6.37 12.96
C ASP F 222 22.00 4.89 12.75
N PRO F 223 21.86 4.10 13.82
CA PRO F 223 21.54 2.69 13.65
C PRO F 223 20.09 2.48 13.22
N GLU F 224 19.91 1.60 12.25
CA GLU F 224 18.56 1.19 11.86
C GLU F 224 17.98 0.14 12.80
N LEU F 225 18.84 -0.62 13.48
CA LEU F 225 18.41 -1.65 14.42
C LEU F 225 19.15 -1.47 15.73
N LEU F 226 18.42 -1.49 16.83
CA LEU F 226 19.00 -1.42 18.16
C LEU F 226 18.54 -2.65 18.94
N ILE F 227 19.50 -3.40 19.48
CA ILE F 227 19.23 -4.66 20.16
C ILE F 227 19.59 -4.48 21.64
N ARG F 228 18.67 -4.88 22.51
CA ARG F 228 18.90 -4.87 23.95
C ARG F 228 18.74 -6.29 24.47
N THR F 229 19.68 -6.72 25.30
CA THR F 229 19.72 -8.08 25.82
C THR F 229 19.30 -8.11 27.28
N SER F 230 19.08 -9.33 27.77
CA SER F 230 18.69 -9.58 29.16
C SER F 230 17.27 -9.09 29.46
N GLY F 231 16.42 -9.02 28.44
CA GLY F 231 15.02 -8.68 28.64
C GLY F 231 14.78 -7.34 29.32
N GLU F 232 15.52 -6.32 28.92
CA GLU F 232 15.42 -4.98 29.51
C GLU F 232 14.74 -4.06 28.50
N GLU F 233 13.48 -3.70 28.76
CA GLU F 233 12.77 -2.78 27.87
C GLU F 233 13.04 -1.34 28.30
N ARG F 234 14.29 -0.92 28.04
CA ARG F 234 14.80 0.41 28.39
C ARG F 234 15.94 0.75 27.45
N ILE F 235 16.11 2.05 27.21
CA ILE F 235 17.18 2.51 26.32
C ILE F 235 18.49 2.73 27.06
N SER F 236 18.43 3.12 28.34
CA SER F 236 19.60 3.23 29.20
C SER F 236 20.61 4.24 28.66
N ASN F 237 20.11 5.41 28.26
CA ASN F 237 20.95 6.56 27.93
C ASN F 237 22.01 6.21 26.89
N PHE F 238 21.55 5.71 25.74
CA PHE F 238 22.44 5.22 24.71
C PHE F 238 21.95 5.68 23.34
N LEU F 239 22.73 6.54 22.69
CA LEU F 239 22.44 6.98 21.33
C LEU F 239 21.04 7.56 21.21
N LEU F 240 20.72 8.51 22.09
CA LEU F 240 19.36 9.04 22.14
C LEU F 240 19.01 9.81 20.86
N TRP F 241 19.92 10.67 20.39
CA TRP F 241 19.66 11.37 19.15
C TRP F 241 19.62 10.40 17.97
N GLN F 242 20.47 9.37 18.01
CA GLN F 242 20.65 8.49 16.86
C GLN F 242 19.50 7.51 16.68
N ILE F 243 18.83 7.09 17.75
CA ILE F 243 17.82 6.04 17.64
C ILE F 243 16.43 6.63 17.47
N ALA F 244 16.35 7.87 16.96
CA ALA F 244 15.06 8.53 16.81
C ALA F 244 14.11 7.73 15.94
N TYR F 245 14.64 6.95 14.99
CA TYR F 245 13.82 6.14 14.09
C TYR F 245 14.32 4.70 14.01
N SER F 246 15.02 4.23 15.04
CA SER F 246 15.57 2.89 15.03
C SER F 246 14.51 1.85 15.38
N GLU F 247 14.54 0.73 14.66
CA GLU F 247 13.72 -0.40 15.05
C GLU F 247 14.32 -1.06 16.29
N LEU F 248 13.51 -1.18 17.34
CA LEU F 248 13.98 -1.73 18.60
C LEU F 248 13.74 -3.23 18.65
N PHE F 249 14.67 -3.95 19.27
CA PHE F 249 14.56 -5.39 19.44
C PHE F 249 15.08 -5.77 20.81
N PHE F 250 14.29 -6.55 21.55
CA PHE F 250 14.62 -6.95 22.92
C PHE F 250 14.59 -8.46 23.04
N THR F 251 15.68 -9.04 23.54
CA THR F 251 15.74 -10.46 23.86
C THR F 251 15.93 -10.64 25.36
N LYS F 252 15.22 -11.62 25.93
CA LYS F 252 15.51 -12.03 27.30
C LYS F 252 16.83 -12.78 27.39
N ALA F 253 17.44 -13.12 26.26
CA ALA F 253 18.73 -13.79 26.26
C ALA F 253 19.81 -12.84 26.77
N LEU F 254 20.69 -13.38 27.62
CA LEU F 254 21.79 -12.59 28.15
C LEU F 254 22.94 -12.54 27.13
N TRP F 255 23.87 -11.62 27.36
CA TRP F 255 24.88 -11.34 26.34
C TRP F 255 25.78 -12.52 26.04
N PRO F 256 26.31 -13.26 27.03
CA PRO F 256 27.16 -14.41 26.68
C PRO F 256 26.46 -15.45 25.83
N ASP F 257 25.14 -15.57 25.94
CA ASP F 257 24.38 -16.51 25.13
C ASP F 257 23.96 -15.94 23.78
N PHE F 258 24.24 -14.66 23.52
CA PHE F 258 23.85 -14.04 22.25
C PHE F 258 24.54 -14.72 21.08
N SER F 259 23.79 -15.53 20.35
CA SER F 259 24.34 -16.29 19.24
C SER F 259 24.42 -15.43 17.98
N GLY F 260 24.90 -16.03 16.89
CA GLY F 260 24.71 -15.42 15.60
C GLY F 260 23.28 -15.55 15.11
N ASP F 261 22.59 -16.62 15.52
CA ASP F 261 21.16 -16.74 15.25
C ASP F 261 20.40 -15.63 15.95
N THR F 262 20.72 -15.38 17.22
CA THR F 262 20.06 -14.31 17.97
C THR F 262 20.18 -12.98 17.25
N LEU F 263 21.35 -12.71 16.67
CA LEU F 263 21.49 -11.53 15.81
C LEU F 263 20.66 -11.70 14.54
N GLU F 264 20.69 -12.89 13.94
CA GLU F 264 19.98 -13.11 12.68
C GLU F 264 18.48 -12.95 12.86
N THR F 265 17.92 -13.44 13.97
CA THR F 265 16.49 -13.23 14.20
C THR F 265 16.19 -11.77 14.51
N ALA F 266 17.12 -11.07 15.17
CA ALA F 266 16.95 -9.64 15.37
C ALA F 266 16.90 -8.92 14.03
N ILE F 267 17.72 -9.36 13.07
CA ILE F 267 17.65 -8.82 11.73
C ILE F 267 16.34 -9.25 11.06
N ALA F 268 15.84 -10.43 11.40
CA ALA F 268 14.54 -10.88 10.87
C ALA F 268 13.42 -9.98 11.37
N SER F 269 13.49 -9.56 12.63
CA SER F 269 12.54 -8.55 13.12
C SER F 269 12.66 -7.26 12.32
N PHE F 270 13.88 -6.84 12.02
CA PHE F 270 14.08 -5.62 11.25
C PHE F 270 13.46 -5.76 9.86
N GLN F 271 13.58 -6.94 9.26
CA GLN F 271 12.97 -7.23 7.95
C GLN F 271 11.44 -7.27 8.02
N ASN F 272 10.86 -6.85 9.14
CA ASN F 272 9.42 -6.95 9.38
C ASN F 272 8.94 -8.38 9.26
N ARG F 273 9.81 -9.33 9.58
CA ARG F 273 9.53 -10.75 9.45
C ARG F 273 9.09 -11.06 8.01
#